data_1WY8
#
_entry.id   1WY8
#
_entity_poly.entity_id   1
_entity_poly.type   'polypeptide(L)'
_entity_poly.pdbx_seq_one_letter_code
;GSSGSSGMWIQVRTIDGSKTCTIEDVSRKATIEELRERVWALFDVRPECQRLFYRGKQLENGYTLFDYDVGLNDIIQLLV
RPDSGPSSG
;
_entity_poly.pdbx_strand_id   A
#
# COMPACT_ATOMS: atom_id res chain seq x y z
N GLY A 1 -8.81 14.94 16.99
CA GLY A 1 -9.08 14.10 15.85
C GLY A 1 -8.13 12.92 15.75
N SER A 2 -7.31 12.90 14.71
CA SER A 2 -6.35 11.82 14.51
C SER A 2 -5.15 11.98 15.44
N SER A 3 -5.14 11.20 16.52
CA SER A 3 -4.05 11.25 17.49
C SER A 3 -3.00 10.18 17.19
N GLY A 4 -1.79 10.40 17.70
CA GLY A 4 -0.72 9.45 17.48
C GLY A 4 0.64 10.12 17.35
N SER A 5 1.26 10.40 18.49
CA SER A 5 2.56 11.05 18.50
C SER A 5 3.48 10.45 17.44
N SER A 6 3.70 9.14 17.55
CA SER A 6 4.56 8.42 16.61
C SER A 6 3.75 7.86 15.44
N GLY A 7 4.34 7.89 14.25
CA GLY A 7 3.67 7.38 13.08
C GLY A 7 4.04 5.94 12.77
N MET A 8 3.32 5.33 11.84
CA MET A 8 3.57 3.95 11.46
C MET A 8 4.13 3.87 10.04
N TRP A 9 4.97 2.87 9.79
CA TRP A 9 5.57 2.69 8.48
C TRP A 9 5.48 1.23 8.03
N ILE A 10 5.50 1.02 6.72
CA ILE A 10 5.41 -0.33 6.16
C ILE A 10 6.31 -0.47 4.94
N GLN A 11 6.59 -1.71 4.56
CA GLN A 11 7.44 -1.98 3.40
C GLN A 11 6.61 -2.54 2.24
N VAL A 12 6.47 -1.74 1.19
CA VAL A 12 5.71 -2.15 0.02
C VAL A 12 6.62 -2.75 -1.05
N ARG A 13 6.77 -4.07 -1.01
CA ARG A 13 7.62 -4.77 -1.98
C ARG A 13 6.77 -5.36 -3.11
N THR A 14 7.28 -5.26 -4.32
CA THR A 14 6.58 -5.79 -5.49
C THR A 14 6.61 -7.31 -5.52
N ILE A 15 5.44 -7.92 -5.69
CA ILE A 15 5.33 -9.37 -5.73
C ILE A 15 6.55 -9.99 -6.40
N ASP A 16 6.98 -9.40 -7.51
CA ASP A 16 8.13 -9.89 -8.24
C ASP A 16 9.40 -9.79 -7.39
N GLY A 17 9.60 -8.64 -6.76
CA GLY A 17 10.76 -8.44 -5.93
C GLY A 17 11.89 -7.73 -6.66
N SER A 18 11.67 -6.46 -6.98
CA SER A 18 12.66 -5.68 -7.69
C SER A 18 12.92 -4.35 -6.98
N LYS A 19 11.85 -3.74 -6.49
CA LYS A 19 11.95 -2.46 -5.78
C LYS A 19 11.08 -2.46 -4.53
N THR A 20 11.60 -1.87 -3.46
CA THR A 20 10.86 -1.81 -2.19
C THR A 20 10.89 -0.40 -1.62
N CYS A 21 9.74 0.06 -1.13
CA CYS A 21 9.65 1.40 -0.56
C CYS A 21 9.22 1.32 0.91
N THR A 22 9.26 2.46 1.60
CA THR A 22 8.89 2.53 3.00
C THR A 22 7.94 3.68 3.27
N ILE A 23 6.64 3.42 3.14
CA ILE A 23 5.63 4.44 3.37
C ILE A 23 5.54 4.81 4.84
N GLU A 24 5.59 6.11 5.13
CA GLU A 24 5.52 6.60 6.50
C GLU A 24 4.25 7.42 6.73
N ASP A 25 4.11 7.96 7.93
CA ASP A 25 2.94 8.76 8.28
C ASP A 25 1.66 7.93 8.19
N VAL A 26 1.68 6.76 8.82
CA VAL A 26 0.53 5.88 8.82
C VAL A 26 -0.10 5.77 10.21
N SER A 27 -1.42 5.69 10.25
CA SER A 27 -2.14 5.59 11.51
C SER A 27 -2.79 4.23 11.66
N ARG A 28 -3.02 3.82 12.91
CA ARG A 28 -3.64 2.53 13.19
C ARG A 28 -5.07 2.49 12.67
N LYS A 29 -5.73 3.64 12.66
CA LYS A 29 -7.10 3.73 12.18
C LYS A 29 -7.15 4.39 10.80
N ALA A 30 -6.04 4.32 10.08
CA ALA A 30 -5.96 4.89 8.74
C ALA A 30 -6.58 3.97 7.70
N THR A 31 -7.50 4.51 6.90
CA THR A 31 -8.17 3.73 5.87
C THR A 31 -7.18 3.28 4.80
N ILE A 32 -7.52 2.18 4.13
CA ILE A 32 -6.66 1.64 3.08
C ILE A 32 -6.63 2.58 1.87
N GLU A 33 -7.77 3.18 1.57
CA GLU A 33 -7.88 4.10 0.43
C GLU A 33 -6.78 5.14 0.48
N GLU A 34 -6.45 5.59 1.68
CA GLU A 34 -5.40 6.60 1.87
C GLU A 34 -4.02 6.00 1.61
N LEU A 35 -3.87 4.73 1.92
CA LEU A 35 -2.60 4.04 1.72
C LEU A 35 -2.23 3.99 0.24
N ARG A 36 -3.13 3.42 -0.56
CA ARG A 36 -2.90 3.31 -2.00
C ARG A 36 -2.32 4.60 -2.56
N GLU A 37 -2.95 5.73 -2.23
CA GLU A 37 -2.49 7.03 -2.70
C GLU A 37 -0.97 7.11 -2.69
N ARG A 38 -0.37 6.69 -1.58
CA ARG A 38 1.08 6.73 -1.45
C ARG A 38 1.75 5.89 -2.53
N VAL A 39 1.46 4.59 -2.54
CA VAL A 39 2.03 3.68 -3.53
C VAL A 39 1.74 4.17 -4.94
N TRP A 40 0.70 4.96 -5.09
CA TRP A 40 0.33 5.50 -6.40
C TRP A 40 1.16 6.72 -6.74
N ALA A 41 1.72 7.36 -5.71
CA ALA A 41 2.54 8.55 -5.91
C ALA A 41 4.02 8.18 -6.04
N LEU A 42 4.39 7.05 -5.44
CA LEU A 42 5.78 6.59 -5.49
C LEU A 42 6.01 5.72 -6.72
N PHE A 43 5.20 4.68 -6.87
CA PHE A 43 5.32 3.77 -8.01
C PHE A 43 4.58 4.32 -9.23
N ASP A 44 3.93 5.46 -9.05
CA ASP A 44 3.18 6.10 -10.13
C ASP A 44 2.20 5.11 -10.76
N VAL A 45 1.50 4.35 -9.92
CA VAL A 45 0.53 3.37 -10.39
C VAL A 45 -0.83 3.59 -9.75
N ARG A 46 -1.86 3.72 -10.59
CA ARG A 46 -3.22 3.94 -10.10
C ARG A 46 -3.52 3.04 -8.90
N PRO A 47 -4.46 3.48 -8.06
CA PRO A 47 -4.86 2.73 -6.87
C PRO A 47 -5.62 1.45 -7.21
N GLU A 48 -6.08 1.35 -8.45
CA GLU A 48 -6.81 0.18 -8.90
C GLU A 48 -5.90 -0.78 -9.65
N CYS A 49 -4.86 -0.24 -10.27
CA CYS A 49 -3.90 -1.06 -11.02
C CYS A 49 -2.98 -1.81 -10.08
N GLN A 50 -2.56 -1.14 -9.01
CA GLN A 50 -1.66 -1.75 -8.02
C GLN A 50 -2.44 -2.58 -7.02
N ARG A 51 -2.03 -3.83 -6.85
CA ARG A 51 -2.70 -4.74 -5.91
C ARG A 51 -1.84 -4.96 -4.67
N LEU A 52 -2.50 -5.04 -3.52
CA LEU A 52 -1.80 -5.25 -2.25
C LEU A 52 -2.22 -6.56 -1.61
N PHE A 53 -1.24 -7.40 -1.29
CA PHE A 53 -1.52 -8.70 -0.67
C PHE A 53 -0.75 -8.83 0.64
N TYR A 54 -1.43 -9.37 1.66
CA TYR A 54 -0.81 -9.56 2.97
C TYR A 54 -1.17 -10.93 3.54
N ARG A 55 -0.16 -11.65 4.00
CA ARG A 55 -0.36 -12.98 4.58
C ARG A 55 -1.29 -13.81 3.71
N GLY A 56 -1.11 -13.71 2.39
CA GLY A 56 -1.93 -14.46 1.46
C GLY A 56 -3.39 -14.04 1.53
N LYS A 57 -3.63 -12.78 1.84
CA LYS A 57 -5.00 -12.26 1.92
C LYS A 57 -5.14 -10.97 1.12
N GLN A 58 -5.80 -11.07 -0.03
CA GLN A 58 -6.00 -9.91 -0.89
C GLN A 58 -6.54 -8.72 -0.10
N LEU A 59 -5.63 -7.84 0.32
CA LEU A 59 -6.02 -6.66 1.09
C LEU A 59 -7.14 -5.89 0.40
N GLU A 60 -8.20 -5.62 1.14
CA GLU A 60 -9.34 -4.89 0.61
C GLU A 60 -9.24 -3.40 0.93
N ASN A 61 -10.12 -2.61 0.33
CA ASN A 61 -10.13 -1.17 0.55
C ASN A 61 -11.41 -0.74 1.27
N GLY A 62 -11.40 0.48 1.82
CA GLY A 62 -12.56 0.98 2.52
C GLY A 62 -12.44 0.83 4.02
N TYR A 63 -11.74 -0.21 4.46
CA TYR A 63 -11.55 -0.47 5.88
C TYR A 63 -10.27 0.18 6.38
N THR A 64 -10.08 0.14 7.70
CA THR A 64 -8.89 0.71 8.31
C THR A 64 -7.98 -0.37 8.87
N LEU A 65 -6.66 -0.13 8.81
CA LEU A 65 -5.69 -1.09 9.30
C LEU A 65 -6.23 -1.84 10.52
N PHE A 66 -6.79 -1.10 11.46
CA PHE A 66 -7.35 -1.69 12.68
C PHE A 66 -8.22 -2.89 12.34
N ASP A 67 -9.11 -2.71 11.37
CA ASP A 67 -10.02 -3.78 10.96
C ASP A 67 -9.25 -5.05 10.65
N TYR A 68 -8.21 -4.93 9.83
CA TYR A 68 -7.39 -6.08 9.45
C TYR A 68 -6.35 -6.38 10.51
N ASP A 69 -6.16 -5.43 11.43
CA ASP A 69 -5.19 -5.59 12.51
C ASP A 69 -3.78 -5.72 11.95
N VAL A 70 -3.37 -4.76 11.14
CA VAL A 70 -2.04 -4.77 10.54
C VAL A 70 -0.98 -4.38 11.55
N GLY A 71 0.18 -5.00 11.45
CA GLY A 71 1.27 -4.71 12.37
C GLY A 71 2.22 -3.65 11.83
N LEU A 72 3.15 -3.21 12.67
CA LEU A 72 4.12 -2.19 12.28
C LEU A 72 5.26 -2.82 11.47
N ASN A 73 5.55 -2.21 10.33
CA ASN A 73 6.62 -2.70 9.46
C ASN A 73 6.24 -4.04 8.84
N ASP A 74 4.99 -4.16 8.43
CA ASP A 74 4.50 -5.39 7.81
C ASP A 74 4.71 -5.37 6.31
N ILE A 75 5.36 -6.39 5.78
CA ILE A 75 5.63 -6.48 4.35
C ILE A 75 4.37 -6.90 3.59
N ILE A 76 4.05 -6.14 2.55
CA ILE A 76 2.88 -6.43 1.73
C ILE A 76 3.24 -6.49 0.26
N GLN A 77 3.08 -7.67 -0.34
CA GLN A 77 3.39 -7.87 -1.75
C GLN A 77 2.54 -6.94 -2.62
N LEU A 78 3.19 -6.29 -3.59
CA LEU A 78 2.50 -5.37 -4.49
C LEU A 78 2.46 -5.93 -5.91
N LEU A 79 1.26 -6.16 -6.42
CA LEU A 79 1.08 -6.70 -7.77
C LEU A 79 0.34 -5.70 -8.65
N VAL A 80 1.07 -5.08 -9.58
CA VAL A 80 0.48 -4.11 -10.49
C VAL A 80 0.03 -4.77 -11.78
N ARG A 81 -0.94 -4.15 -12.45
CA ARG A 81 -1.47 -4.69 -13.70
C ARG A 81 -1.00 -3.84 -14.89
N PRO A 82 -0.78 -4.51 -16.02
CA PRO A 82 -0.32 -3.85 -17.25
C PRO A 82 -1.40 -2.97 -17.87
N ASP A 83 -1.08 -2.34 -19.00
CA ASP A 83 -2.04 -1.47 -19.68
C ASP A 83 -3.45 -2.07 -19.64
N SER A 84 -3.57 -3.30 -20.12
CA SER A 84 -4.86 -3.98 -20.15
C SER A 84 -5.83 -3.27 -21.09
N GLY A 85 -5.31 -2.78 -22.22
CA GLY A 85 -6.14 -2.08 -23.18
C GLY A 85 -6.15 -0.59 -22.97
N PRO A 86 -6.39 0.17 -24.04
CA PRO A 86 -6.43 1.64 -23.99
C PRO A 86 -7.66 2.16 -23.23
N SER A 87 -8.47 1.23 -22.72
CA SER A 87 -9.67 1.59 -21.98
C SER A 87 -9.42 2.84 -21.13
N SER A 88 -10.13 3.92 -21.45
CA SER A 88 -9.99 5.17 -20.73
C SER A 88 -11.24 6.03 -20.88
N GLY A 89 -11.78 6.50 -19.76
CA GLY A 89 -12.96 7.33 -19.79
C GLY A 89 -12.87 8.43 -20.82
N GLY A 1 2.05 16.93 14.64
CA GLY A 1 3.03 17.63 13.85
C GLY A 1 4.45 17.10 14.09
N SER A 2 4.59 15.79 14.09
CA SER A 2 5.88 15.16 14.31
C SER A 2 6.61 15.81 15.48
N SER A 3 5.87 16.08 16.54
CA SER A 3 6.44 16.71 17.73
C SER A 3 7.70 15.97 18.19
N GLY A 4 7.61 14.64 18.21
CA GLY A 4 8.75 13.85 18.64
C GLY A 4 8.83 12.52 17.90
N SER A 5 8.07 11.54 18.36
CA SER A 5 8.07 10.22 17.75
C SER A 5 6.64 9.69 17.62
N SER A 6 6.14 9.66 16.39
CA SER A 6 4.78 9.17 16.13
C SER A 6 4.59 8.85 14.65
N GLY A 7 3.75 7.86 14.38
CA GLY A 7 3.49 7.47 13.00
C GLY A 7 3.89 6.03 12.72
N MET A 8 3.19 5.40 11.79
CA MET A 8 3.46 4.01 11.43
C MET A 8 4.01 3.91 10.02
N TRP A 9 4.87 2.92 9.79
CA TRP A 9 5.47 2.71 8.47
C TRP A 9 5.40 1.25 8.06
N ILE A 10 5.40 1.01 6.76
CA ILE A 10 5.34 -0.36 6.24
C ILE A 10 6.25 -0.52 5.02
N GLN A 11 6.55 -1.76 4.68
CA GLN A 11 7.40 -2.06 3.54
C GLN A 11 6.58 -2.52 2.35
N VAL A 12 6.58 -1.72 1.29
CA VAL A 12 5.83 -2.06 0.08
C VAL A 12 6.73 -2.71 -0.95
N ARG A 13 6.83 -4.04 -0.89
CA ARG A 13 7.66 -4.80 -1.82
C ARG A 13 6.82 -5.39 -2.94
N THR A 14 7.35 -5.37 -4.16
CA THR A 14 6.64 -5.91 -5.31
C THR A 14 6.60 -7.44 -5.27
N ILE A 15 5.41 -7.99 -5.45
CA ILE A 15 5.24 -9.45 -5.43
C ILE A 15 6.45 -10.15 -6.05
N ASP A 16 7.07 -9.50 -7.02
CA ASP A 16 8.24 -10.06 -7.69
C ASP A 16 9.49 -9.89 -6.82
N GLY A 17 9.85 -8.64 -6.54
CA GLY A 17 11.01 -8.36 -5.73
C GLY A 17 12.06 -7.57 -6.48
N SER A 18 11.63 -6.49 -7.14
CA SER A 18 12.54 -5.64 -7.90
C SER A 18 12.76 -4.32 -7.19
N LYS A 19 11.69 -3.75 -6.65
CA LYS A 19 11.77 -2.48 -5.94
C LYS A 19 10.98 -2.53 -4.64
N THR A 20 11.56 -1.97 -3.58
CA THR A 20 10.91 -1.95 -2.27
C THR A 20 10.95 -0.56 -1.65
N CYS A 21 9.79 -0.06 -1.26
CA CYS A 21 9.70 1.26 -0.65
C CYS A 21 9.15 1.17 0.77
N THR A 22 9.22 2.28 1.50
CA THR A 22 8.74 2.32 2.88
C THR A 22 7.80 3.50 3.09
N ILE A 23 6.49 3.22 3.09
CA ILE A 23 5.49 4.26 3.29
C ILE A 23 5.37 4.65 4.75
N GLU A 24 5.53 5.93 5.04
CA GLU A 24 5.45 6.43 6.41
C GLU A 24 4.19 7.27 6.60
N ASP A 25 4.05 7.85 7.79
CA ASP A 25 2.89 8.68 8.11
C ASP A 25 1.60 7.87 8.07
N VAL A 26 1.63 6.71 8.71
CA VAL A 26 0.45 5.83 8.75
C VAL A 26 -0.15 5.79 10.16
N SER A 27 -1.48 5.72 10.21
CA SER A 27 -2.18 5.67 11.48
C SER A 27 -2.85 4.32 11.68
N ARG A 28 -2.92 3.87 12.93
CA ARG A 28 -3.54 2.59 13.25
C ARG A 28 -4.96 2.53 12.72
N LYS A 29 -5.64 3.68 12.68
CA LYS A 29 -7.01 3.76 12.20
C LYS A 29 -7.06 4.42 10.82
N ALA A 30 -5.95 4.33 10.09
CA ALA A 30 -5.87 4.92 8.75
C ALA A 30 -6.52 4.00 7.72
N THR A 31 -7.43 4.56 6.93
CA THR A 31 -8.13 3.80 5.90
C THR A 31 -7.16 3.30 4.84
N ILE A 32 -7.54 2.23 4.15
CA ILE A 32 -6.70 1.65 3.11
C ILE A 32 -6.61 2.57 1.90
N GLU A 33 -7.72 3.24 1.59
CA GLU A 33 -7.76 4.16 0.46
C GLU A 33 -6.59 5.15 0.52
N GLU A 34 -6.26 5.58 1.72
CA GLU A 34 -5.17 6.53 1.92
C GLU A 34 -3.82 5.89 1.57
N LEU A 35 -3.68 4.62 1.92
CA LEU A 35 -2.44 3.89 1.63
C LEU A 35 -2.13 3.89 0.14
N ARG A 36 -3.09 3.43 -0.66
CA ARG A 36 -2.93 3.37 -2.10
C ARG A 36 -2.36 4.69 -2.63
N GLU A 37 -3.01 5.80 -2.28
CA GLU A 37 -2.56 7.11 -2.73
C GLU A 37 -1.04 7.21 -2.70
N ARG A 38 -0.43 6.83 -1.58
CA ARG A 38 1.01 6.87 -1.44
C ARG A 38 1.69 6.02 -2.51
N VAL A 39 1.42 4.72 -2.49
CA VAL A 39 2.00 3.80 -3.46
C VAL A 39 1.73 4.26 -4.88
N TRP A 40 0.67 5.04 -5.06
CA TRP A 40 0.30 5.56 -6.38
C TRP A 40 1.19 6.73 -6.77
N ALA A 41 1.76 7.39 -5.78
CA ALA A 41 2.63 8.53 -6.02
C ALA A 41 4.10 8.10 -6.09
N LEU A 42 4.41 6.96 -5.50
CA LEU A 42 5.77 6.43 -5.49
C LEU A 42 5.98 5.49 -6.66
N PHE A 43 5.16 4.44 -6.74
CA PHE A 43 5.26 3.46 -7.82
C PHE A 43 4.60 3.97 -9.09
N ASP A 44 3.94 5.12 -8.98
CA ASP A 44 3.26 5.73 -10.12
C ASP A 44 2.26 4.75 -10.74
N VAL A 45 1.41 4.18 -9.90
CA VAL A 45 0.40 3.22 -10.35
C VAL A 45 -0.94 3.47 -9.67
N ARG A 46 -1.96 3.74 -10.48
CA ARG A 46 -3.30 3.99 -9.95
C ARG A 46 -3.63 3.05 -8.80
N PRO A 47 -4.53 3.48 -7.91
CA PRO A 47 -4.95 2.69 -6.75
C PRO A 47 -5.77 1.47 -7.15
N GLU A 48 -6.29 1.48 -8.38
CA GLU A 48 -7.10 0.37 -8.87
C GLU A 48 -6.23 -0.64 -9.62
N CYS A 49 -5.10 -0.16 -10.14
CA CYS A 49 -4.19 -1.03 -10.88
C CYS A 49 -3.27 -1.79 -9.93
N GLN A 50 -2.79 -1.10 -8.90
CA GLN A 50 -1.90 -1.71 -7.92
C GLN A 50 -2.67 -2.66 -7.00
N ARG A 51 -2.10 -3.84 -6.77
CA ARG A 51 -2.74 -4.84 -5.91
C ARG A 51 -1.89 -5.11 -4.67
N LEU A 52 -2.53 -5.09 -3.51
CA LEU A 52 -1.84 -5.33 -2.25
C LEU A 52 -2.23 -6.69 -1.66
N PHE A 53 -1.22 -7.49 -1.32
CA PHE A 53 -1.45 -8.80 -0.75
C PHE A 53 -0.69 -8.97 0.56
N TYR A 54 -1.42 -9.34 1.61
CA TYR A 54 -0.80 -9.53 2.93
C TYR A 54 -1.21 -10.87 3.52
N ARG A 55 -0.22 -11.64 3.98
CA ARG A 55 -0.48 -12.94 4.58
C ARG A 55 -1.44 -13.76 3.71
N GLY A 56 -1.19 -13.75 2.40
CA GLY A 56 -2.03 -14.49 1.48
C GLY A 56 -3.48 -14.04 1.53
N LYS A 57 -3.69 -12.76 1.85
CA LYS A 57 -5.03 -12.20 1.93
C LYS A 57 -5.13 -10.91 1.13
N GLN A 58 -5.77 -10.99 -0.03
CA GLN A 58 -5.94 -9.83 -0.90
C GLN A 58 -6.49 -8.65 -0.12
N LEU A 59 -5.61 -7.77 0.33
CA LEU A 59 -6.00 -6.59 1.10
C LEU A 59 -7.09 -5.81 0.36
N GLU A 60 -8.19 -5.53 1.05
CA GLU A 60 -9.29 -4.79 0.46
C GLU A 60 -9.20 -3.31 0.81
N ASN A 61 -10.15 -2.53 0.30
CA ASN A 61 -10.17 -1.09 0.56
C ASN A 61 -11.46 -0.69 1.28
N GLY A 62 -11.44 0.50 1.89
CA GLY A 62 -12.60 0.97 2.61
C GLY A 62 -12.48 0.81 4.11
N TYR A 63 -11.74 -0.22 4.53
CA TYR A 63 -11.55 -0.50 5.94
C TYR A 63 -10.26 0.15 6.44
N THR A 64 -9.98 -0.01 7.74
CA THR A 64 -8.79 0.56 8.34
C THR A 64 -7.88 -0.53 8.89
N LEU A 65 -6.58 -0.26 8.90
CA LEU A 65 -5.60 -1.22 9.39
C LEU A 65 -6.11 -1.91 10.65
N PHE A 66 -6.80 -1.16 11.50
CA PHE A 66 -7.33 -1.70 12.74
C PHE A 66 -8.25 -2.89 12.47
N ASP A 67 -9.08 -2.76 11.45
CA ASP A 67 -10.01 -3.82 11.07
C ASP A 67 -9.26 -5.11 10.73
N TYR A 68 -8.16 -4.97 9.99
CA TYR A 68 -7.35 -6.10 9.61
C TYR A 68 -6.31 -6.44 10.67
N ASP A 69 -6.09 -5.49 11.58
CA ASP A 69 -5.12 -5.68 12.65
C ASP A 69 -3.72 -5.85 12.09
N VAL A 70 -3.31 -4.91 11.24
CA VAL A 70 -1.99 -4.95 10.63
C VAL A 70 -0.90 -4.56 11.64
N GLY A 71 0.30 -5.10 11.45
CA GLY A 71 1.40 -4.79 12.35
C GLY A 71 2.32 -3.73 11.80
N LEU A 72 3.10 -3.12 12.68
CA LEU A 72 4.04 -2.07 12.26
C LEU A 72 5.20 -2.66 11.47
N ASN A 73 5.47 -2.09 10.30
CA ASN A 73 6.56 -2.55 9.45
C ASN A 73 6.23 -3.91 8.84
N ASP A 74 4.99 -4.05 8.36
CA ASP A 74 4.55 -5.29 7.75
C ASP A 74 4.77 -5.26 6.24
N ILE A 75 5.39 -6.32 5.72
CA ILE A 75 5.66 -6.42 4.29
C ILE A 75 4.39 -6.75 3.51
N ILE A 76 4.07 -5.90 2.53
CA ILE A 76 2.88 -6.11 1.71
C ILE A 76 3.26 -6.24 0.23
N GLN A 77 3.05 -7.42 -0.32
CA GLN A 77 3.35 -7.68 -1.72
C GLN A 77 2.50 -6.80 -2.64
N LEU A 78 3.15 -6.10 -3.55
CA LEU A 78 2.45 -5.23 -4.49
C LEU A 78 2.48 -5.80 -5.90
N LEU A 79 1.32 -5.82 -6.55
CA LEU A 79 1.22 -6.34 -7.91
C LEU A 79 0.39 -5.40 -8.79
N VAL A 80 1.07 -4.70 -9.69
CA VAL A 80 0.40 -3.78 -10.60
C VAL A 80 -0.36 -4.52 -11.69
N ARG A 81 -1.36 -3.86 -12.27
CA ARG A 81 -2.16 -4.47 -13.33
C ARG A 81 -1.82 -3.86 -14.68
N PRO A 82 -1.83 -4.69 -15.73
CA PRO A 82 -1.53 -4.26 -17.09
C PRO A 82 -2.62 -3.37 -17.67
N ASP A 83 -2.21 -2.27 -18.30
CA ASP A 83 -3.16 -1.34 -18.90
C ASP A 83 -4.13 -2.07 -19.83
N SER A 84 -5.42 -2.01 -19.51
CA SER A 84 -6.44 -2.67 -20.30
C SER A 84 -7.83 -2.26 -19.84
N GLY A 85 -8.73 -2.01 -20.80
CA GLY A 85 -10.08 -1.63 -20.47
C GLY A 85 -10.19 -0.15 -20.12
N PRO A 86 -10.06 0.71 -21.14
CA PRO A 86 -10.13 2.16 -20.96
C PRO A 86 -11.55 2.63 -20.63
N SER A 87 -11.68 3.92 -20.34
CA SER A 87 -12.98 4.50 -19.99
C SER A 87 -13.08 5.94 -20.47
N SER A 88 -14.30 6.36 -20.81
CA SER A 88 -14.53 7.72 -21.29
C SER A 88 -13.64 8.71 -20.55
N GLY A 89 -12.78 9.40 -21.30
CA GLY A 89 -11.89 10.37 -20.71
C GLY A 89 -10.64 9.74 -20.14
N GLY A 1 10.31 13.82 9.44
CA GLY A 1 9.62 15.07 9.70
C GLY A 1 8.62 14.96 10.85
N SER A 2 9.04 14.33 11.93
CA SER A 2 8.18 14.16 13.10
C SER A 2 8.81 14.79 14.33
N SER A 3 8.06 15.71 14.95
CA SER A 3 8.54 16.40 16.14
C SER A 3 8.19 15.61 17.41
N GLY A 4 6.90 15.34 17.59
CA GLY A 4 6.47 14.60 18.76
C GLY A 4 5.23 13.77 18.48
N SER A 5 5.24 13.05 17.36
CA SER A 5 4.12 12.21 16.98
C SER A 5 4.54 10.75 16.85
N SER A 6 3.57 9.88 16.63
CA SER A 6 3.84 8.45 16.49
C SER A 6 3.23 7.90 15.21
N GLY A 7 4.01 7.88 14.14
CA GLY A 7 3.53 7.37 12.87
C GLY A 7 3.99 5.96 12.59
N MET A 8 3.24 5.25 11.74
CA MET A 8 3.58 3.87 11.40
C MET A 8 4.14 3.80 9.99
N TRP A 9 5.04 2.83 9.77
CA TRP A 9 5.66 2.66 8.46
C TRP A 9 5.56 1.21 8.01
N ILE A 10 5.57 1.01 6.69
CA ILE A 10 5.48 -0.34 6.13
C ILE A 10 6.39 -0.49 4.92
N GLN A 11 6.75 -1.73 4.61
CA GLN A 11 7.62 -2.02 3.48
C GLN A 11 6.80 -2.46 2.26
N VAL A 12 6.77 -1.63 1.24
CA VAL A 12 6.02 -1.93 0.02
C VAL A 12 6.93 -2.59 -1.01
N ARG A 13 6.93 -3.93 -1.02
CA ARG A 13 7.76 -4.68 -1.96
C ARG A 13 6.89 -5.29 -3.07
N THR A 14 7.42 -5.30 -4.28
CA THR A 14 6.71 -5.85 -5.43
C THR A 14 6.69 -7.38 -5.39
N ILE A 15 5.53 -7.96 -5.69
CA ILE A 15 5.38 -9.40 -5.69
C ILE A 15 6.60 -10.08 -6.32
N ASP A 16 7.25 -9.38 -7.24
CA ASP A 16 8.43 -9.92 -7.90
C ASP A 16 9.68 -9.67 -7.06
N GLY A 17 9.92 -8.41 -6.72
CA GLY A 17 11.09 -8.07 -5.93
C GLY A 17 12.05 -7.16 -6.67
N SER A 18 11.50 -6.21 -7.43
CA SER A 18 12.32 -5.28 -8.19
C SER A 18 12.28 -3.88 -7.57
N LYS A 19 11.08 -3.44 -7.19
CA LYS A 19 10.90 -2.13 -6.58
C LYS A 19 10.44 -2.26 -5.13
N THR A 20 11.13 -1.56 -4.24
CA THR A 20 10.79 -1.59 -2.82
C THR A 20 10.85 -0.20 -2.20
N CYS A 21 9.81 0.17 -1.46
CA CYS A 21 9.75 1.47 -0.83
C CYS A 21 9.20 1.35 0.60
N THR A 22 9.35 2.42 1.37
CA THR A 22 8.86 2.44 2.75
C THR A 22 7.88 3.59 2.97
N ILE A 23 6.60 3.25 3.06
CA ILE A 23 5.56 4.24 3.28
C ILE A 23 5.44 4.61 4.76
N GLU A 24 5.53 5.89 5.06
CA GLU A 24 5.44 6.37 6.43
C GLU A 24 4.15 7.17 6.64
N ASP A 25 4.00 7.73 7.84
CA ASP A 25 2.81 8.51 8.17
C ASP A 25 1.55 7.66 8.10
N VAL A 26 1.59 6.50 8.74
CA VAL A 26 0.46 5.59 8.75
C VAL A 26 -0.16 5.50 10.14
N SER A 27 -1.49 5.36 10.19
CA SER A 27 -2.20 5.26 11.46
C SER A 27 -2.89 3.91 11.59
N ARG A 28 -3.06 3.45 12.83
CA ARG A 28 -3.70 2.17 13.09
C ARG A 28 -5.14 2.17 12.57
N LYS A 29 -5.76 3.35 12.55
CA LYS A 29 -7.13 3.49 12.08
C LYS A 29 -7.18 4.22 10.75
N ALA A 30 -6.10 4.10 9.97
CA ALA A 30 -6.02 4.73 8.67
C ALA A 30 -6.67 3.87 7.59
N THR A 31 -7.58 4.47 6.83
CA THR A 31 -8.27 3.76 5.76
C THR A 31 -7.29 3.27 4.70
N ILE A 32 -7.66 2.19 4.01
CA ILE A 32 -6.82 1.63 2.97
C ILE A 32 -6.72 2.57 1.77
N GLU A 33 -7.83 3.26 1.48
CA GLU A 33 -7.87 4.19 0.36
C GLU A 33 -6.73 5.21 0.45
N GLU A 34 -6.39 5.60 1.67
CA GLU A 34 -5.33 6.57 1.90
C GLU A 34 -3.96 5.94 1.65
N LEU A 35 -3.87 4.63 1.86
CA LEU A 35 -2.62 3.91 1.66
C LEU A 35 -2.24 3.87 0.18
N ARG A 36 -3.14 3.36 -0.65
CA ARG A 36 -2.91 3.27 -2.08
C ARG A 36 -2.36 4.59 -2.62
N GLU A 37 -2.94 5.69 -2.16
CA GLU A 37 -2.51 7.02 -2.60
C GLU A 37 -0.99 7.14 -2.56
N ARG A 38 -0.40 6.67 -1.46
CA ARG A 38 1.04 6.74 -1.28
C ARG A 38 1.76 5.92 -2.35
N VAL A 39 1.42 4.63 -2.42
CA VAL A 39 2.04 3.74 -3.39
C VAL A 39 1.76 4.21 -4.82
N TRP A 40 0.68 4.96 -4.98
CA TRP A 40 0.30 5.46 -6.30
C TRP A 40 1.17 6.65 -6.70
N ALA A 41 1.66 7.38 -5.69
CA ALA A 41 2.51 8.53 -5.93
C ALA A 41 3.99 8.12 -6.02
N LEU A 42 4.32 7.03 -5.35
CA LEU A 42 5.70 6.54 -5.35
C LEU A 42 5.94 5.60 -6.52
N PHE A 43 5.10 4.59 -6.65
CA PHE A 43 5.21 3.61 -7.74
C PHE A 43 4.51 4.12 -8.99
N ASP A 44 3.96 5.32 -8.92
CA ASP A 44 3.25 5.91 -10.05
C ASP A 44 2.28 4.91 -10.66
N VAL A 45 1.48 4.27 -9.82
CA VAL A 45 0.51 3.30 -10.28
C VAL A 45 -0.86 3.51 -9.63
N ARG A 46 -1.87 3.78 -10.46
CA ARG A 46 -3.22 4.01 -9.95
C ARG A 46 -3.54 3.06 -8.80
N PRO A 47 -4.50 3.46 -7.95
CA PRO A 47 -4.93 2.65 -6.81
C PRO A 47 -5.70 1.41 -7.23
N GLU A 48 -6.16 1.40 -8.47
CA GLU A 48 -6.91 0.26 -8.98
C GLU A 48 -5.99 -0.74 -9.67
N CYS A 49 -4.93 -0.23 -10.29
CA CYS A 49 -3.96 -1.09 -10.97
C CYS A 49 -3.08 -1.82 -9.97
N GLN A 50 -2.64 -1.11 -8.94
CA GLN A 50 -1.79 -1.71 -7.92
C GLN A 50 -2.59 -2.64 -7.02
N ARG A 51 -2.02 -3.82 -6.75
CA ARG A 51 -2.69 -4.80 -5.90
C ARG A 51 -1.88 -5.05 -4.63
N LEU A 52 -2.56 -5.01 -3.49
CA LEU A 52 -1.91 -5.23 -2.21
C LEU A 52 -2.35 -6.56 -1.60
N PHE A 53 -1.37 -7.37 -1.20
CA PHE A 53 -1.66 -8.67 -0.60
C PHE A 53 -0.88 -8.85 0.70
N TYR A 54 -1.56 -9.37 1.72
CA TYR A 54 -0.94 -9.59 3.02
C TYR A 54 -1.36 -10.93 3.61
N ARG A 55 -0.38 -11.71 4.06
CA ARG A 55 -0.65 -13.01 4.64
C ARG A 55 -1.57 -13.83 3.75
N GLY A 56 -1.37 -13.71 2.44
CA GLY A 56 -2.19 -14.44 1.49
C GLY A 56 -3.65 -14.02 1.53
N LYS A 57 -3.89 -12.75 1.86
CA LYS A 57 -5.24 -12.22 1.93
C LYS A 57 -5.37 -10.93 1.13
N GLN A 58 -6.00 -11.02 -0.03
CA GLN A 58 -6.19 -9.86 -0.89
C GLN A 58 -6.77 -8.69 -0.10
N LEU A 59 -5.89 -7.80 0.35
CA LEU A 59 -6.31 -6.63 1.12
C LEU A 59 -7.38 -5.84 0.37
N GLU A 60 -8.48 -5.55 1.05
CA GLU A 60 -9.58 -4.80 0.45
C GLU A 60 -9.47 -3.32 0.79
N ASN A 61 -10.37 -2.52 0.23
CA ASN A 61 -10.38 -1.08 0.47
C ASN A 61 -11.66 -0.67 1.20
N GLY A 62 -11.65 0.55 1.75
CA GLY A 62 -12.80 1.05 2.46
C GLY A 62 -12.65 0.91 3.96
N TYR A 63 -11.98 -0.15 4.39
CA TYR A 63 -11.76 -0.39 5.82
C TYR A 63 -10.46 0.24 6.29
N THR A 64 -10.22 0.17 7.60
CA THR A 64 -9.01 0.72 8.19
C THR A 64 -8.08 -0.38 8.68
N LEU A 65 -6.78 -0.12 8.61
CA LEU A 65 -5.78 -1.10 9.05
C LEU A 65 -6.24 -1.80 10.32
N PHE A 66 -6.80 -1.03 11.25
CA PHE A 66 -7.27 -1.58 12.52
C PHE A 66 -8.17 -2.79 12.28
N ASP A 67 -9.05 -2.68 11.29
CA ASP A 67 -9.97 -3.77 10.97
C ASP A 67 -9.20 -5.07 10.70
N TYR A 68 -8.10 -4.96 9.97
CA TYR A 68 -7.28 -6.12 9.64
C TYR A 68 -6.24 -6.37 10.73
N ASP A 69 -6.07 -5.39 11.61
CA ASP A 69 -5.11 -5.52 12.71
C ASP A 69 -3.69 -5.65 12.18
N VAL A 70 -3.35 -4.82 11.20
CA VAL A 70 -2.01 -4.84 10.60
C VAL A 70 -0.96 -4.47 11.62
N GLY A 71 0.24 -5.06 11.48
CA GLY A 71 1.32 -4.76 12.40
C GLY A 71 2.25 -3.69 11.88
N LEU A 72 3.07 -3.13 12.76
CA LEU A 72 4.00 -2.09 12.38
C LEU A 72 5.19 -2.67 11.60
N ASN A 73 5.51 -2.04 10.47
CA ASN A 73 6.61 -2.49 9.63
C ASN A 73 6.29 -3.84 8.99
N ASP A 74 5.04 -4.01 8.58
CA ASP A 74 4.61 -5.25 7.95
C ASP A 74 4.80 -5.19 6.44
N ILE A 75 5.47 -6.19 5.89
CA ILE A 75 5.72 -6.26 4.46
C ILE A 75 4.47 -6.67 3.70
N ILE A 76 4.15 -5.92 2.64
CA ILE A 76 2.98 -6.20 1.83
C ILE A 76 3.34 -6.31 0.35
N GLN A 77 3.10 -7.47 -0.23
CA GLN A 77 3.41 -7.70 -1.64
C GLN A 77 2.54 -6.82 -2.53
N LEU A 78 3.18 -6.12 -3.46
CA LEU A 78 2.46 -5.23 -4.37
C LEU A 78 2.53 -5.76 -5.80
N LEU A 79 1.36 -6.03 -6.38
CA LEU A 79 1.27 -6.55 -7.74
C LEU A 79 0.46 -5.60 -8.63
N VAL A 80 1.15 -4.93 -9.54
CA VAL A 80 0.51 -4.00 -10.45
C VAL A 80 -0.34 -4.74 -11.49
N ARG A 81 -1.35 -4.06 -12.01
CA ARG A 81 -2.24 -4.64 -13.00
C ARG A 81 -1.91 -4.13 -14.41
N PRO A 82 -1.94 -5.04 -15.39
CA PRO A 82 -1.65 -4.70 -16.79
C PRO A 82 -2.73 -3.84 -17.41
N ASP A 83 -2.41 -2.57 -17.65
CA ASP A 83 -3.36 -1.64 -18.26
C ASP A 83 -3.46 -1.85 -19.76
N SER A 84 -4.69 -1.80 -20.28
CA SER A 84 -4.92 -2.00 -21.71
C SER A 84 -4.94 -0.67 -22.44
N GLY A 85 -4.02 0.22 -22.08
CA GLY A 85 -3.96 1.52 -22.71
C GLY A 85 -5.02 2.47 -22.20
N PRO A 86 -5.07 3.68 -22.79
CA PRO A 86 -6.05 4.71 -22.39
C PRO A 86 -7.47 4.33 -22.79
N SER A 87 -8.37 4.34 -21.81
CA SER A 87 -9.76 4.01 -22.06
C SER A 87 -10.52 5.22 -22.59
N SER A 88 -10.31 6.38 -21.99
CA SER A 88 -10.98 7.61 -22.40
C SER A 88 -10.86 7.80 -23.91
N GLY A 89 -9.64 7.68 -24.43
CA GLY A 89 -9.41 7.85 -25.84
C GLY A 89 -8.42 8.95 -26.15
N GLY A 1 10.58 15.38 5.47
CA GLY A 1 11.11 15.13 6.79
C GLY A 1 10.13 14.34 7.66
N SER A 2 10.21 14.54 8.97
CA SER A 2 9.33 13.84 9.90
C SER A 2 8.30 14.80 10.50
N SER A 3 7.03 14.45 10.35
CA SER A 3 5.95 15.28 10.87
C SER A 3 5.19 14.54 11.96
N GLY A 4 4.71 15.29 12.95
CA GLY A 4 3.97 14.69 14.04
C GLY A 4 4.88 14.07 15.09
N SER A 5 4.32 13.14 15.88
CA SER A 5 5.09 12.47 16.92
C SER A 5 5.06 10.96 16.71
N SER A 6 3.87 10.40 16.65
CA SER A 6 3.71 8.96 16.45
C SER A 6 3.23 8.64 15.04
N GLY A 7 3.95 7.78 14.36
CA GLY A 7 3.59 7.40 13.00
C GLY A 7 3.93 5.96 12.69
N MET A 8 3.21 5.37 11.73
CA MET A 8 3.44 4.00 11.33
C MET A 8 3.97 3.92 9.91
N TRP A 9 4.79 2.91 9.64
CA TRP A 9 5.36 2.72 8.31
C TRP A 9 5.35 1.26 7.91
N ILE A 10 5.34 1.00 6.60
CA ILE A 10 5.33 -0.36 6.09
C ILE A 10 6.20 -0.50 4.85
N GLN A 11 6.68 -1.72 4.59
CA GLN A 11 7.53 -1.97 3.44
C GLN A 11 6.72 -2.55 2.28
N VAL A 12 6.61 -1.78 1.19
CA VAL A 12 5.87 -2.22 0.03
C VAL A 12 6.80 -2.80 -1.03
N ARG A 13 6.84 -4.13 -1.12
CA ARG A 13 7.68 -4.80 -2.10
C ARG A 13 6.85 -5.40 -3.23
N THR A 14 7.39 -5.35 -4.44
CA THR A 14 6.70 -5.88 -5.61
C THR A 14 6.70 -7.40 -5.61
N ILE A 15 5.52 -8.00 -5.70
CA ILE A 15 5.38 -9.45 -5.71
C ILE A 15 6.55 -10.10 -6.45
N ASP A 16 7.04 -9.43 -7.49
CA ASP A 16 8.16 -9.94 -8.27
C ASP A 16 9.45 -9.91 -7.47
N GLY A 17 9.77 -8.74 -6.91
CA GLY A 17 10.98 -8.60 -6.12
C GLY A 17 12.06 -7.83 -6.85
N SER A 18 11.78 -6.57 -7.17
CA SER A 18 12.73 -5.73 -7.88
C SER A 18 12.95 -4.41 -7.14
N LYS A 19 11.86 -3.82 -6.67
CA LYS A 19 11.92 -2.56 -5.94
C LYS A 19 11.08 -2.62 -4.67
N THR A 20 11.56 -1.96 -3.62
CA THR A 20 10.87 -1.94 -2.35
C THR A 20 10.94 -0.56 -1.70
N CYS A 21 9.78 -0.04 -1.30
CA CYS A 21 9.71 1.27 -0.67
C CYS A 21 9.13 1.17 0.74
N THR A 22 9.20 2.26 1.50
CA THR A 22 8.69 2.29 2.85
C THR A 22 7.73 3.46 3.05
N ILE A 23 6.44 3.18 2.97
CA ILE A 23 5.42 4.22 3.15
C ILE A 23 5.28 4.61 4.62
N GLU A 24 5.40 5.91 4.88
CA GLU A 24 5.29 6.42 6.25
C GLU A 24 3.99 7.21 6.43
N ASP A 25 3.83 7.80 7.60
CA ASP A 25 2.64 8.58 7.91
C ASP A 25 1.39 7.70 7.87
N VAL A 26 1.43 6.61 8.62
CA VAL A 26 0.29 5.68 8.67
C VAL A 26 -0.31 5.64 10.07
N SER A 27 -1.63 5.49 10.13
CA SER A 27 -2.34 5.43 11.40
C SER A 27 -3.06 4.10 11.57
N ARG A 28 -3.16 3.64 12.81
CA ARG A 28 -3.82 2.38 13.11
C ARG A 28 -5.25 2.38 12.60
N LYS A 29 -5.86 3.56 12.57
CA LYS A 29 -7.24 3.69 12.10
C LYS A 29 -7.28 4.37 10.73
N ALA A 30 -6.20 4.22 9.97
CA ALA A 30 -6.11 4.81 8.64
C ALA A 30 -6.73 3.90 7.59
N THR A 31 -7.65 4.46 6.79
CA THR A 31 -8.32 3.71 5.75
C THR A 31 -7.33 3.21 4.70
N ILE A 32 -7.67 2.12 4.03
CA ILE A 32 -6.82 1.56 3.00
C ILE A 32 -6.75 2.46 1.78
N GLU A 33 -7.86 3.13 1.48
CA GLU A 33 -7.93 4.03 0.34
C GLU A 33 -6.83 5.09 0.42
N GLU A 34 -6.54 5.54 1.64
CA GLU A 34 -5.51 6.56 1.85
C GLU A 34 -4.12 5.96 1.69
N LEU A 35 -4.01 4.66 1.89
CA LEU A 35 -2.73 3.97 1.76
C LEU A 35 -2.29 3.90 0.31
N ARG A 36 -3.17 3.42 -0.55
CA ARG A 36 -2.87 3.30 -1.97
C ARG A 36 -2.30 4.61 -2.52
N GLU A 37 -2.98 5.72 -2.20
CA GLU A 37 -2.53 7.03 -2.66
C GLU A 37 -1.02 7.17 -2.54
N ARG A 38 -0.48 6.74 -1.40
CA ARG A 38 0.96 6.82 -1.16
C ARG A 38 1.73 5.99 -2.19
N VAL A 39 1.38 4.71 -2.29
CA VAL A 39 2.04 3.82 -3.23
C VAL A 39 1.85 4.30 -4.67
N TRP A 40 0.82 5.10 -4.89
CA TRP A 40 0.53 5.62 -6.21
C TRP A 40 1.43 6.82 -6.54
N ALA A 41 1.87 7.51 -5.50
CA ALA A 41 2.73 8.67 -5.67
C ALA A 41 4.21 8.25 -5.75
N LEU A 42 4.55 7.17 -5.06
CA LEU A 42 5.91 6.66 -5.05
C LEU A 42 6.16 5.76 -6.25
N PHE A 43 5.33 4.73 -6.39
CA PHE A 43 5.47 3.79 -7.49
C PHE A 43 4.78 4.32 -8.75
N ASP A 44 4.31 5.55 -8.69
CA ASP A 44 3.63 6.18 -9.81
C ASP A 44 2.67 5.19 -10.49
N VAL A 45 1.90 4.48 -9.66
CA VAL A 45 0.95 3.50 -10.18
C VAL A 45 -0.44 3.72 -9.57
N ARG A 46 -1.44 3.83 -10.44
CA ARG A 46 -2.81 4.04 -10.00
C ARG A 46 -3.16 3.12 -8.83
N PRO A 47 -4.12 3.55 -8.00
CA PRO A 47 -4.56 2.77 -6.83
C PRO A 47 -5.33 1.52 -7.23
N GLU A 48 -5.73 1.45 -8.49
CA GLU A 48 -6.47 0.29 -8.99
C GLU A 48 -5.54 -0.69 -9.70
N CYS A 49 -4.45 -0.16 -10.26
CA CYS A 49 -3.48 -0.99 -10.97
C CYS A 49 -2.58 -1.73 -9.99
N GLN A 50 -2.24 -1.07 -8.88
CA GLN A 50 -1.39 -1.68 -7.87
C GLN A 50 -2.21 -2.48 -6.88
N ARG A 51 -1.85 -3.76 -6.71
CA ARG A 51 -2.56 -4.64 -5.79
C ARG A 51 -1.72 -4.93 -4.56
N LEU A 52 -2.37 -4.97 -3.39
CA LEU A 52 -1.68 -5.25 -2.15
C LEU A 52 -2.20 -6.53 -1.50
N PHE A 53 -1.29 -7.41 -1.11
CA PHE A 53 -1.66 -8.67 -0.48
C PHE A 53 -0.93 -8.84 0.86
N TYR A 54 -1.64 -9.36 1.85
CA TYR A 54 -1.06 -9.58 3.17
C TYR A 54 -1.60 -10.87 3.79
N ARG A 55 -0.71 -11.62 4.43
CA ARG A 55 -1.09 -12.87 5.07
C ARG A 55 -1.87 -13.76 4.10
N GLY A 56 -1.62 -13.60 2.81
CA GLY A 56 -2.31 -14.38 1.81
C GLY A 56 -3.77 -14.01 1.68
N LYS A 57 -4.09 -12.76 1.99
CA LYS A 57 -5.46 -12.27 1.91
C LYS A 57 -5.53 -10.95 1.14
N GLN A 58 -6.02 -11.02 -0.10
CA GLN A 58 -6.13 -9.83 -0.93
C GLN A 58 -6.72 -8.66 -0.14
N LEU A 59 -5.84 -7.79 0.37
CA LEU A 59 -6.27 -6.64 1.15
C LEU A 59 -7.38 -5.88 0.41
N GLU A 60 -8.47 -5.59 1.13
CA GLU A 60 -9.59 -4.87 0.55
C GLU A 60 -9.50 -3.38 0.87
N ASN A 61 -10.42 -2.60 0.32
CA ASN A 61 -10.45 -1.16 0.54
C ASN A 61 -11.70 -0.75 1.31
N GLY A 62 -11.68 0.47 1.85
CA GLY A 62 -12.82 0.96 2.61
C GLY A 62 -12.62 0.85 4.11
N TYR A 63 -11.91 -0.19 4.53
CA TYR A 63 -11.65 -0.42 5.95
C TYR A 63 -10.33 0.22 6.37
N THR A 64 -10.04 0.16 7.66
CA THR A 64 -8.80 0.73 8.18
C THR A 64 -7.87 -0.37 8.69
N LEU A 65 -6.56 -0.14 8.53
CA LEU A 65 -5.56 -1.11 8.97
C LEU A 65 -6.00 -1.80 10.25
N PHE A 66 -6.43 -1.01 11.24
CA PHE A 66 -6.88 -1.54 12.51
C PHE A 66 -7.83 -2.72 12.31
N ASP A 67 -8.78 -2.55 11.39
CA ASP A 67 -9.75 -3.60 11.09
C ASP A 67 -9.05 -4.92 10.79
N TYR A 68 -7.96 -4.85 10.03
CA TYR A 68 -7.20 -6.04 9.68
C TYR A 68 -6.12 -6.34 10.71
N ASP A 69 -5.79 -5.34 11.51
CA ASP A 69 -4.77 -5.49 12.55
C ASP A 69 -3.39 -5.66 11.94
N VAL A 70 -3.10 -4.88 10.90
CA VAL A 70 -1.82 -4.94 10.23
C VAL A 70 -0.67 -4.66 11.20
N GLY A 71 0.52 -5.16 10.86
CA GLY A 71 1.67 -4.96 11.71
C GLY A 71 2.47 -3.73 11.33
N LEU A 72 3.25 -3.21 12.27
CA LEU A 72 4.06 -2.03 12.02
C LEU A 72 5.36 -2.40 11.30
N ASN A 73 5.62 -1.72 10.18
CA ASN A 73 6.83 -1.98 9.40
C ASN A 73 6.80 -3.38 8.81
N ASP A 74 5.62 -3.81 8.37
CA ASP A 74 5.46 -5.14 7.77
C ASP A 74 5.59 -5.07 6.26
N ILE A 75 5.85 -6.22 5.64
CA ILE A 75 5.99 -6.29 4.19
C ILE A 75 4.69 -6.72 3.53
N ILE A 76 4.30 -5.99 2.48
CA ILE A 76 3.07 -6.30 1.76
C ILE A 76 3.34 -6.42 0.27
N GLN A 77 3.13 -7.63 -0.27
CA GLN A 77 3.35 -7.88 -1.70
C GLN A 77 2.60 -6.85 -2.54
N LEU A 78 3.24 -6.39 -3.60
CA LEU A 78 2.64 -5.41 -4.50
C LEU A 78 2.57 -5.94 -5.92
N LEU A 79 1.36 -6.09 -6.43
CA LEU A 79 1.15 -6.60 -7.79
C LEU A 79 0.51 -5.52 -8.67
N VAL A 80 1.32 -4.94 -9.55
CA VAL A 80 0.83 -3.91 -10.46
C VAL A 80 0.16 -4.51 -11.68
N ARG A 81 -0.74 -3.76 -12.30
CA ARG A 81 -1.45 -4.23 -13.48
C ARG A 81 -0.78 -3.73 -14.76
N PRO A 82 -0.69 -4.62 -15.77
CA PRO A 82 -0.08 -4.28 -17.05
C PRO A 82 -0.91 -3.30 -17.86
N ASP A 83 -0.32 -2.15 -18.18
CA ASP A 83 -1.01 -1.13 -18.96
C ASP A 83 -0.73 -1.30 -20.45
N SER A 84 -1.58 -2.07 -21.11
CA SER A 84 -1.43 -2.32 -22.54
C SER A 84 -2.52 -1.61 -23.34
N GLY A 85 -2.25 -1.34 -24.61
CA GLY A 85 -3.22 -0.67 -25.46
C GLY A 85 -3.46 0.76 -25.03
N PRO A 86 -4.31 1.47 -25.80
CA PRO A 86 -4.64 2.87 -25.52
C PRO A 86 -5.49 3.03 -24.26
N SER A 87 -5.82 1.90 -23.64
CA SER A 87 -6.63 1.90 -22.43
C SER A 87 -7.96 2.61 -22.68
N SER A 88 -8.54 2.37 -23.84
CA SER A 88 -9.81 2.99 -24.21
C SER A 88 -10.98 2.06 -23.88
N GLY A 89 -12.07 2.65 -23.38
CA GLY A 89 -13.24 1.87 -23.02
C GLY A 89 -14.53 2.56 -23.39
N GLY A 1 16.11 15.78 9.25
CA GLY A 1 16.34 14.61 8.43
C GLY A 1 15.11 13.73 8.30
N SER A 2 15.29 12.55 7.71
CA SER A 2 14.19 11.62 7.53
C SER A 2 13.95 10.80 8.78
N SER A 3 13.04 11.27 9.63
CA SER A 3 12.72 10.57 10.87
C SER A 3 11.27 10.82 11.27
N GLY A 4 10.67 9.83 11.95
CA GLY A 4 9.30 9.95 12.38
C GLY A 4 9.04 9.29 13.72
N SER A 5 8.84 10.10 14.75
CA SER A 5 8.60 9.58 16.09
C SER A 5 7.18 9.02 16.21
N SER A 6 6.19 9.86 15.94
CA SER A 6 4.79 9.45 16.01
C SER A 6 4.25 9.12 14.63
N GLY A 7 4.12 7.83 14.35
CA GLY A 7 3.62 7.40 13.06
C GLY A 7 3.96 5.95 12.75
N MET A 8 3.25 5.37 11.79
CA MET A 8 3.48 3.98 11.41
C MET A 8 4.01 3.90 9.97
N TRP A 9 4.81 2.87 9.70
CA TRP A 9 5.37 2.68 8.37
C TRP A 9 5.34 1.20 7.97
N ILE A 10 5.28 0.95 6.66
CA ILE A 10 5.25 -0.41 6.15
C ILE A 10 6.18 -0.57 4.96
N GLN A 11 6.46 -1.82 4.60
CA GLN A 11 7.34 -2.11 3.48
C GLN A 11 6.55 -2.62 2.28
N VAL A 12 6.53 -1.82 1.21
CA VAL A 12 5.80 -2.18 0.00
C VAL A 12 6.73 -2.81 -1.03
N ARG A 13 6.81 -4.13 -1.04
CA ARG A 13 7.66 -4.85 -1.98
C ARG A 13 6.83 -5.47 -3.09
N THR A 14 7.37 -5.46 -4.31
CA THR A 14 6.69 -6.02 -5.46
C THR A 14 6.71 -7.54 -5.42
N ILE A 15 5.54 -8.17 -5.56
CA ILE A 15 5.44 -9.61 -5.54
C ILE A 15 6.67 -10.26 -6.18
N ASP A 16 7.21 -9.62 -7.19
CA ASP A 16 8.39 -10.13 -7.89
C ASP A 16 9.63 -9.98 -7.02
N GLY A 17 9.88 -8.76 -6.55
CA GLY A 17 11.04 -8.50 -5.72
C GLY A 17 12.11 -7.71 -6.43
N SER A 18 11.71 -6.63 -7.09
CA SER A 18 12.64 -5.79 -7.83
C SER A 18 12.91 -4.49 -7.08
N LYS A 19 11.85 -3.89 -6.56
CA LYS A 19 11.96 -2.65 -5.81
C LYS A 19 11.10 -2.67 -4.56
N THR A 20 11.57 -2.01 -3.51
CA THR A 20 10.84 -1.96 -2.25
C THR A 20 10.89 -0.57 -1.63
N CYS A 21 9.72 -0.04 -1.26
CA CYS A 21 9.64 1.28 -0.66
C CYS A 21 9.06 1.22 0.73
N THR A 22 9.24 2.28 1.51
CA THR A 22 8.74 2.33 2.87
C THR A 22 7.78 3.51 3.05
N ILE A 23 6.48 3.21 3.03
CA ILE A 23 5.46 4.24 3.20
C ILE A 23 5.37 4.69 4.65
N GLU A 24 5.38 6.01 4.84
CA GLU A 24 5.29 6.58 6.19
C GLU A 24 4.00 7.38 6.36
N ASP A 25 3.80 7.91 7.56
CA ASP A 25 2.61 8.68 7.86
C ASP A 25 1.36 7.82 7.86
N VAL A 26 1.44 6.69 8.56
CA VAL A 26 0.31 5.76 8.64
C VAL A 26 -0.26 5.71 10.05
N SER A 27 -1.58 5.58 10.13
CA SER A 27 -2.26 5.52 11.43
C SER A 27 -2.96 4.18 11.62
N ARG A 28 -3.08 3.76 12.87
CA ARG A 28 -3.72 2.50 13.20
C ARG A 28 -5.18 2.49 12.73
N LYS A 29 -5.79 3.68 12.69
CA LYS A 29 -7.17 3.80 12.26
C LYS A 29 -7.26 4.47 10.89
N ALA A 30 -6.17 4.40 10.14
CA ALA A 30 -6.12 5.00 8.81
C ALA A 30 -6.72 4.05 7.76
N THR A 31 -7.62 4.58 6.95
CA THR A 31 -8.26 3.79 5.91
C THR A 31 -7.25 3.27 4.89
N ILE A 32 -7.62 2.23 4.17
CA ILE A 32 -6.74 1.65 3.16
C ILE A 32 -6.62 2.56 1.96
N GLU A 33 -7.69 3.28 1.65
CA GLU A 33 -7.70 4.19 0.51
C GLU A 33 -6.54 5.18 0.60
N GLU A 34 -6.30 5.68 1.81
CA GLU A 34 -5.22 6.65 2.04
C GLU A 34 -3.86 6.02 1.76
N LEU A 35 -3.73 4.74 2.08
CA LEU A 35 -2.47 4.02 1.87
C LEU A 35 -2.11 3.98 0.39
N ARG A 36 -3.05 3.49 -0.43
CA ARG A 36 -2.82 3.41 -1.87
C ARG A 36 -2.29 4.72 -2.42
N GLU A 37 -2.97 5.81 -2.07
CA GLU A 37 -2.57 7.14 -2.53
C GLU A 37 -1.06 7.29 -2.49
N ARG A 38 -0.44 6.79 -1.42
CA ARG A 38 1.00 6.87 -1.26
C ARG A 38 1.72 6.06 -2.33
N VAL A 39 1.44 4.76 -2.37
CA VAL A 39 2.05 3.87 -3.35
C VAL A 39 1.86 4.40 -4.77
N TRP A 40 0.73 5.04 -5.00
CA TRP A 40 0.43 5.59 -6.31
C TRP A 40 1.28 6.82 -6.61
N ALA A 41 1.80 7.44 -5.55
CA ALA A 41 2.63 8.62 -5.70
C ALA A 41 4.11 8.24 -5.83
N LEU A 42 4.45 7.05 -5.34
CA LEU A 42 5.81 6.56 -5.41
C LEU A 42 6.01 5.66 -6.62
N PHE A 43 5.22 4.60 -6.70
CA PHE A 43 5.31 3.66 -7.82
C PHE A 43 4.56 4.18 -9.04
N ASP A 44 4.07 5.41 -8.93
CA ASP A 44 3.34 6.04 -10.03
C ASP A 44 2.35 5.05 -10.66
N VAL A 45 1.64 4.32 -9.82
CA VAL A 45 0.67 3.33 -10.29
C VAL A 45 -0.69 3.57 -9.67
N ARG A 46 -1.74 3.51 -10.49
CA ARG A 46 -3.09 3.71 -10.02
C ARG A 46 -3.38 2.85 -8.80
N PRO A 47 -4.34 3.29 -7.97
CA PRO A 47 -4.73 2.58 -6.76
C PRO A 47 -5.47 1.28 -7.06
N GLU A 48 -5.92 1.13 -8.31
CA GLU A 48 -6.64 -0.06 -8.73
C GLU A 48 -5.73 -0.98 -9.53
N CYS A 49 -4.60 -0.46 -9.98
CA CYS A 49 -3.64 -1.23 -10.76
C CYS A 49 -2.61 -1.91 -9.86
N GLN A 50 -2.35 -1.28 -8.71
CA GLN A 50 -1.39 -1.82 -7.75
C GLN A 50 -2.08 -2.67 -6.68
N ARG A 51 -1.98 -3.98 -6.83
CA ARG A 51 -2.61 -4.90 -5.88
C ARG A 51 -1.76 -5.04 -4.62
N LEU A 52 -2.41 -5.19 -3.48
CA LEU A 52 -1.73 -5.33 -2.20
C LEU A 52 -2.17 -6.60 -1.49
N PHE A 53 -1.24 -7.52 -1.30
CA PHE A 53 -1.53 -8.79 -0.63
C PHE A 53 -0.72 -8.91 0.66
N TYR A 54 -1.39 -9.37 1.72
CA TYR A 54 -0.74 -9.53 3.02
C TYR A 54 -1.14 -10.84 3.67
N ARG A 55 -0.16 -11.61 4.12
CA ARG A 55 -0.42 -12.89 4.76
C ARG A 55 -1.40 -13.73 3.95
N GLY A 56 -1.31 -13.62 2.63
CA GLY A 56 -2.19 -14.36 1.76
C GLY A 56 -3.62 -13.86 1.81
N LYS A 57 -3.78 -12.58 2.12
CA LYS A 57 -5.11 -11.98 2.21
C LYS A 57 -5.20 -10.72 1.34
N GLN A 58 -5.88 -10.84 0.20
CA GLN A 58 -6.04 -9.72 -0.71
C GLN A 58 -6.57 -8.49 0.02
N LEU A 59 -5.67 -7.60 0.41
CA LEU A 59 -6.05 -6.38 1.12
C LEU A 59 -7.18 -5.67 0.41
N GLU A 60 -8.25 -5.38 1.13
CA GLU A 60 -9.40 -4.68 0.56
C GLU A 60 -9.33 -3.19 0.83
N ASN A 61 -10.33 -2.46 0.36
CA ASN A 61 -10.38 -1.01 0.55
C ASN A 61 -11.65 -0.60 1.27
N GLY A 62 -11.63 0.58 1.89
CA GLY A 62 -12.78 1.07 2.62
C GLY A 62 -12.65 0.89 4.11
N TYR A 63 -11.90 -0.12 4.52
CA TYR A 63 -11.69 -0.40 5.94
C TYR A 63 -10.42 0.26 6.45
N THR A 64 -10.14 0.09 7.74
CA THR A 64 -8.96 0.68 8.35
C THR A 64 -8.00 -0.40 8.87
N LEU A 65 -6.71 -0.14 8.75
CA LEU A 65 -5.70 -1.11 9.20
C LEU A 65 -6.18 -1.85 10.44
N PHE A 66 -6.75 -1.12 11.39
CA PHE A 66 -7.26 -1.70 12.63
C PHE A 66 -8.13 -2.91 12.33
N ASP A 67 -9.07 -2.76 11.40
CA ASP A 67 -9.96 -3.84 11.02
C ASP A 67 -9.18 -5.10 10.67
N TYR A 68 -8.15 -4.93 9.85
CA TYR A 68 -7.32 -6.06 9.43
C TYR A 68 -6.27 -6.39 10.49
N ASP A 69 -6.04 -5.45 11.40
CA ASP A 69 -5.07 -5.64 12.46
C ASP A 69 -3.66 -5.79 11.89
N VAL A 70 -3.26 -4.83 11.07
CA VAL A 70 -1.94 -4.85 10.46
C VAL A 70 -0.85 -4.49 11.48
N GLY A 71 0.35 -5.02 11.27
CA GLY A 71 1.45 -4.74 12.17
C GLY A 71 2.38 -3.68 11.64
N LEU A 72 3.22 -3.13 12.51
CA LEU A 72 4.16 -2.09 12.12
C LEU A 72 5.28 -2.67 11.26
N ASN A 73 5.60 -1.98 10.16
CA ASN A 73 6.65 -2.43 9.27
C ASN A 73 6.32 -3.80 8.68
N ASP A 74 5.07 -3.97 8.23
CA ASP A 74 4.63 -5.23 7.64
C ASP A 74 4.80 -5.20 6.12
N ILE A 75 5.51 -6.21 5.60
CA ILE A 75 5.73 -6.31 4.17
C ILE A 75 4.46 -6.72 3.44
N ILE A 76 4.13 -5.98 2.38
CA ILE A 76 2.94 -6.27 1.59
C ILE A 76 3.28 -6.41 0.11
N GLN A 77 3.10 -7.61 -0.42
CA GLN A 77 3.37 -7.87 -1.83
C GLN A 77 2.60 -6.92 -2.73
N LEU A 78 3.28 -6.32 -3.69
CA LEU A 78 2.65 -5.39 -4.62
C LEU A 78 2.62 -5.97 -6.03
N LEU A 79 1.43 -6.18 -6.57
CA LEU A 79 1.26 -6.71 -7.91
C LEU A 79 0.57 -5.71 -8.83
N VAL A 80 1.37 -5.03 -9.65
CA VAL A 80 0.84 -4.04 -10.58
C VAL A 80 0.09 -4.70 -11.72
N ARG A 81 -0.81 -3.95 -12.35
CA ARG A 81 -1.60 -4.46 -13.47
C ARG A 81 -0.99 -4.05 -14.80
N PRO A 82 -0.90 -5.01 -15.74
CA PRO A 82 -0.34 -4.78 -17.06
C PRO A 82 -1.22 -3.89 -17.93
N ASP A 83 -0.96 -2.58 -17.88
CA ASP A 83 -1.74 -1.62 -18.66
C ASP A 83 -1.13 -1.41 -20.04
N SER A 84 -1.62 -2.15 -21.02
CA SER A 84 -1.12 -2.05 -22.39
C SER A 84 -1.25 -0.62 -22.91
N GLY A 85 -0.32 -0.22 -23.77
CA GLY A 85 -0.36 1.12 -24.33
C GLY A 85 0.62 2.05 -23.65
N PRO A 86 0.94 3.18 -24.31
CA PRO A 86 1.87 4.17 -23.79
C PRO A 86 1.30 4.93 -22.58
N SER A 87 2.07 5.86 -22.05
CA SER A 87 1.65 6.64 -20.90
C SER A 87 1.05 7.98 -21.34
N SER A 88 1.74 8.67 -22.24
CA SER A 88 1.28 9.95 -22.74
C SER A 88 1.38 10.01 -24.26
N GLY A 89 0.70 10.98 -24.86
CA GLY A 89 0.72 11.13 -26.30
C GLY A 89 1.09 12.54 -26.74
N GLY A 1 15.00 15.05 24.05
CA GLY A 1 13.57 14.87 24.15
C GLY A 1 13.03 13.96 23.07
N SER A 2 12.16 14.51 22.22
CA SER A 2 11.56 13.74 21.14
C SER A 2 12.63 13.20 20.20
N SER A 3 12.39 12.00 19.66
CA SER A 3 13.34 11.38 18.75
C SER A 3 12.87 11.52 17.30
N GLY A 4 11.60 11.22 17.06
CA GLY A 4 11.05 11.31 15.73
C GLY A 4 9.59 11.70 15.73
N SER A 5 8.86 11.26 14.70
CA SER A 5 7.45 11.57 14.58
C SER A 5 6.60 10.34 14.88
N SER A 6 5.49 10.54 15.58
CA SER A 6 4.60 9.45 15.94
C SER A 6 3.78 9.00 14.73
N GLY A 7 4.33 8.05 13.98
CA GLY A 7 3.65 7.54 12.80
C GLY A 7 4.02 6.10 12.49
N MET A 8 3.18 5.44 11.71
CA MET A 8 3.43 4.04 11.34
C MET A 8 3.90 3.95 9.89
N TRP A 9 4.78 2.97 9.63
CA TRP A 9 5.31 2.77 8.29
C TRP A 9 5.23 1.30 7.89
N ILE A 10 5.41 1.03 6.60
CA ILE A 10 5.36 -0.33 6.09
C ILE A 10 6.26 -0.50 4.88
N GLN A 11 6.63 -1.74 4.59
CA GLN A 11 7.50 -2.04 3.46
C GLN A 11 6.68 -2.54 2.26
N VAL A 12 6.68 -1.75 1.19
CA VAL A 12 5.93 -2.11 -0.01
C VAL A 12 6.85 -2.76 -1.05
N ARG A 13 6.84 -4.09 -1.09
CA ARG A 13 7.66 -4.83 -2.03
C ARG A 13 6.82 -5.44 -3.14
N THR A 14 7.38 -5.48 -4.35
CA THR A 14 6.67 -6.03 -5.50
C THR A 14 6.57 -7.55 -5.41
N ILE A 15 5.41 -8.09 -5.76
CA ILE A 15 5.21 -9.54 -5.72
C ILE A 15 6.44 -10.29 -6.20
N ASP A 16 7.09 -9.76 -7.24
CA ASP A 16 8.28 -10.38 -7.79
C ASP A 16 9.51 -10.03 -6.96
N GLY A 17 9.75 -8.73 -6.77
CA GLY A 17 10.88 -8.29 -5.99
C GLY A 17 11.87 -7.48 -6.82
N SER A 18 11.37 -6.43 -7.47
CA SER A 18 12.21 -5.58 -8.30
C SER A 18 12.45 -4.23 -7.63
N LYS A 19 11.39 -3.67 -7.07
CA LYS A 19 11.47 -2.38 -6.40
C LYS A 19 10.76 -2.42 -5.04
N THR A 20 11.44 -1.93 -4.01
CA THR A 20 10.87 -1.90 -2.67
C THR A 20 10.98 -0.52 -2.04
N CYS A 21 9.89 -0.06 -1.45
CA CYS A 21 9.86 1.26 -0.81
C CYS A 21 9.28 1.17 0.60
N THR A 22 9.34 2.28 1.32
CA THR A 22 8.82 2.34 2.69
C THR A 22 7.84 3.49 2.85
N ILE A 23 6.57 3.15 3.03
CA ILE A 23 5.52 4.16 3.22
C ILE A 23 5.49 4.66 4.65
N GLU A 24 5.34 5.97 4.81
CA GLU A 24 5.30 6.58 6.13
C GLU A 24 4.00 7.39 6.31
N ASP A 25 3.76 7.84 7.54
CA ASP A 25 2.58 8.62 7.85
C ASP A 25 1.34 7.73 7.89
N VAL A 26 1.48 6.58 8.56
CA VAL A 26 0.37 5.64 8.68
C VAL A 26 -0.20 5.64 10.09
N SER A 27 -1.51 5.47 10.19
CA SER A 27 -2.19 5.46 11.49
C SER A 27 -2.93 4.14 11.70
N ARG A 28 -3.10 3.77 12.97
CA ARG A 28 -3.79 2.53 13.31
C ARG A 28 -5.22 2.55 12.79
N LYS A 29 -5.81 3.73 12.75
CA LYS A 29 -7.19 3.88 12.27
C LYS A 29 -7.21 4.50 10.87
N ALA A 30 -6.10 4.36 10.15
CA ALA A 30 -6.00 4.91 8.80
C ALA A 30 -6.63 3.97 7.78
N THR A 31 -7.50 4.51 6.94
CA THR A 31 -8.18 3.73 5.92
C THR A 31 -7.20 3.21 4.88
N ILE A 32 -7.52 2.09 4.26
CA ILE A 32 -6.67 1.50 3.24
C ILE A 32 -6.60 2.38 2.00
N GLU A 33 -7.76 2.89 1.57
CA GLU A 33 -7.82 3.75 0.41
C GLU A 33 -6.76 4.83 0.47
N GLU A 34 -6.49 5.32 1.67
CA GLU A 34 -5.48 6.37 1.87
C GLU A 34 -4.08 5.83 1.58
N LEU A 35 -3.81 4.61 2.01
CA LEU A 35 -2.51 3.99 1.80
C LEU A 35 -2.14 3.99 0.31
N ARG A 36 -3.02 3.42 -0.51
CA ARG A 36 -2.78 3.36 -1.95
C ARG A 36 -2.21 4.68 -2.47
N GLU A 37 -2.92 5.76 -2.19
CA GLU A 37 -2.50 7.08 -2.62
C GLU A 37 -0.97 7.22 -2.54
N ARG A 38 -0.41 6.71 -1.45
CA ARG A 38 1.04 6.78 -1.25
C ARG A 38 1.77 5.97 -2.32
N VAL A 39 1.52 4.67 -2.34
CA VAL A 39 2.15 3.78 -3.32
C VAL A 39 1.92 4.27 -4.75
N TRP A 40 0.86 5.06 -4.93
CA TRP A 40 0.51 5.58 -6.24
C TRP A 40 1.41 6.77 -6.59
N ALA A 41 1.90 7.46 -5.57
CA ALA A 41 2.76 8.62 -5.78
C ALA A 41 4.23 8.20 -5.85
N LEU A 42 4.56 7.12 -5.15
CA LEU A 42 5.93 6.62 -5.14
C LEU A 42 6.20 5.72 -6.35
N PHE A 43 5.37 4.70 -6.51
CA PHE A 43 5.52 3.77 -7.62
C PHE A 43 4.86 4.33 -8.88
N ASP A 44 4.22 5.48 -8.75
CA ASP A 44 3.56 6.12 -9.88
C ASP A 44 2.60 5.16 -10.56
N VAL A 45 1.80 4.47 -9.76
CA VAL A 45 0.83 3.51 -10.28
C VAL A 45 -0.55 3.71 -9.65
N ARG A 46 -1.55 3.90 -10.49
CA ARG A 46 -2.91 4.11 -10.01
C ARG A 46 -3.24 3.15 -8.87
N PRO A 47 -4.20 3.55 -8.01
CA PRO A 47 -4.62 2.74 -6.86
C PRO A 47 -5.39 1.49 -7.29
N GLU A 48 -5.81 1.46 -8.56
CA GLU A 48 -6.56 0.33 -9.08
C GLU A 48 -5.62 -0.66 -9.78
N CYS A 49 -4.55 -0.13 -10.36
CA CYS A 49 -3.58 -0.97 -11.07
C CYS A 49 -2.70 -1.72 -10.07
N GLN A 50 -2.30 -1.04 -9.00
CA GLN A 50 -1.44 -1.65 -7.99
C GLN A 50 -2.27 -2.43 -6.97
N ARG A 51 -1.95 -3.70 -6.81
CA ARG A 51 -2.66 -4.56 -5.87
C ARG A 51 -1.81 -4.84 -4.63
N LEU A 52 -2.45 -4.80 -3.47
CA LEU A 52 -1.76 -5.04 -2.21
C LEU A 52 -2.23 -6.34 -1.56
N PHE A 53 -1.28 -7.20 -1.21
CA PHE A 53 -1.60 -8.48 -0.59
C PHE A 53 -0.84 -8.66 0.72
N TYR A 54 -1.53 -9.18 1.73
CA TYR A 54 -0.92 -9.40 3.03
C TYR A 54 -1.31 -10.76 3.60
N ARG A 55 -0.32 -11.50 4.09
CA ARG A 55 -0.56 -12.82 4.66
C ARG A 55 -1.48 -13.64 3.76
N GLY A 56 -1.22 -13.60 2.45
CA GLY A 56 -2.02 -14.34 1.51
C GLY A 56 -3.48 -13.92 1.54
N LYS A 57 -3.73 -12.66 1.87
CA LYS A 57 -5.09 -12.14 1.94
C LYS A 57 -5.20 -10.84 1.14
N GLN A 58 -5.83 -10.92 -0.03
CA GLN A 58 -6.01 -9.75 -0.87
C GLN A 58 -6.56 -8.58 -0.08
N LEU A 59 -5.67 -7.70 0.37
CA LEU A 59 -6.07 -6.53 1.16
C LEU A 59 -7.20 -5.78 0.47
N GLU A 60 -8.27 -5.52 1.20
CA GLU A 60 -9.42 -4.80 0.67
C GLU A 60 -9.34 -3.31 1.01
N ASN A 61 -10.27 -2.54 0.46
CA ASN A 61 -10.31 -1.10 0.71
C ASN A 61 -11.58 -0.71 1.46
N GLY A 62 -11.57 0.50 2.01
CA GLY A 62 -12.74 0.98 2.75
C GLY A 62 -12.58 0.82 4.24
N TYR A 63 -11.88 -0.23 4.65
CA TYR A 63 -11.66 -0.50 6.07
C TYR A 63 -10.38 0.16 6.56
N THR A 64 -10.14 0.08 7.86
CA THR A 64 -8.95 0.67 8.45
C THR A 64 -7.99 -0.41 8.97
N LEU A 65 -6.70 -0.15 8.86
CA LEU A 65 -5.69 -1.10 9.32
C LEU A 65 -6.17 -1.84 10.56
N PHE A 66 -6.77 -1.11 11.49
CA PHE A 66 -7.27 -1.71 12.72
C PHE A 66 -8.14 -2.93 12.42
N ASP A 67 -9.07 -2.77 11.49
CA ASP A 67 -9.96 -3.87 11.11
C ASP A 67 -9.17 -5.13 10.79
N TYR A 68 -8.13 -4.98 9.97
CA TYR A 68 -7.30 -6.11 9.58
C TYR A 68 -6.27 -6.42 10.67
N ASP A 69 -6.03 -5.45 11.55
CA ASP A 69 -5.07 -5.62 12.64
C ASP A 69 -3.65 -5.70 12.09
N VAL A 70 -3.34 -4.85 11.13
CA VAL A 70 -2.01 -4.82 10.53
C VAL A 70 -0.96 -4.33 11.52
N GLY A 71 0.21 -4.95 11.50
CA GLY A 71 1.28 -4.58 12.39
C GLY A 71 2.13 -3.45 11.84
N LEU A 72 3.10 -3.00 12.64
CA LEU A 72 3.98 -1.92 12.23
C LEU A 72 5.16 -2.46 11.42
N ASN A 73 5.40 -1.85 10.26
CA ASN A 73 6.49 -2.27 9.38
C ASN A 73 6.21 -3.65 8.79
N ASP A 74 4.95 -3.90 8.47
CA ASP A 74 4.55 -5.18 7.88
C ASP A 74 4.69 -5.15 6.37
N ILE A 75 5.40 -6.15 5.84
CA ILE A 75 5.60 -6.24 4.39
C ILE A 75 4.32 -6.62 3.67
N ILE A 76 4.07 -5.98 2.53
CA ILE A 76 2.87 -6.26 1.75
C ILE A 76 3.21 -6.38 0.27
N GLN A 77 2.98 -7.57 -0.28
CA GLN A 77 3.25 -7.82 -1.69
C GLN A 77 2.48 -6.85 -2.58
N LEU A 78 3.16 -6.32 -3.59
CA LEU A 78 2.53 -5.37 -4.51
C LEU A 78 2.49 -5.94 -5.93
N LEU A 79 1.28 -6.11 -6.45
CA LEU A 79 1.09 -6.63 -7.80
C LEU A 79 0.41 -5.62 -8.70
N VAL A 80 1.16 -5.06 -9.65
CA VAL A 80 0.62 -4.08 -10.58
C VAL A 80 -0.16 -4.76 -11.71
N ARG A 81 -1.08 -4.02 -12.31
CA ARG A 81 -1.89 -4.55 -13.40
C ARG A 81 -1.38 -4.03 -14.74
N PRO A 82 -1.33 -4.94 -15.74
CA PRO A 82 -0.85 -4.60 -17.09
C PRO A 82 -1.84 -3.69 -17.83
N ASP A 83 -1.56 -2.40 -17.81
CA ASP A 83 -2.41 -1.42 -18.48
C ASP A 83 -1.63 -0.64 -19.53
N SER A 84 -2.34 -0.02 -20.46
CA SER A 84 -1.70 0.76 -21.52
C SER A 84 -2.75 1.51 -22.33
N GLY A 85 -2.59 2.83 -22.44
CA GLY A 85 -3.52 3.64 -23.19
C GLY A 85 -4.32 4.59 -22.31
N PRO A 86 -5.44 5.11 -22.85
CA PRO A 86 -6.31 6.03 -22.11
C PRO A 86 -7.05 5.35 -20.97
N SER A 87 -7.79 6.15 -20.20
CA SER A 87 -8.54 5.62 -19.07
C SER A 87 -9.91 5.13 -19.52
N SER A 88 -10.09 3.81 -19.53
CA SER A 88 -11.35 3.22 -19.94
C SER A 88 -12.45 3.50 -18.93
N GLY A 89 -13.70 3.44 -19.37
CA GLY A 89 -14.82 3.70 -18.49
C GLY A 89 -15.56 2.43 -18.12
N GLY A 1 14.95 18.81 10.88
CA GLY A 1 14.12 17.69 10.49
C GLY A 1 13.03 17.39 11.50
N SER A 2 11.80 17.23 11.03
CA SER A 2 10.67 16.94 11.91
C SER A 2 10.25 15.48 11.79
N SER A 3 9.84 14.91 12.92
CA SER A 3 9.41 13.51 12.95
C SER A 3 8.25 13.32 13.91
N GLY A 4 7.10 12.92 13.38
CA GLY A 4 5.93 12.70 14.21
C GLY A 4 6.18 11.72 15.33
N SER A 5 5.29 11.70 16.31
CA SER A 5 5.42 10.81 17.45
C SER A 5 4.62 9.52 17.23
N SER A 6 3.39 9.68 16.75
CA SER A 6 2.52 8.54 16.50
C SER A 6 2.37 8.29 15.00
N GLY A 7 3.30 7.53 14.44
CA GLY A 7 3.25 7.23 13.02
C GLY A 7 3.65 5.80 12.71
N MET A 8 2.98 5.20 11.74
CA MET A 8 3.28 3.82 11.35
C MET A 8 3.85 3.76 9.94
N TRP A 9 4.70 2.77 9.70
CA TRP A 9 5.33 2.60 8.40
C TRP A 9 5.32 1.14 7.96
N ILE A 10 5.39 0.91 6.66
CA ILE A 10 5.39 -0.45 6.12
C ILE A 10 6.31 -0.56 4.92
N GLN A 11 6.64 -1.80 4.55
CA GLN A 11 7.53 -2.05 3.42
C GLN A 11 6.73 -2.55 2.22
N VAL A 12 6.67 -1.72 1.17
CA VAL A 12 5.95 -2.09 -0.04
C VAL A 12 6.88 -2.70 -1.08
N ARG A 13 6.89 -4.03 -1.14
CA ARG A 13 7.74 -4.74 -2.09
C ARG A 13 6.90 -5.37 -3.20
N THR A 14 7.42 -5.31 -4.43
CA THR A 14 6.73 -5.88 -5.58
C THR A 14 6.76 -7.39 -5.55
N ILE A 15 5.61 -8.02 -5.76
CA ILE A 15 5.51 -9.47 -5.76
C ILE A 15 6.77 -10.10 -6.35
N ASP A 16 7.32 -9.47 -7.38
CA ASP A 16 8.53 -9.97 -8.03
C ASP A 16 9.73 -9.85 -7.10
N GLY A 17 9.91 -8.68 -6.51
CA GLY A 17 11.03 -8.47 -5.61
C GLY A 17 12.15 -7.67 -6.25
N SER A 18 11.80 -6.65 -7.01
CA SER A 18 12.78 -5.81 -7.69
C SER A 18 12.84 -4.43 -7.06
N LYS A 19 11.67 -3.83 -6.83
CA LYS A 19 11.59 -2.51 -6.23
C LYS A 19 10.85 -2.57 -4.88
N THR A 20 11.38 -1.85 -3.89
CA THR A 20 10.78 -1.82 -2.56
C THR A 20 10.85 -0.42 -1.96
N CYS A 21 9.72 0.07 -1.47
CA CYS A 21 9.66 1.40 -0.87
C CYS A 21 9.08 1.32 0.54
N THR A 22 9.31 2.37 1.32
CA THR A 22 8.81 2.43 2.69
C THR A 22 7.82 3.58 2.88
N ILE A 23 6.55 3.24 2.99
CA ILE A 23 5.50 4.25 3.18
C ILE A 23 5.38 4.65 4.64
N GLU A 24 5.45 5.96 4.88
CA GLU A 24 5.36 6.48 6.25
C GLU A 24 4.09 7.33 6.41
N ASP A 25 3.85 7.79 7.63
CA ASP A 25 2.68 8.62 7.93
C ASP A 25 1.41 7.77 7.93
N VAL A 26 1.49 6.62 8.58
CA VAL A 26 0.34 5.71 8.67
C VAL A 26 -0.24 5.69 10.08
N SER A 27 -1.54 5.46 10.17
CA SER A 27 -2.22 5.42 11.46
C SER A 27 -2.93 4.09 11.66
N ARG A 28 -3.10 3.69 12.92
CA ARG A 28 -3.76 2.44 13.25
C ARG A 28 -5.21 2.44 12.74
N LYS A 29 -5.82 3.63 12.70
CA LYS A 29 -7.20 3.75 12.24
C LYS A 29 -7.24 4.43 10.87
N ALA A 30 -6.15 4.31 10.12
CA ALA A 30 -6.07 4.90 8.79
C ALA A 30 -6.67 3.98 7.74
N THR A 31 -7.57 4.52 6.93
CA THR A 31 -8.23 3.74 5.88
C THR A 31 -7.21 3.23 4.86
N ILE A 32 -7.55 2.12 4.21
CA ILE A 32 -6.67 1.53 3.21
C ILE A 32 -6.53 2.44 1.99
N GLU A 33 -7.61 3.12 1.64
CA GLU A 33 -7.61 4.03 0.50
C GLU A 33 -6.44 5.00 0.58
N GLU A 34 -6.22 5.56 1.77
CA GLU A 34 -5.14 6.51 1.97
C GLU A 34 -3.79 5.87 1.69
N LEU A 35 -3.62 4.63 2.13
CA LEU A 35 -2.37 3.90 1.92
C LEU A 35 -2.02 3.85 0.44
N ARG A 36 -2.94 3.36 -0.37
CA ARG A 36 -2.72 3.26 -1.81
C ARG A 36 -2.20 4.58 -2.37
N GLU A 37 -2.92 5.66 -2.09
CA GLU A 37 -2.53 6.99 -2.57
C GLU A 37 -1.01 7.15 -2.53
N ARG A 38 -0.40 6.68 -1.45
CA ARG A 38 1.05 6.78 -1.29
C ARG A 38 1.77 5.99 -2.37
N VAL A 39 1.49 4.68 -2.42
CA VAL A 39 2.11 3.82 -3.42
C VAL A 39 1.85 4.32 -4.83
N TRP A 40 0.75 5.04 -5.00
CA TRP A 40 0.38 5.57 -6.31
C TRP A 40 1.21 6.80 -6.65
N ALA A 41 1.73 7.46 -5.61
CA ALA A 41 2.54 8.66 -5.80
C ALA A 41 4.01 8.30 -5.92
N LEU A 42 4.40 7.16 -5.34
CA LEU A 42 5.78 6.71 -5.39
C LEU A 42 6.02 5.82 -6.60
N PHE A 43 5.20 4.78 -6.74
CA PHE A 43 5.32 3.85 -7.86
C PHE A 43 4.57 4.38 -9.09
N ASP A 44 4.03 5.58 -8.97
CA ASP A 44 3.28 6.20 -10.06
C ASP A 44 2.32 5.19 -10.70
N VAL A 45 1.60 4.46 -9.85
CA VAL A 45 0.65 3.47 -10.32
C VAL A 45 -0.71 3.64 -9.65
N ARG A 46 -1.77 3.67 -10.45
CA ARG A 46 -3.12 3.83 -9.93
C ARG A 46 -3.37 2.89 -8.75
N PRO A 47 -4.29 3.28 -7.87
CA PRO A 47 -4.65 2.49 -6.68
C PRO A 47 -5.39 1.21 -7.04
N GLU A 48 -5.87 1.14 -8.28
CA GLU A 48 -6.60 -0.04 -8.75
C GLU A 48 -5.68 -0.99 -9.49
N CYS A 49 -4.65 -0.43 -10.13
CA CYS A 49 -3.69 -1.24 -10.88
C CYS A 49 -2.70 -1.92 -9.94
N GLN A 50 -2.31 -1.21 -8.88
CA GLN A 50 -1.37 -1.75 -7.91
C GLN A 50 -2.09 -2.57 -6.85
N ARG A 51 -1.94 -3.89 -6.92
CA ARG A 51 -2.58 -4.78 -5.96
C ARG A 51 -1.72 -4.94 -4.70
N LEU A 52 -2.37 -5.11 -3.56
CA LEU A 52 -1.67 -5.27 -2.29
C LEU A 52 -2.11 -6.55 -1.58
N PHE A 53 -1.16 -7.45 -1.36
CA PHE A 53 -1.45 -8.72 -0.70
C PHE A 53 -0.68 -8.83 0.61
N TYR A 54 -1.39 -9.13 1.69
CA TYR A 54 -0.78 -9.26 3.01
C TYR A 54 -1.08 -10.62 3.61
N ARG A 55 -0.03 -11.29 4.10
CA ARG A 55 -0.18 -12.61 4.71
C ARG A 55 -1.18 -13.45 3.93
N GLY A 56 -1.01 -13.50 2.61
CA GLY A 56 -1.90 -14.27 1.77
C GLY A 56 -3.35 -13.84 1.90
N LYS A 57 -3.55 -12.54 2.11
CA LYS A 57 -4.90 -12.00 2.25
C LYS A 57 -5.08 -10.76 1.39
N GLN A 58 -5.80 -10.90 0.28
CA GLN A 58 -6.05 -9.79 -0.63
C GLN A 58 -6.58 -8.57 0.13
N LEU A 59 -5.67 -7.66 0.48
CA LEU A 59 -6.05 -6.45 1.20
C LEU A 59 -7.18 -5.71 0.49
N GLU A 60 -8.26 -5.45 1.22
CA GLU A 60 -9.41 -4.76 0.65
C GLU A 60 -9.35 -3.26 0.97
N ASN A 61 -10.30 -2.51 0.42
CA ASN A 61 -10.34 -1.07 0.64
C ASN A 61 -11.64 -0.68 1.35
N GLY A 62 -11.65 0.54 1.91
CA GLY A 62 -12.83 1.01 2.61
C GLY A 62 -12.72 0.85 4.11
N TYR A 63 -11.95 -0.14 4.54
CA TYR A 63 -11.76 -0.41 5.96
C TYR A 63 -10.48 0.24 6.47
N THR A 64 -10.25 0.12 7.78
CA THR A 64 -9.05 0.70 8.40
C THR A 64 -8.15 -0.38 8.96
N LEU A 65 -6.84 -0.15 8.88
CA LEU A 65 -5.86 -1.10 9.38
C LEU A 65 -6.37 -1.80 10.63
N PHE A 66 -6.97 -1.02 11.53
CA PHE A 66 -7.50 -1.56 12.78
C PHE A 66 -8.40 -2.77 12.51
N ASP A 67 -9.30 -2.62 11.54
CA ASP A 67 -10.22 -3.69 11.18
C ASP A 67 -9.46 -4.98 10.86
N TYR A 68 -8.43 -4.85 10.03
CA TYR A 68 -7.62 -6.00 9.64
C TYR A 68 -6.53 -6.28 10.67
N ASP A 69 -6.37 -5.36 11.61
CA ASP A 69 -5.36 -5.49 12.65
C ASP A 69 -3.98 -5.70 12.04
N VAL A 70 -3.57 -4.79 11.16
CA VAL A 70 -2.26 -4.87 10.52
C VAL A 70 -1.14 -4.57 11.50
N GLY A 71 0.01 -5.21 11.28
CA GLY A 71 1.15 -5.00 12.15
C GLY A 71 2.09 -3.92 11.63
N LEU A 72 2.90 -3.36 12.52
CA LEU A 72 3.85 -2.33 12.15
C LEU A 72 5.02 -2.91 11.37
N ASN A 73 5.33 -2.30 10.23
CA ASN A 73 6.43 -2.76 9.40
C ASN A 73 6.11 -4.12 8.76
N ASP A 74 4.85 -4.29 8.37
CA ASP A 74 4.40 -5.53 7.74
C ASP A 74 4.60 -5.48 6.24
N ILE A 75 5.30 -6.47 5.69
CA ILE A 75 5.55 -6.53 4.26
C ILE A 75 4.28 -6.89 3.49
N ILE A 76 3.97 -6.07 2.48
CA ILE A 76 2.78 -6.30 1.67
C ILE A 76 3.13 -6.39 0.19
N GLN A 77 3.02 -7.59 -0.37
CA GLN A 77 3.33 -7.81 -1.78
C GLN A 77 2.57 -6.83 -2.66
N LEU A 78 3.25 -6.31 -3.67
CA LEU A 78 2.65 -5.35 -4.60
C LEU A 78 2.62 -5.92 -6.02
N LEU A 79 1.41 -6.14 -6.53
CA LEU A 79 1.25 -6.66 -7.88
C LEU A 79 0.56 -5.64 -8.78
N VAL A 80 1.36 -4.95 -9.59
CA VAL A 80 0.83 -3.95 -10.52
C VAL A 80 0.23 -4.61 -11.75
N ARG A 81 -0.73 -3.92 -12.37
CA ARG A 81 -1.39 -4.43 -13.56
C ARG A 81 -1.04 -3.58 -14.79
N PRO A 82 -0.82 -4.25 -15.93
CA PRO A 82 -0.48 -3.57 -17.18
C PRO A 82 -1.64 -2.79 -17.76
N ASP A 83 -1.34 -1.84 -18.64
CA ASP A 83 -2.37 -1.02 -19.27
C ASP A 83 -3.33 -1.88 -20.10
N SER A 84 -4.55 -1.40 -20.28
CA SER A 84 -5.55 -2.13 -21.05
C SER A 84 -6.62 -1.18 -21.57
N GLY A 85 -7.05 -1.39 -22.81
CA GLY A 85 -8.08 -0.55 -23.40
C GLY A 85 -7.95 -0.47 -24.91
N PRO A 86 -8.57 0.57 -25.50
CA PRO A 86 -8.53 0.79 -26.95
C PRO A 86 -7.15 1.20 -27.45
N SER A 87 -6.76 0.66 -28.60
CA SER A 87 -5.46 0.97 -29.18
C SER A 87 -5.58 1.29 -30.67
N SER A 88 -5.01 2.42 -31.08
CA SER A 88 -5.07 2.83 -32.47
C SER A 88 -3.70 2.67 -33.14
N GLY A 89 -3.51 1.54 -33.81
CA GLY A 89 -2.25 1.28 -34.48
C GLY A 89 -2.41 0.39 -35.70
N GLY A 1 17.17 8.33 26.95
CA GLY A 1 15.92 8.84 26.41
C GLY A 1 15.62 8.29 25.04
N SER A 2 15.05 7.09 24.99
CA SER A 2 14.70 6.44 23.73
C SER A 2 13.99 7.42 22.81
N SER A 3 14.58 7.67 21.65
CA SER A 3 14.00 8.59 20.66
C SER A 3 13.32 7.82 19.55
N GLY A 4 12.03 8.12 19.34
CA GLY A 4 11.27 7.45 18.30
C GLY A 4 10.48 8.41 17.44
N SER A 5 10.15 8.00 16.22
CA SER A 5 9.39 8.84 15.30
C SER A 5 7.91 8.48 15.34
N SER A 6 7.10 9.43 15.79
CA SER A 6 5.66 9.22 15.88
C SER A 6 5.07 8.89 14.51
N GLY A 7 4.51 7.70 14.39
CA GLY A 7 3.92 7.27 13.13
C GLY A 7 4.24 5.84 12.78
N MET A 8 3.44 5.24 11.91
CA MET A 8 3.65 3.86 11.49
C MET A 8 4.16 3.79 10.06
N TRP A 9 4.97 2.79 9.77
CA TRP A 9 5.53 2.61 8.43
C TRP A 9 5.47 1.15 8.01
N ILE A 10 5.45 0.91 6.70
CA ILE A 10 5.40 -0.44 6.16
C ILE A 10 6.30 -0.58 4.94
N GLN A 11 6.68 -1.82 4.63
CA GLN A 11 7.54 -2.09 3.49
C GLN A 11 6.72 -2.61 2.31
N VAL A 12 6.61 -1.80 1.27
CA VAL A 12 5.86 -2.19 0.07
C VAL A 12 6.78 -2.81 -0.98
N ARG A 13 6.81 -4.13 -1.01
CA ARG A 13 7.65 -4.85 -1.97
C ARG A 13 6.80 -5.46 -3.08
N THR A 14 7.32 -5.44 -4.30
CA THR A 14 6.62 -5.99 -5.45
C THR A 14 6.59 -7.52 -5.39
N ILE A 15 5.42 -8.09 -5.65
CA ILE A 15 5.26 -9.54 -5.62
C ILE A 15 6.52 -10.24 -6.13
N ASP A 16 7.12 -9.67 -7.17
CA ASP A 16 8.34 -10.24 -7.75
C ASP A 16 9.55 -9.93 -6.86
N GLY A 17 9.77 -8.65 -6.59
CA GLY A 17 10.90 -8.25 -5.76
C GLY A 17 11.90 -7.41 -6.52
N SER A 18 11.40 -6.47 -7.33
CA SER A 18 12.27 -5.61 -8.11
C SER A 18 12.59 -4.32 -7.36
N LYS A 19 11.54 -3.68 -6.84
CA LYS A 19 11.70 -2.44 -6.09
C LYS A 19 10.90 -2.48 -4.79
N THR A 20 11.47 -1.90 -3.74
CA THR A 20 10.80 -1.88 -2.43
C THR A 20 10.86 -0.48 -1.83
N CYS A 21 9.73 -0.02 -1.30
CA CYS A 21 9.64 1.30 -0.69
C CYS A 21 9.09 1.20 0.73
N THR A 22 9.14 2.31 1.46
CA THR A 22 8.64 2.36 2.82
C THR A 22 7.69 3.53 3.03
N ILE A 23 6.40 3.23 3.11
CA ILE A 23 5.38 4.26 3.30
C ILE A 23 5.27 4.65 4.78
N GLU A 24 5.45 5.94 5.06
CA GLU A 24 5.37 6.43 6.44
C GLU A 24 4.10 7.25 6.64
N ASP A 25 3.92 7.78 7.85
CA ASP A 25 2.76 8.59 8.16
C ASP A 25 1.49 7.74 8.16
N VAL A 26 1.56 6.56 8.77
CA VAL A 26 0.41 5.66 8.83
C VAL A 26 -0.20 5.65 10.23
N SER A 27 -1.51 5.44 10.28
CA SER A 27 -2.22 5.41 11.55
C SER A 27 -2.97 4.09 11.73
N ARG A 28 -3.18 3.69 12.98
CA ARG A 28 -3.87 2.45 13.29
C ARG A 28 -5.31 2.47 12.74
N LYS A 29 -5.87 3.67 12.67
CA LYS A 29 -7.24 3.84 12.17
C LYS A 29 -7.23 4.46 10.78
N ALA A 30 -6.12 4.31 10.07
CA ALA A 30 -6.00 4.86 8.72
C ALA A 30 -6.65 3.94 7.70
N THR A 31 -7.51 4.51 6.86
CA THR A 31 -8.21 3.75 5.84
C THR A 31 -7.23 3.23 4.78
N ILE A 32 -7.57 2.10 4.17
CA ILE A 32 -6.72 1.51 3.14
C ILE A 32 -6.67 2.39 1.90
N GLU A 33 -7.81 2.97 1.53
CA GLU A 33 -7.88 3.84 0.36
C GLU A 33 -6.79 4.89 0.40
N GLU A 34 -6.45 5.34 1.61
CA GLU A 34 -5.42 6.36 1.78
C GLU A 34 -4.04 5.79 1.48
N LEU A 35 -3.82 4.54 1.86
CA LEU A 35 -2.54 3.87 1.64
C LEU A 35 -2.19 3.86 0.15
N ARG A 36 -3.12 3.37 -0.67
CA ARG A 36 -2.91 3.31 -2.12
C ARG A 36 -2.34 4.63 -2.64
N GLU A 37 -3.05 5.72 -2.35
CA GLU A 37 -2.63 7.04 -2.80
C GLU A 37 -1.11 7.17 -2.74
N ARG A 38 -0.54 6.80 -1.59
CA ARG A 38 0.91 6.88 -1.40
C ARG A 38 1.64 6.05 -2.43
N VAL A 39 1.35 4.75 -2.46
CA VAL A 39 1.99 3.84 -3.41
C VAL A 39 1.78 4.32 -4.84
N TRP A 40 0.72 5.09 -5.06
CA TRP A 40 0.43 5.61 -6.39
C TRP A 40 1.33 6.79 -6.74
N ALA A 41 1.82 7.47 -5.70
CA ALA A 41 2.71 8.61 -5.91
C ALA A 41 4.16 8.18 -6.00
N LEU A 42 4.48 7.10 -5.29
CA LEU A 42 5.86 6.57 -5.29
C LEU A 42 6.09 5.64 -6.47
N PHE A 43 5.22 4.66 -6.61
CA PHE A 43 5.33 3.70 -7.72
C PHE A 43 4.63 4.23 -8.97
N ASP A 44 4.17 5.47 -8.90
CA ASP A 44 3.48 6.08 -10.03
C ASP A 44 2.53 5.11 -10.70
N VAL A 45 1.71 4.44 -9.88
CA VAL A 45 0.75 3.48 -10.40
C VAL A 45 -0.64 3.70 -9.80
N ARG A 46 -1.65 3.76 -10.66
CA ARG A 46 -3.02 3.97 -10.21
C ARG A 46 -3.34 3.11 -9.00
N PRO A 47 -4.27 3.59 -8.16
CA PRO A 47 -4.69 2.87 -6.95
C PRO A 47 -5.47 1.61 -7.27
N GLU A 48 -5.94 1.50 -8.51
CA GLU A 48 -6.72 0.34 -8.94
C GLU A 48 -5.83 -0.67 -9.65
N CYS A 49 -4.77 -0.17 -10.28
CA CYS A 49 -3.84 -1.03 -11.00
C CYS A 49 -2.91 -1.77 -10.04
N GLN A 50 -2.47 -1.06 -9.00
CA GLN A 50 -1.57 -1.65 -8.01
C GLN A 50 -2.35 -2.42 -6.96
N ARG A 51 -2.03 -3.72 -6.82
CA ARG A 51 -2.71 -4.57 -5.85
C ARG A 51 -1.83 -4.80 -4.63
N LEU A 52 -2.43 -4.71 -3.45
CA LEU A 52 -1.70 -4.91 -2.20
C LEU A 52 -2.13 -6.22 -1.53
N PHE A 53 -1.16 -7.09 -1.30
CA PHE A 53 -1.42 -8.38 -0.66
C PHE A 53 -0.63 -8.52 0.64
N TYR A 54 -1.32 -8.96 1.69
CA TYR A 54 -0.68 -9.13 2.99
C TYR A 54 -0.94 -10.53 3.54
N ARG A 55 0.11 -11.17 4.04
CA ARG A 55 0.00 -12.52 4.59
C ARG A 55 -0.96 -13.36 3.77
N GLY A 56 -0.75 -13.38 2.45
CA GLY A 56 -1.61 -14.16 1.57
C GLY A 56 -3.07 -13.77 1.70
N LYS A 57 -3.32 -12.49 1.94
CA LYS A 57 -4.69 -12.00 2.07
C LYS A 57 -4.90 -10.74 1.24
N GLN A 58 -5.61 -10.89 0.12
CA GLN A 58 -5.88 -9.76 -0.77
C GLN A 58 -6.45 -8.58 0.01
N LEU A 59 -5.58 -7.65 0.36
CA LEU A 59 -5.98 -6.46 1.10
C LEU A 59 -7.15 -5.76 0.42
N GLU A 60 -8.21 -5.49 1.17
CA GLU A 60 -9.39 -4.83 0.64
C GLU A 60 -9.34 -3.33 0.92
N ASN A 61 -10.32 -2.60 0.38
CA ASN A 61 -10.39 -1.16 0.58
C ASN A 61 -11.67 -0.77 1.31
N GLY A 62 -11.66 0.41 1.92
CA GLY A 62 -12.82 0.88 2.65
C GLY A 62 -12.68 0.73 4.14
N TYR A 63 -11.89 -0.25 4.56
CA TYR A 63 -11.67 -0.50 5.98
C TYR A 63 -10.37 0.15 6.46
N THR A 64 -10.17 0.16 7.78
CA THR A 64 -8.98 0.75 8.36
C THR A 64 -8.03 -0.32 8.89
N LEU A 65 -6.73 -0.07 8.76
CA LEU A 65 -5.72 -1.02 9.24
C LEU A 65 -6.19 -1.74 10.49
N PHE A 66 -6.74 -0.98 11.43
CA PHE A 66 -7.23 -1.55 12.68
C PHE A 66 -8.15 -2.75 12.41
N ASP A 67 -9.08 -2.57 11.47
CA ASP A 67 -10.01 -3.63 11.12
C ASP A 67 -9.27 -4.93 10.80
N TYR A 68 -8.25 -4.83 9.95
CA TYR A 68 -7.47 -5.98 9.57
C TYR A 68 -6.40 -6.30 10.62
N ASP A 69 -6.18 -5.35 11.52
CA ASP A 69 -5.19 -5.54 12.58
C ASP A 69 -3.79 -5.70 12.00
N VAL A 70 -3.40 -4.78 11.12
CA VAL A 70 -2.08 -4.83 10.50
C VAL A 70 -0.99 -4.50 11.51
N GLY A 71 0.18 -5.12 11.31
CA GLY A 71 1.29 -4.89 12.22
C GLY A 71 2.23 -3.82 11.70
N LEU A 72 3.11 -3.33 12.58
CA LEU A 72 4.07 -2.30 12.19
C LEU A 72 5.20 -2.88 11.35
N ASN A 73 5.50 -2.21 10.24
CA ASN A 73 6.56 -2.66 9.35
C ASN A 73 6.21 -4.02 8.74
N ASP A 74 4.96 -4.18 8.33
CA ASP A 74 4.50 -5.43 7.73
C ASP A 74 4.72 -5.42 6.22
N ILE A 75 5.36 -6.46 5.71
CA ILE A 75 5.62 -6.57 4.28
C ILE A 75 4.36 -6.96 3.52
N ILE A 76 4.04 -6.17 2.50
CA ILE A 76 2.86 -6.43 1.68
C ILE A 76 3.22 -6.50 0.19
N GLN A 77 3.04 -7.68 -0.40
CA GLN A 77 3.34 -7.87 -1.81
C GLN A 77 2.51 -6.94 -2.68
N LEU A 78 3.17 -6.31 -3.65
CA LEU A 78 2.50 -5.38 -4.55
C LEU A 78 2.43 -5.95 -5.96
N LEU A 79 1.22 -6.15 -6.47
CA LEU A 79 1.03 -6.69 -7.81
C LEU A 79 0.28 -5.69 -8.69
N VAL A 80 1.01 -5.07 -9.63
CA VAL A 80 0.42 -4.11 -10.54
C VAL A 80 -0.22 -4.79 -11.73
N ARG A 81 -1.19 -4.11 -12.35
CA ARG A 81 -1.89 -4.67 -13.50
C ARG A 81 -1.31 -4.12 -14.80
N PRO A 82 -1.10 -5.00 -15.78
CA PRO A 82 -0.55 -4.63 -17.08
C PRO A 82 -1.52 -3.80 -17.91
N ASP A 83 -1.02 -3.19 -18.98
CA ASP A 83 -1.83 -2.36 -19.85
C ASP A 83 -2.74 -3.23 -20.72
N SER A 84 -4.04 -3.03 -20.59
CA SER A 84 -5.01 -3.80 -21.36
C SER A 84 -5.25 -3.16 -22.73
N GLY A 85 -5.66 -3.98 -23.69
CA GLY A 85 -5.90 -3.48 -25.03
C GLY A 85 -7.35 -3.11 -25.26
N PRO A 86 -8.20 -4.13 -25.49
CA PRO A 86 -9.63 -3.93 -25.73
C PRO A 86 -10.37 -3.47 -24.47
N SER A 87 -11.49 -2.79 -24.67
CA SER A 87 -12.28 -2.29 -23.54
C SER A 87 -13.54 -3.14 -23.36
N SER A 88 -14.24 -2.93 -22.25
CA SER A 88 -15.45 -3.66 -21.94
C SER A 88 -16.52 -3.41 -23.00
N GLY A 89 -17.54 -4.26 -23.02
CA GLY A 89 -18.62 -4.10 -23.99
C GLY A 89 -18.24 -4.61 -25.36
N GLY A 1 9.41 20.31 7.92
CA GLY A 1 8.66 19.15 8.39
C GLY A 1 9.21 18.61 9.70
N SER A 2 8.35 18.50 10.70
CA SER A 2 8.76 17.99 12.01
C SER A 2 8.70 16.47 12.05
N SER A 3 9.45 15.88 12.98
CA SER A 3 9.49 14.44 13.12
C SER A 3 9.52 14.03 14.59
N GLY A 4 9.34 12.74 14.84
CA GLY A 4 9.35 12.24 16.21
C GLY A 4 9.05 10.77 16.29
N SER A 5 8.77 10.28 17.50
CA SER A 5 8.47 8.87 17.71
C SER A 5 6.98 8.59 17.47
N SER A 6 6.47 9.08 16.34
CA SER A 6 5.07 8.88 15.99
C SER A 6 4.92 8.51 14.52
N GLY A 7 3.76 7.98 14.16
CA GLY A 7 3.52 7.59 12.79
C GLY A 7 3.87 6.14 12.53
N MET A 8 3.13 5.50 11.62
CA MET A 8 3.37 4.11 11.28
C MET A 8 3.94 3.98 9.87
N TRP A 9 4.82 3.01 9.68
CA TRP A 9 5.44 2.79 8.38
C TRP A 9 5.37 1.32 7.99
N ILE A 10 5.37 1.05 6.68
CA ILE A 10 5.31 -0.32 6.18
C ILE A 10 6.26 -0.51 5.01
N GLN A 11 6.51 -1.77 4.66
CA GLN A 11 7.40 -2.09 3.54
C GLN A 11 6.60 -2.56 2.33
N VAL A 12 6.60 -1.73 1.29
CA VAL A 12 5.88 -2.05 0.06
C VAL A 12 6.79 -2.73 -0.96
N ARG A 13 6.77 -4.05 -1.00
CA ARG A 13 7.60 -4.80 -1.92
C ARG A 13 6.75 -5.39 -3.05
N THR A 14 7.30 -5.39 -4.26
CA THR A 14 6.61 -5.93 -5.42
C THR A 14 6.58 -7.45 -5.40
N ILE A 15 5.39 -8.03 -5.53
CA ILE A 15 5.24 -9.47 -5.53
C ILE A 15 6.43 -10.15 -6.18
N ASP A 16 6.88 -9.60 -7.30
CA ASP A 16 8.02 -10.16 -8.02
C ASP A 16 9.27 -10.16 -7.14
N GLY A 17 9.65 -8.98 -6.67
CA GLY A 17 10.83 -8.88 -5.81
C GLY A 17 11.98 -8.17 -6.51
N SER A 18 11.80 -6.88 -6.79
CA SER A 18 12.82 -6.09 -7.47
C SER A 18 13.01 -4.75 -6.78
N LYS A 19 11.90 -4.11 -6.43
CA LYS A 19 11.94 -2.81 -5.76
C LYS A 19 11.09 -2.82 -4.49
N THR A 20 11.57 -2.14 -3.46
CA THR A 20 10.86 -2.08 -2.18
C THR A 20 10.92 -0.68 -1.59
N CYS A 21 9.76 -0.15 -1.23
CA CYS A 21 9.68 1.19 -0.65
C CYS A 21 9.14 1.13 0.78
N THR A 22 9.27 2.24 1.50
CA THR A 22 8.79 2.31 2.87
C THR A 22 7.80 3.45 3.05
N ILE A 23 6.52 3.12 3.00
CA ILE A 23 5.46 4.12 3.15
C ILE A 23 5.38 4.61 4.59
N GLU A 24 5.40 5.92 4.77
CA GLU A 24 5.33 6.52 6.10
C GLU A 24 4.06 7.36 6.24
N ASP A 25 3.86 7.90 7.44
CA ASP A 25 2.68 8.72 7.72
C ASP A 25 1.41 7.87 7.76
N VAL A 26 1.49 6.75 8.47
CA VAL A 26 0.35 5.85 8.59
C VAL A 26 -0.21 5.86 10.01
N SER A 27 -1.51 5.66 10.13
CA SER A 27 -2.17 5.65 11.43
C SER A 27 -2.89 4.32 11.66
N ARG A 28 -2.90 3.88 12.92
CA ARG A 28 -3.53 2.62 13.28
C ARG A 28 -4.97 2.58 12.77
N LYS A 29 -5.62 3.74 12.73
CA LYS A 29 -7.00 3.83 12.26
C LYS A 29 -7.05 4.46 10.87
N ALA A 30 -5.96 4.34 10.13
CA ALA A 30 -5.90 4.89 8.78
C ALA A 30 -6.55 3.97 7.77
N THR A 31 -7.44 4.52 6.95
CA THR A 31 -8.13 3.74 5.93
C THR A 31 -7.17 3.21 4.88
N ILE A 32 -7.57 2.16 4.18
CA ILE A 32 -6.74 1.57 3.13
C ILE A 32 -6.63 2.49 1.92
N GLU A 33 -7.71 3.19 1.62
CA GLU A 33 -7.74 4.11 0.49
C GLU A 33 -6.58 5.10 0.56
N GLU A 34 -6.25 5.53 1.77
CA GLU A 34 -5.16 6.48 1.98
C GLU A 34 -3.82 5.84 1.63
N LEU A 35 -3.68 4.56 1.94
CA LEU A 35 -2.45 3.83 1.67
C LEU A 35 -2.15 3.83 0.18
N ARG A 36 -3.07 3.31 -0.62
CA ARG A 36 -2.90 3.25 -2.06
C ARG A 36 -2.35 4.57 -2.60
N GLU A 37 -2.98 5.67 -2.20
CA GLU A 37 -2.55 6.99 -2.64
C GLU A 37 -1.03 7.13 -2.60
N ARG A 38 -0.46 6.81 -1.43
CA ARG A 38 0.99 6.89 -1.25
C ARG A 38 1.72 6.06 -2.31
N VAL A 39 1.40 4.77 -2.36
CA VAL A 39 2.03 3.88 -3.32
C VAL A 39 1.81 4.36 -4.75
N TRP A 40 0.75 5.13 -4.95
CA TRP A 40 0.43 5.66 -6.27
C TRP A 40 1.33 6.85 -6.61
N ALA A 41 1.84 7.51 -5.58
CA ALA A 41 2.71 8.66 -5.77
C ALA A 41 4.17 8.23 -5.85
N LEU A 42 4.51 7.16 -5.15
CA LEU A 42 5.88 6.65 -5.13
C LEU A 42 6.12 5.74 -6.34
N PHE A 43 5.30 4.71 -6.48
CA PHE A 43 5.43 3.78 -7.58
C PHE A 43 4.77 4.33 -8.84
N ASP A 44 4.17 5.52 -8.73
CA ASP A 44 3.51 6.15 -9.86
C ASP A 44 2.55 5.18 -10.54
N VAL A 45 1.77 4.46 -9.74
CA VAL A 45 0.81 3.49 -10.26
C VAL A 45 -0.56 3.71 -9.66
N ARG A 46 -1.58 3.80 -10.52
CA ARG A 46 -2.94 4.00 -10.07
C ARG A 46 -3.29 3.07 -8.92
N PRO A 47 -4.26 3.49 -8.09
CA PRO A 47 -4.71 2.70 -6.93
C PRO A 47 -5.45 1.44 -7.34
N GLU A 48 -5.86 1.37 -8.60
CA GLU A 48 -6.58 0.21 -9.12
C GLU A 48 -5.63 -0.75 -9.82
N CYS A 49 -4.57 -0.21 -10.40
CA CYS A 49 -3.58 -1.02 -11.11
C CYS A 49 -2.67 -1.75 -10.12
N GLN A 50 -2.35 -1.08 -9.01
CA GLN A 50 -1.48 -1.66 -8.00
C GLN A 50 -2.29 -2.48 -7.00
N ARG A 51 -1.95 -3.76 -6.87
CA ARG A 51 -2.64 -4.65 -5.95
C ARG A 51 -1.78 -4.95 -4.73
N LEU A 52 -2.42 -5.06 -3.58
CA LEU A 52 -1.71 -5.35 -2.33
C LEU A 52 -2.17 -6.67 -1.73
N PHE A 53 -1.21 -7.48 -1.29
CA PHE A 53 -1.52 -8.78 -0.70
C PHE A 53 -0.76 -8.98 0.61
N TYR A 54 -1.48 -9.30 1.67
CA TYR A 54 -0.87 -9.51 2.98
C TYR A 54 -1.27 -10.86 3.55
N ARG A 55 -0.28 -11.63 4.00
CA ARG A 55 -0.53 -12.94 4.58
C ARG A 55 -1.46 -13.75 3.68
N GLY A 56 -1.24 -13.67 2.37
CA GLY A 56 -2.06 -14.41 1.43
C GLY A 56 -3.51 -13.99 1.49
N LYS A 57 -3.75 -12.71 1.77
CA LYS A 57 -5.10 -12.18 1.85
C LYS A 57 -5.22 -10.87 1.06
N GLN A 58 -5.86 -10.96 -0.11
CA GLN A 58 -6.04 -9.78 -0.96
C GLN A 58 -6.60 -8.62 -0.15
N LEU A 59 -5.71 -7.74 0.29
CA LEU A 59 -6.11 -6.57 1.08
C LEU A 59 -7.23 -5.80 0.37
N GLU A 60 -8.30 -5.54 1.11
CA GLU A 60 -9.45 -4.81 0.55
C GLU A 60 -9.36 -3.33 0.90
N ASN A 61 -10.33 -2.55 0.41
CA ASN A 61 -10.35 -1.12 0.65
C ASN A 61 -11.62 -0.73 1.41
N GLY A 62 -11.60 0.46 2.02
CA GLY A 62 -12.74 0.93 2.78
C GLY A 62 -12.56 0.76 4.27
N TYR A 63 -11.82 -0.26 4.67
CA TYR A 63 -11.57 -0.53 6.08
C TYR A 63 -10.28 0.13 6.54
N THR A 64 -9.98 -0.01 7.83
CA THR A 64 -8.76 0.57 8.40
C THR A 64 -7.85 -0.52 8.95
N LEU A 65 -6.56 -0.24 8.98
CA LEU A 65 -5.57 -1.19 9.49
C LEU A 65 -6.08 -1.88 10.75
N PHE A 66 -6.75 -1.12 11.61
CA PHE A 66 -7.29 -1.65 12.85
C PHE A 66 -8.21 -2.84 12.58
N ASP A 67 -9.06 -2.71 11.56
CA ASP A 67 -9.99 -3.76 11.19
C ASP A 67 -9.24 -5.06 10.90
N TYR A 68 -8.13 -4.95 10.18
CA TYR A 68 -7.32 -6.12 9.83
C TYR A 68 -6.27 -6.40 10.90
N ASP A 69 -6.05 -5.42 11.76
CA ASP A 69 -5.07 -5.55 12.84
C ASP A 69 -3.66 -5.69 12.27
N VAL A 70 -3.33 -4.83 11.32
CA VAL A 70 -2.01 -4.85 10.70
C VAL A 70 -0.93 -4.43 11.69
N GLY A 71 0.26 -5.01 11.52
CA GLY A 71 1.36 -4.68 12.42
C GLY A 71 2.27 -3.61 11.85
N LEU A 72 3.09 -3.02 12.71
CA LEU A 72 4.02 -1.97 12.29
C LEU A 72 5.16 -2.55 11.47
N ASN A 73 5.36 -1.99 10.29
CA ASN A 73 6.43 -2.44 9.40
C ASN A 73 6.10 -3.81 8.81
N ASP A 74 4.86 -3.97 8.35
CA ASP A 74 4.43 -5.22 7.76
C ASP A 74 4.66 -5.23 6.26
N ILE A 75 5.29 -6.31 5.77
CA ILE A 75 5.59 -6.44 4.35
C ILE A 75 4.34 -6.84 3.56
N ILE A 76 4.03 -6.07 2.53
CA ILE A 76 2.86 -6.36 1.70
C ILE A 76 3.24 -6.42 0.22
N GLN A 77 3.06 -7.59 -0.38
CA GLN A 77 3.38 -7.79 -1.79
C GLN A 77 2.59 -6.84 -2.67
N LEU A 78 3.26 -6.26 -3.65
CA LEU A 78 2.62 -5.32 -4.57
C LEU A 78 2.60 -5.88 -6.00
N LEU A 79 1.40 -5.99 -6.56
CA LEU A 79 1.24 -6.51 -7.91
C LEU A 79 0.58 -5.46 -8.82
N VAL A 80 1.36 -4.87 -9.70
CA VAL A 80 0.84 -3.86 -10.62
C VAL A 80 0.35 -4.51 -11.92
N ARG A 81 -0.60 -3.84 -12.57
CA ARG A 81 -1.16 -4.36 -13.82
C ARG A 81 -0.62 -3.58 -15.01
N PRO A 82 -0.31 -4.31 -16.10
CA PRO A 82 0.22 -3.71 -17.33
C PRO A 82 -0.80 -2.86 -18.06
N ASP A 83 -0.34 -1.93 -18.87
CA ASP A 83 -1.22 -1.05 -19.63
C ASP A 83 -1.75 -1.76 -20.87
N SER A 84 -0.84 -2.38 -21.62
CA SER A 84 -1.23 -3.10 -22.84
C SER A 84 -2.55 -3.82 -22.65
N GLY A 85 -2.73 -4.43 -21.48
CA GLY A 85 -3.96 -5.14 -21.19
C GLY A 85 -5.20 -4.37 -21.60
N PRO A 86 -6.23 -5.10 -22.06
CA PRO A 86 -7.49 -4.50 -22.49
C PRO A 86 -8.29 -3.92 -21.33
N SER A 87 -7.80 -4.14 -20.11
CA SER A 87 -8.47 -3.65 -18.92
C SER A 87 -8.92 -2.21 -19.11
N SER A 88 -9.79 -1.74 -18.21
CA SER A 88 -10.32 -0.38 -18.28
C SER A 88 -9.32 0.61 -17.69
N GLY A 89 -8.82 1.52 -18.52
CA GLY A 89 -7.87 2.51 -18.06
C GLY A 89 -7.32 3.35 -19.19
N GLY A 1 5.54 16.30 2.48
CA GLY A 1 4.33 15.56 2.78
C GLY A 1 3.71 15.97 4.10
N SER A 2 4.49 15.85 5.17
CA SER A 2 4.01 16.21 6.51
C SER A 2 5.14 16.11 7.52
N SER A 3 5.23 17.13 8.38
CA SER A 3 6.28 17.17 9.40
C SER A 3 5.78 16.53 10.70
N GLY A 4 6.12 15.26 10.90
CA GLY A 4 5.69 14.56 12.09
C GLY A 4 6.71 13.52 12.54
N SER A 5 6.42 12.85 13.65
CA SER A 5 7.31 11.84 14.19
C SER A 5 6.54 10.57 14.57
N SER A 6 5.44 10.76 15.27
CA SER A 6 4.60 9.64 15.70
C SER A 6 3.75 9.12 14.55
N GLY A 7 4.27 8.13 13.84
CA GLY A 7 3.54 7.56 12.72
C GLY A 7 3.92 6.12 12.45
N MET A 8 3.09 5.43 11.66
CA MET A 8 3.35 4.03 11.32
C MET A 8 3.88 3.91 9.90
N TRP A 9 4.82 2.99 9.70
CA TRP A 9 5.40 2.76 8.38
C TRP A 9 5.34 1.29 7.99
N ILE A 10 5.39 1.01 6.69
CA ILE A 10 5.36 -0.36 6.21
C ILE A 10 6.27 -0.53 5.00
N GLN A 11 6.52 -1.79 4.64
CA GLN A 11 7.38 -2.10 3.50
C GLN A 11 6.56 -2.57 2.30
N VAL A 12 6.56 -1.79 1.24
CA VAL A 12 5.82 -2.13 0.03
C VAL A 12 6.72 -2.79 -1.01
N ARG A 13 6.76 -4.11 -1.01
CA ARG A 13 7.58 -4.86 -1.95
C ARG A 13 6.72 -5.52 -3.01
N THR A 14 7.23 -5.54 -4.25
CA THR A 14 6.51 -6.14 -5.36
C THR A 14 6.51 -7.66 -5.25
N ILE A 15 5.34 -8.26 -5.46
CA ILE A 15 5.20 -9.71 -5.39
C ILE A 15 6.46 -10.40 -5.91
N ASP A 16 7.10 -9.79 -6.89
CA ASP A 16 8.32 -10.35 -7.48
C ASP A 16 9.53 -10.02 -6.61
N GLY A 17 9.79 -8.73 -6.43
CA GLY A 17 10.93 -8.31 -5.63
C GLY A 17 11.94 -7.51 -6.43
N SER A 18 11.47 -6.48 -7.13
CA SER A 18 12.34 -5.65 -7.94
C SER A 18 12.64 -4.33 -7.23
N LYS A 19 11.61 -3.72 -6.65
CA LYS A 19 11.76 -2.46 -5.94
C LYS A 19 10.91 -2.44 -4.67
N THR A 20 11.55 -2.14 -3.55
CA THR A 20 10.84 -2.09 -2.27
C THR A 20 10.92 -0.70 -1.65
N CYS A 21 9.76 -0.13 -1.33
CA CYS A 21 9.70 1.20 -0.74
C CYS A 21 9.08 1.14 0.66
N THR A 22 9.18 2.25 1.39
CA THR A 22 8.64 2.33 2.74
C THR A 22 7.66 3.49 2.87
N ILE A 23 6.38 3.17 3.05
CA ILE A 23 5.36 4.20 3.19
C ILE A 23 5.27 4.69 4.63
N GLU A 24 5.29 6.00 4.81
CA GLU A 24 5.21 6.60 6.13
C GLU A 24 3.94 7.41 6.28
N ASP A 25 3.68 7.88 7.50
CA ASP A 25 2.49 8.68 7.78
C ASP A 25 1.25 7.80 7.83
N VAL A 26 1.34 6.67 8.52
CA VAL A 26 0.23 5.74 8.65
C VAL A 26 -0.33 5.74 10.07
N SER A 27 -1.64 5.58 10.18
CA SER A 27 -2.30 5.55 11.48
C SER A 27 -3.01 4.22 11.70
N ARG A 28 -3.08 3.81 12.96
CA ARG A 28 -3.73 2.55 13.31
C ARG A 28 -5.17 2.52 12.80
N LYS A 29 -5.80 3.70 12.74
CA LYS A 29 -7.17 3.80 12.26
C LYS A 29 -7.22 4.47 10.89
N ALA A 30 -6.15 4.31 10.12
CA ALA A 30 -6.06 4.90 8.79
C ALA A 30 -6.67 3.96 7.76
N THR A 31 -7.55 4.51 6.92
CA THR A 31 -8.20 3.71 5.87
C THR A 31 -7.19 3.22 4.85
N ILE A 32 -7.55 2.14 4.16
CA ILE A 32 -6.68 1.56 3.15
C ILE A 32 -6.55 2.48 1.93
N GLU A 33 -7.63 3.17 1.61
CA GLU A 33 -7.64 4.10 0.47
C GLU A 33 -6.50 5.11 0.59
N GLU A 34 -6.21 5.53 1.82
CA GLU A 34 -5.15 6.49 2.06
C GLU A 34 -3.79 5.88 1.81
N LEU A 35 -3.69 4.57 2.01
CA LEU A 35 -2.42 3.85 1.81
C LEU A 35 -2.06 3.81 0.32
N ARG A 36 -2.98 3.28 -0.49
CA ARG A 36 -2.76 3.19 -1.92
C ARG A 36 -2.21 4.49 -2.48
N GLU A 37 -2.83 5.61 -2.08
CA GLU A 37 -2.41 6.92 -2.55
C GLU A 37 -0.89 7.06 -2.48
N ARG A 38 -0.31 6.73 -1.34
CA ARG A 38 1.13 6.81 -1.16
C ARG A 38 1.87 6.03 -2.24
N VAL A 39 1.54 4.75 -2.35
CA VAL A 39 2.17 3.88 -3.35
C VAL A 39 1.88 4.38 -4.76
N TRP A 40 0.77 5.09 -4.92
CA TRP A 40 0.38 5.63 -6.22
C TRP A 40 1.28 6.80 -6.62
N ALA A 41 1.78 7.52 -5.62
CA ALA A 41 2.65 8.67 -5.86
C ALA A 41 4.10 8.23 -6.02
N LEU A 42 4.46 7.16 -5.32
CA LEU A 42 5.83 6.64 -5.38
C LEU A 42 6.02 5.71 -6.57
N PHE A 43 5.17 4.68 -6.65
CA PHE A 43 5.24 3.72 -7.75
C PHE A 43 4.52 4.25 -8.98
N ASP A 44 4.04 5.49 -8.88
CA ASP A 44 3.32 6.11 -9.99
C ASP A 44 2.33 5.14 -10.61
N VAL A 45 1.57 4.44 -9.76
CA VAL A 45 0.58 3.49 -10.23
C VAL A 45 -0.76 3.71 -9.54
N ARG A 46 -1.81 3.88 -10.34
CA ARG A 46 -3.15 4.10 -9.79
C ARG A 46 -3.44 3.14 -8.65
N PRO A 47 -4.37 3.54 -7.77
CA PRO A 47 -4.76 2.72 -6.62
C PRO A 47 -5.53 1.46 -7.02
N GLU A 48 -6.01 1.45 -8.26
CA GLU A 48 -6.76 0.31 -8.77
C GLU A 48 -5.84 -0.66 -9.52
N CYS A 49 -4.78 -0.12 -10.10
CA CYS A 49 -3.83 -0.94 -10.84
C CYS A 49 -2.89 -1.68 -9.90
N GLN A 50 -2.45 -0.99 -8.85
CA GLN A 50 -1.54 -1.57 -7.88
C GLN A 50 -2.31 -2.37 -6.82
N ARG A 51 -2.05 -3.66 -6.75
CA ARG A 51 -2.72 -4.54 -5.79
C ARG A 51 -1.82 -4.83 -4.60
N LEU A 52 -2.40 -4.85 -3.42
CA LEU A 52 -1.65 -5.12 -2.19
C LEU A 52 -2.08 -6.44 -1.56
N PHE A 53 -1.11 -7.32 -1.31
CA PHE A 53 -1.40 -8.62 -0.71
C PHE A 53 -0.65 -8.78 0.61
N TYR A 54 -1.34 -9.30 1.61
CA TYR A 54 -0.75 -9.51 2.93
C TYR A 54 -1.10 -10.89 3.48
N ARG A 55 -0.08 -11.62 3.92
CA ARG A 55 -0.28 -12.96 4.47
C ARG A 55 -1.21 -13.77 3.59
N GLY A 56 -1.03 -13.66 2.27
CA GLY A 56 -1.86 -14.38 1.34
C GLY A 56 -3.31 -13.98 1.40
N LYS A 57 -3.54 -12.71 1.72
CA LYS A 57 -4.91 -12.18 1.82
C LYS A 57 -5.04 -10.88 1.04
N GLN A 58 -5.69 -10.94 -0.12
CA GLN A 58 -5.88 -9.77 -0.95
C GLN A 58 -6.47 -8.61 -0.14
N LEU A 59 -5.60 -7.72 0.32
CA LEU A 59 -6.03 -6.57 1.12
C LEU A 59 -7.14 -5.80 0.40
N GLU A 60 -8.24 -5.55 1.10
CA GLU A 60 -9.36 -4.83 0.54
C GLU A 60 -9.28 -3.34 0.90
N ASN A 61 -10.21 -2.56 0.35
CA ASN A 61 -10.25 -1.13 0.61
C ASN A 61 -11.52 -0.75 1.37
N GLY A 62 -11.56 0.47 1.87
CA GLY A 62 -12.72 0.94 2.61
C GLY A 62 -12.54 0.79 4.11
N TYR A 63 -11.86 -0.27 4.52
CA TYR A 63 -11.62 -0.53 5.94
C TYR A 63 -10.33 0.11 6.41
N THR A 64 -10.10 0.09 7.72
CA THR A 64 -8.89 0.67 8.30
C THR A 64 -7.96 -0.42 8.83
N LEU A 65 -6.67 -0.14 8.83
CA LEU A 65 -5.68 -1.10 9.33
C LEU A 65 -6.19 -1.82 10.57
N PHE A 66 -6.70 -1.04 11.53
CA PHE A 66 -7.22 -1.60 12.77
C PHE A 66 -8.15 -2.77 12.48
N ASP A 67 -8.99 -2.61 11.46
CA ASP A 67 -9.94 -3.66 11.08
C ASP A 67 -9.21 -4.97 10.79
N TYR A 68 -8.10 -4.87 10.06
CA TYR A 68 -7.32 -6.05 9.70
C TYR A 68 -6.26 -6.34 10.77
N ASP A 69 -6.03 -5.37 11.64
CA ASP A 69 -5.04 -5.52 12.70
C ASP A 69 -3.64 -5.68 12.13
N VAL A 70 -3.27 -4.75 11.25
CA VAL A 70 -1.94 -4.78 10.63
C VAL A 70 -0.87 -4.35 11.61
N GLY A 71 0.31 -4.98 11.51
CA GLY A 71 1.40 -4.65 12.40
C GLY A 71 2.31 -3.59 11.82
N LEU A 72 3.17 -3.02 12.66
CA LEU A 72 4.11 -1.99 12.22
C LEU A 72 5.26 -2.59 11.41
N ASN A 73 5.51 -2.01 10.24
CA ASN A 73 6.58 -2.49 9.37
C ASN A 73 6.23 -3.86 8.78
N ASP A 74 4.97 -4.02 8.39
CA ASP A 74 4.51 -5.27 7.81
C ASP A 74 4.70 -5.27 6.29
N ILE A 75 5.34 -6.31 5.79
CA ILE A 75 5.60 -6.43 4.35
C ILE A 75 4.32 -6.80 3.60
N ILE A 76 4.07 -6.11 2.49
CA ILE A 76 2.89 -6.37 1.68
C ILE A 76 3.24 -6.46 0.20
N GLN A 77 3.06 -7.65 -0.37
CA GLN A 77 3.35 -7.87 -1.78
C GLN A 77 2.53 -6.94 -2.67
N LEU A 78 3.20 -6.32 -3.64
CA LEU A 78 2.53 -5.40 -4.55
C LEU A 78 2.44 -5.99 -5.95
N LEU A 79 1.27 -5.91 -6.56
CA LEU A 79 1.06 -6.44 -7.90
C LEU A 79 0.34 -5.42 -8.78
N VAL A 80 1.09 -4.80 -9.68
CA VAL A 80 0.52 -3.80 -10.59
C VAL A 80 -0.16 -4.47 -11.79
N ARG A 81 -1.10 -3.76 -12.39
CA ARG A 81 -1.82 -4.28 -13.56
C ARG A 81 -1.32 -3.63 -14.84
N PRO A 82 -1.10 -4.46 -15.87
CA PRO A 82 -0.61 -3.98 -17.18
C PRO A 82 -1.68 -3.19 -17.93
N ASP A 83 -1.27 -2.06 -18.50
CA ASP A 83 -2.19 -1.21 -19.25
C ASP A 83 -3.09 -2.05 -20.16
N SER A 84 -4.25 -1.50 -20.50
CA SER A 84 -5.21 -2.19 -21.35
C SER A 84 -5.22 -1.59 -22.76
N GLY A 85 -5.32 -0.27 -22.83
CA GLY A 85 -5.35 0.40 -24.11
C GLY A 85 -4.69 1.76 -24.06
N PRO A 86 -4.73 2.49 -25.20
CA PRO A 86 -4.13 3.82 -25.30
C PRO A 86 -4.89 4.86 -24.49
N SER A 87 -6.00 4.45 -23.88
CA SER A 87 -6.82 5.35 -23.09
C SER A 87 -5.96 6.12 -22.09
N SER A 88 -6.36 7.37 -21.84
CA SER A 88 -5.62 8.22 -20.91
C SER A 88 -5.47 7.55 -19.55
N GLY A 89 -6.58 7.02 -19.03
CA GLY A 89 -6.56 6.35 -17.74
C GLY A 89 -7.25 7.17 -16.66
N GLY A 1 6.46 19.52 8.63
CA GLY A 1 7.12 18.38 9.26
C GLY A 1 6.76 18.26 10.73
N SER A 2 5.85 17.34 11.05
CA SER A 2 5.42 17.13 12.43
C SER A 2 6.56 16.58 13.27
N SER A 3 7.41 17.47 13.78
CA SER A 3 8.54 17.07 14.61
C SER A 3 8.07 16.34 15.86
N GLY A 4 8.08 15.02 15.80
CA GLY A 4 7.65 14.21 16.94
C GLY A 4 6.17 13.87 16.88
N SER A 5 5.86 12.70 16.32
CA SER A 5 4.49 12.25 16.21
C SER A 5 4.42 10.75 15.94
N SER A 6 3.61 10.05 16.71
CA SER A 6 3.46 8.60 16.56
C SER A 6 3.05 8.25 15.14
N GLY A 7 4.02 7.82 14.34
CA GLY A 7 3.74 7.45 12.96
C GLY A 7 4.10 6.01 12.67
N MET A 8 3.31 5.36 11.82
CA MET A 8 3.55 3.98 11.45
C MET A 8 4.08 3.88 10.03
N TRP A 9 4.97 2.91 9.79
CA TRP A 9 5.55 2.71 8.48
C TRP A 9 5.49 1.24 8.07
N ILE A 10 5.45 0.99 6.77
CA ILE A 10 5.40 -0.37 6.25
C ILE A 10 6.30 -0.53 5.03
N GLN A 11 6.57 -1.79 4.67
CA GLN A 11 7.41 -2.08 3.52
C GLN A 11 6.58 -2.60 2.34
N VAL A 12 6.51 -1.80 1.27
CA VAL A 12 5.75 -2.17 0.10
C VAL A 12 6.67 -2.76 -0.97
N ARG A 13 6.72 -4.10 -1.04
CA ARG A 13 7.55 -4.79 -2.02
C ARG A 13 6.69 -5.40 -3.12
N THR A 14 7.21 -5.38 -4.35
CA THR A 14 6.49 -5.93 -5.49
C THR A 14 6.48 -7.46 -5.45
N ILE A 15 5.32 -8.05 -5.71
CA ILE A 15 5.19 -9.50 -5.70
C ILE A 15 6.36 -10.17 -6.42
N ASP A 16 6.85 -9.51 -7.47
CA ASP A 16 7.97 -10.03 -8.24
C ASP A 16 9.28 -9.86 -7.48
N GLY A 17 9.46 -8.69 -6.88
CA GLY A 17 10.68 -8.42 -6.13
C GLY A 17 11.70 -7.65 -6.94
N SER A 18 11.36 -6.41 -7.31
CA SER A 18 12.26 -5.57 -8.09
C SER A 18 12.52 -4.25 -7.38
N LYS A 19 11.47 -3.68 -6.79
CA LYS A 19 11.59 -2.42 -6.06
C LYS A 19 10.80 -2.46 -4.76
N THR A 20 11.38 -1.90 -3.71
CA THR A 20 10.74 -1.87 -2.40
C THR A 20 10.82 -0.48 -1.78
N CYS A 21 9.68 0.02 -1.33
CA CYS A 21 9.60 1.34 -0.71
C CYS A 21 8.99 1.27 0.68
N THR A 22 9.22 2.30 1.48
CA THR A 22 8.69 2.34 2.84
C THR A 22 7.77 3.55 3.03
N ILE A 23 6.48 3.29 3.13
CA ILE A 23 5.50 4.36 3.33
C ILE A 23 5.40 4.77 4.79
N GLU A 24 5.56 6.06 5.06
CA GLU A 24 5.49 6.57 6.42
C GLU A 24 4.23 7.42 6.62
N ASP A 25 4.05 7.93 7.83
CA ASP A 25 2.88 8.75 8.14
C ASP A 25 1.60 7.93 8.11
N VAL A 26 1.65 6.74 8.70
CA VAL A 26 0.49 5.86 8.73
C VAL A 26 -0.12 5.80 10.13
N SER A 27 -1.44 5.64 10.18
CA SER A 27 -2.14 5.57 11.45
C SER A 27 -2.78 4.20 11.65
N ARG A 28 -2.97 3.81 12.92
CA ARG A 28 -3.56 2.53 13.24
C ARG A 28 -5.00 2.45 12.75
N LYS A 29 -5.63 3.60 12.57
CA LYS A 29 -7.00 3.67 12.09
C LYS A 29 -7.07 4.23 10.69
N ALA A 30 -5.92 4.30 10.02
CA ALA A 30 -5.85 4.82 8.66
C ALA A 30 -6.53 3.87 7.67
N THR A 31 -7.36 4.43 6.80
CA THR A 31 -8.08 3.64 5.82
C THR A 31 -7.12 3.10 4.74
N ILE A 32 -7.50 2.00 4.12
CA ILE A 32 -6.69 1.39 3.08
C ILE A 32 -6.64 2.28 1.83
N GLU A 33 -7.77 2.91 1.52
CA GLU A 33 -7.85 3.80 0.36
C GLU A 33 -6.77 4.87 0.40
N GLU A 34 -6.40 5.28 1.62
CA GLU A 34 -5.38 6.31 1.80
C GLU A 34 -3.99 5.73 1.52
N LEU A 35 -3.81 4.45 1.83
CA LEU A 35 -2.52 3.78 1.63
C LEU A 35 -2.14 3.80 0.14
N ARG A 36 -3.03 3.31 -0.70
CA ARG A 36 -2.79 3.26 -2.14
C ARG A 36 -2.27 4.61 -2.64
N GLU A 37 -3.00 5.67 -2.33
CA GLU A 37 -2.63 7.01 -2.75
C GLU A 37 -1.11 7.19 -2.68
N ARG A 38 -0.53 6.77 -1.55
CA ARG A 38 0.92 6.89 -1.35
C ARG A 38 1.68 6.09 -2.41
N VAL A 39 1.43 4.79 -2.46
CA VAL A 39 2.09 3.91 -3.42
C VAL A 39 1.90 4.43 -4.84
N TRP A 40 0.78 5.08 -5.09
CA TRP A 40 0.48 5.62 -6.41
C TRP A 40 1.35 6.83 -6.72
N ALA A 41 1.82 7.50 -5.67
CA ALA A 41 2.67 8.67 -5.82
C ALA A 41 4.14 8.26 -5.91
N LEU A 42 4.49 7.17 -5.25
CA LEU A 42 5.86 6.67 -5.25
C LEU A 42 6.12 5.77 -6.44
N PHE A 43 5.26 4.76 -6.62
CA PHE A 43 5.39 3.82 -7.73
C PHE A 43 4.71 4.36 -8.98
N ASP A 44 4.22 5.59 -8.89
CA ASP A 44 3.54 6.23 -10.02
C ASP A 44 2.60 5.24 -10.71
N VAL A 45 1.82 4.52 -9.92
CA VAL A 45 0.88 3.54 -10.45
C VAL A 45 -0.51 3.72 -9.85
N ARG A 46 -1.51 3.87 -10.70
CA ARG A 46 -2.88 4.06 -10.25
C ARG A 46 -3.20 3.12 -9.09
N PRO A 47 -4.15 3.54 -8.23
CA PRO A 47 -4.56 2.75 -7.07
C PRO A 47 -5.35 1.50 -7.47
N GLU A 48 -5.80 1.46 -8.72
CA GLU A 48 -6.57 0.33 -9.22
C GLU A 48 -5.65 -0.68 -9.90
N CYS A 49 -4.54 -0.19 -10.45
CA CYS A 49 -3.59 -1.04 -11.14
C CYS A 49 -2.69 -1.77 -10.14
N GLN A 50 -2.26 -1.05 -9.10
CA GLN A 50 -1.40 -1.62 -8.09
C GLN A 50 -2.22 -2.38 -7.05
N ARG A 51 -1.95 -3.68 -6.93
CA ARG A 51 -2.67 -4.52 -5.97
C ARG A 51 -1.80 -4.82 -4.76
N LEU A 52 -2.41 -4.81 -3.58
CA LEU A 52 -1.70 -5.07 -2.33
C LEU A 52 -2.17 -6.38 -1.70
N PHE A 53 -1.22 -7.22 -1.32
CA PHE A 53 -1.55 -8.51 -0.70
C PHE A 53 -0.79 -8.68 0.61
N TYR A 54 -1.46 -9.25 1.60
CA TYR A 54 -0.84 -9.47 2.91
C TYR A 54 -1.24 -10.83 3.47
N ARG A 55 -0.25 -11.58 3.95
CA ARG A 55 -0.49 -12.90 4.52
C ARG A 55 -1.39 -13.73 3.60
N GLY A 56 -1.12 -13.66 2.29
CA GLY A 56 -1.90 -14.41 1.34
C GLY A 56 -3.37 -14.02 1.35
N LYS A 57 -3.63 -12.76 1.72
CA LYS A 57 -5.00 -12.27 1.78
C LYS A 57 -5.14 -10.95 1.01
N GLN A 58 -5.75 -11.02 -0.16
CA GLN A 58 -5.94 -9.84 -0.99
C GLN A 58 -6.51 -8.68 -0.17
N LEU A 59 -5.64 -7.80 0.29
CA LEU A 59 -6.05 -6.66 1.08
C LEU A 59 -7.22 -5.92 0.42
N GLU A 60 -8.27 -5.67 1.19
CA GLU A 60 -9.44 -4.97 0.69
C GLU A 60 -9.37 -3.48 0.99
N ASN A 61 -10.31 -2.72 0.44
CA ASN A 61 -10.35 -1.28 0.64
C ASN A 61 -11.61 -0.88 1.41
N GLY A 62 -11.60 0.33 1.95
CA GLY A 62 -12.75 0.81 2.70
C GLY A 62 -12.57 0.68 4.20
N TYR A 63 -11.83 -0.35 4.60
CA TYR A 63 -11.59 -0.60 6.03
C TYR A 63 -10.29 0.06 6.48
N THR A 64 -10.06 0.06 7.79
CA THR A 64 -8.86 0.66 8.36
C THR A 64 -7.93 -0.40 8.93
N LEU A 65 -6.64 -0.14 8.89
CA LEU A 65 -5.64 -1.08 9.41
C LEU A 65 -6.16 -1.76 10.67
N PHE A 66 -6.77 -0.98 11.56
CA PHE A 66 -7.30 -1.53 12.81
C PHE A 66 -8.18 -2.73 12.54
N ASP A 67 -9.05 -2.62 11.54
CA ASP A 67 -9.95 -3.70 11.18
C ASP A 67 -9.17 -4.98 10.88
N TYR A 68 -8.15 -4.86 10.04
CA TYR A 68 -7.33 -6.01 9.67
C TYR A 68 -6.27 -6.30 10.73
N ASP A 69 -6.10 -5.35 11.64
CA ASP A 69 -5.12 -5.50 12.71
C ASP A 69 -3.71 -5.67 12.15
N VAL A 70 -3.29 -4.73 11.32
CA VAL A 70 -1.97 -4.76 10.71
C VAL A 70 -0.88 -4.38 11.71
N GLY A 71 0.30 -4.96 11.55
CA GLY A 71 1.39 -4.67 12.45
C GLY A 71 2.32 -3.60 11.90
N LEU A 72 3.23 -3.12 12.75
CA LEU A 72 4.18 -2.09 12.34
C LEU A 72 5.33 -2.69 11.53
N ASN A 73 5.62 -2.07 10.40
CA ASN A 73 6.70 -2.54 9.53
C ASN A 73 6.35 -3.89 8.92
N ASP A 74 5.10 -4.06 8.52
CA ASP A 74 4.63 -5.30 7.91
C ASP A 74 4.79 -5.26 6.39
N ILE A 75 5.42 -6.29 5.84
CA ILE A 75 5.63 -6.37 4.40
C ILE A 75 4.35 -6.77 3.68
N ILE A 76 4.08 -6.12 2.56
CA ILE A 76 2.88 -6.39 1.78
C ILE A 76 3.21 -6.48 0.29
N GLN A 77 3.02 -7.68 -0.28
CA GLN A 77 3.29 -7.89 -1.70
C GLN A 77 2.49 -6.92 -2.56
N LEU A 78 3.14 -6.37 -3.59
CA LEU A 78 2.48 -5.43 -4.49
C LEU A 78 2.47 -5.97 -5.92
N LEU A 79 1.29 -6.25 -6.43
CA LEU A 79 1.14 -6.76 -7.78
C LEU A 79 0.45 -5.73 -8.69
N VAL A 80 1.23 -5.11 -9.57
CA VAL A 80 0.70 -4.11 -10.49
C VAL A 80 0.24 -4.75 -11.78
N ARG A 81 -0.71 -4.10 -12.46
CA ARG A 81 -1.25 -4.61 -13.71
C ARG A 81 -0.57 -3.94 -14.90
N PRO A 82 -0.35 -4.71 -15.98
CA PRO A 82 0.27 -4.19 -17.20
C PRO A 82 -0.63 -3.22 -17.96
N ASP A 83 -0.02 -2.45 -18.86
CA ASP A 83 -0.78 -1.48 -19.65
C ASP A 83 -1.29 -2.11 -20.94
N SER A 84 -2.62 -2.19 -21.07
CA SER A 84 -3.23 -2.78 -22.25
C SER A 84 -3.70 -1.69 -23.21
N GLY A 85 -2.88 -0.66 -23.38
CA GLY A 85 -3.23 0.43 -24.27
C GLY A 85 -3.80 1.62 -23.54
N PRO A 86 -3.35 2.83 -23.90
CA PRO A 86 -3.81 4.07 -23.28
C PRO A 86 -5.26 4.39 -23.64
N SER A 87 -5.99 4.96 -22.69
CA SER A 87 -7.38 5.32 -22.90
C SER A 87 -8.10 4.25 -23.73
N SER A 88 -7.85 2.99 -23.40
CA SER A 88 -8.46 1.87 -24.11
C SER A 88 -8.63 0.67 -23.19
N GLY A 89 -9.84 0.13 -23.15
CA GLY A 89 -10.12 -1.02 -22.31
C GLY A 89 -10.74 -0.63 -20.98
N GLY A 1 -4.03 16.52 18.29
CA GLY A 1 -3.56 16.49 19.67
C GLY A 1 -2.20 17.10 19.84
N SER A 2 -1.16 16.29 19.68
CA SER A 2 0.21 16.76 19.83
C SER A 2 1.19 15.76 19.21
N SER A 3 1.84 16.16 18.12
CA SER A 3 2.81 15.30 17.45
C SER A 3 3.95 14.91 18.39
N GLY A 4 4.76 13.95 17.96
CA GLY A 4 5.88 13.51 18.78
C GLY A 4 6.30 12.09 18.45
N SER A 5 7.17 11.95 17.45
CA SER A 5 7.66 10.64 17.03
C SER A 5 6.50 9.67 16.83
N SER A 6 5.42 10.16 16.23
CA SER A 6 4.24 9.35 15.99
C SER A 6 4.07 9.08 14.50
N GLY A 7 3.67 7.86 14.15
CA GLY A 7 3.48 7.50 12.76
C GLY A 7 3.87 6.07 12.47
N MET A 8 3.09 5.40 11.63
CA MET A 8 3.36 4.01 11.27
C MET A 8 3.92 3.92 9.85
N TRP A 9 4.77 2.92 9.63
CA TRP A 9 5.38 2.72 8.32
C TRP A 9 5.40 1.24 7.94
N ILE A 10 5.36 0.96 6.65
CA ILE A 10 5.37 -0.42 6.16
C ILE A 10 6.27 -0.56 4.94
N GLN A 11 6.61 -1.80 4.60
CA GLN A 11 7.47 -2.07 3.45
C GLN A 11 6.64 -2.62 2.28
N VAL A 12 6.52 -1.82 1.23
CA VAL A 12 5.77 -2.23 0.05
C VAL A 12 6.68 -2.85 -1.00
N ARG A 13 6.72 -4.18 -1.02
CA ARG A 13 7.56 -4.90 -1.98
C ARG A 13 6.71 -5.50 -3.10
N THR A 14 7.24 -5.48 -4.31
CA THR A 14 6.53 -6.01 -5.47
C THR A 14 6.51 -7.53 -5.43
N ILE A 15 5.33 -8.11 -5.64
CA ILE A 15 5.18 -9.56 -5.63
C ILE A 15 6.37 -10.25 -6.27
N ASP A 16 6.83 -9.70 -7.40
CA ASP A 16 7.98 -10.24 -8.11
C ASP A 16 9.25 -10.14 -7.27
N GLY A 17 9.54 -8.94 -6.79
CA GLY A 17 10.72 -8.72 -5.98
C GLY A 17 11.81 -7.98 -6.73
N SER A 18 11.52 -6.76 -7.15
CA SER A 18 12.48 -5.95 -7.89
C SER A 18 12.64 -4.57 -7.26
N LYS A 19 11.51 -3.98 -6.86
CA LYS A 19 11.52 -2.66 -6.23
C LYS A 19 10.75 -2.68 -4.92
N THR A 20 11.28 -1.99 -3.92
CA THR A 20 10.64 -1.92 -2.61
C THR A 20 10.76 -0.52 -2.01
N CYS A 21 9.69 -0.07 -1.36
CA CYS A 21 9.67 1.25 -0.74
C CYS A 21 9.04 1.19 0.64
N THR A 22 9.23 2.25 1.42
CA THR A 22 8.68 2.32 2.76
C THR A 22 7.72 3.49 2.90
N ILE A 23 6.43 3.17 3.00
CA ILE A 23 5.40 4.19 3.15
C ILE A 23 5.27 4.66 4.59
N GLU A 24 5.43 5.97 4.80
CA GLU A 24 5.34 6.54 6.14
C GLU A 24 4.07 7.38 6.28
N ASP A 25 3.83 7.86 7.50
CA ASP A 25 2.65 8.68 7.78
C ASP A 25 1.39 7.82 7.79
N VAL A 26 1.45 6.69 8.48
CA VAL A 26 0.32 5.78 8.56
C VAL A 26 -0.25 5.75 9.97
N SER A 27 -1.57 5.61 10.07
CA SER A 27 -2.25 5.58 11.36
C SER A 27 -2.93 4.22 11.59
N ARG A 28 -2.99 3.81 12.84
CA ARG A 28 -3.62 2.53 13.19
C ARG A 28 -5.05 2.47 12.68
N LYS A 29 -5.70 3.63 12.64
CA LYS A 29 -7.09 3.71 12.19
C LYS A 29 -7.17 4.34 10.80
N ALA A 30 -6.05 4.30 10.07
CA ALA A 30 -5.99 4.87 8.73
C ALA A 30 -6.62 3.94 7.71
N THR A 31 -7.54 4.48 6.90
CA THR A 31 -8.20 3.69 5.88
C THR A 31 -7.22 3.19 4.83
N ILE A 32 -7.58 2.09 4.17
CA ILE A 32 -6.72 1.51 3.14
C ILE A 32 -6.68 2.39 1.90
N GLU A 33 -7.81 3.01 1.58
CA GLU A 33 -7.91 3.88 0.42
C GLU A 33 -6.83 4.97 0.45
N GLU A 34 -6.59 5.50 1.64
CA GLU A 34 -5.58 6.55 1.82
C GLU A 34 -4.18 5.99 1.61
N LEU A 35 -3.99 4.73 1.99
CA LEU A 35 -2.69 4.07 1.84
C LEU A 35 -2.27 4.02 0.37
N ARG A 36 -3.15 3.48 -0.46
CA ARG A 36 -2.88 3.35 -1.89
C ARG A 36 -2.28 4.65 -2.43
N GLU A 37 -2.97 5.76 -2.17
CA GLU A 37 -2.51 7.06 -2.64
C GLU A 37 -0.99 7.18 -2.53
N ARG A 38 -0.47 6.83 -1.35
CA ARG A 38 0.97 6.90 -1.11
C ARG A 38 1.74 6.08 -2.14
N VAL A 39 1.39 4.80 -2.26
CA VAL A 39 2.05 3.92 -3.22
C VAL A 39 1.86 4.42 -4.65
N TRP A 40 0.78 5.17 -4.87
CA TRP A 40 0.50 5.71 -6.20
C TRP A 40 1.42 6.87 -6.52
N ALA A 41 1.91 7.55 -5.49
CA ALA A 41 2.81 8.68 -5.67
C ALA A 41 4.26 8.22 -5.76
N LEU A 42 4.58 7.15 -5.05
CA LEU A 42 5.94 6.61 -5.05
C LEU A 42 6.16 5.68 -6.25
N PHE A 43 5.30 4.67 -6.37
CA PHE A 43 5.40 3.72 -7.47
C PHE A 43 4.75 4.27 -8.73
N ASP A 44 4.27 5.51 -8.65
CA ASP A 44 3.62 6.15 -9.77
C ASP A 44 2.64 5.20 -10.46
N VAL A 45 1.85 4.50 -9.65
CA VAL A 45 0.88 3.55 -10.18
C VAL A 45 -0.50 3.79 -9.56
N ARG A 46 -1.51 3.91 -10.42
CA ARG A 46 -2.88 4.14 -9.96
C ARG A 46 -3.22 3.22 -8.81
N PRO A 47 -4.17 3.66 -7.96
CA PRO A 47 -4.61 2.89 -6.79
C PRO A 47 -5.40 1.64 -7.19
N GLU A 48 -5.82 1.59 -8.45
CA GLU A 48 -6.59 0.45 -8.95
C GLU A 48 -5.69 -0.52 -9.70
N CYS A 49 -4.57 -0.01 -10.19
CA CYS A 49 -3.62 -0.83 -10.94
C CYS A 49 -2.70 -1.60 -9.98
N GLN A 50 -2.29 -0.94 -8.91
CA GLN A 50 -1.41 -1.56 -7.92
C GLN A 50 -2.20 -2.39 -6.93
N ARG A 51 -1.89 -3.69 -6.86
CA ARG A 51 -2.58 -4.59 -5.95
C ARG A 51 -1.71 -4.90 -4.73
N LEU A 52 -2.35 -5.02 -3.57
CA LEU A 52 -1.65 -5.31 -2.32
C LEU A 52 -2.12 -6.63 -1.73
N PHE A 53 -1.16 -7.46 -1.31
CA PHE A 53 -1.49 -8.75 -0.72
C PHE A 53 -0.76 -8.93 0.62
N TYR A 54 -1.51 -9.31 1.64
CA TYR A 54 -0.95 -9.51 2.98
C TYR A 54 -1.41 -10.84 3.56
N ARG A 55 -0.46 -11.60 4.09
CA ARG A 55 -0.76 -12.90 4.69
C ARG A 55 -1.61 -13.74 3.75
N GLY A 56 -1.37 -13.61 2.45
CA GLY A 56 -2.11 -14.36 1.46
C GLY A 56 -3.58 -13.97 1.41
N LYS A 57 -3.87 -12.72 1.76
CA LYS A 57 -5.23 -12.22 1.76
C LYS A 57 -5.33 -10.91 1.00
N GLN A 58 -5.91 -10.96 -0.19
CA GLN A 58 -6.07 -9.77 -1.02
C GLN A 58 -6.62 -8.60 -0.20
N LEU A 59 -5.73 -7.71 0.23
CA LEU A 59 -6.13 -6.55 1.03
C LEU A 59 -7.29 -5.83 0.38
N GLU A 60 -8.33 -5.57 1.16
CA GLU A 60 -9.51 -4.86 0.66
C GLU A 60 -9.43 -3.38 0.96
N ASN A 61 -10.42 -2.63 0.48
CA ASN A 61 -10.46 -1.19 0.70
C ASN A 61 -11.71 -0.79 1.48
N GLY A 62 -11.70 0.42 2.02
CA GLY A 62 -12.84 0.90 2.80
C GLY A 62 -12.64 0.74 4.29
N TYR A 63 -11.88 -0.27 4.68
CA TYR A 63 -11.61 -0.53 6.09
C TYR A 63 -10.32 0.14 6.54
N THR A 64 -10.08 0.12 7.85
CA THR A 64 -8.87 0.73 8.40
C THR A 64 -7.91 -0.34 8.90
N LEU A 65 -6.61 -0.05 8.79
CA LEU A 65 -5.58 -0.98 9.23
C LEU A 65 -6.02 -1.72 10.50
N PHE A 66 -6.53 -0.98 11.48
CA PHE A 66 -6.99 -1.56 12.73
C PHE A 66 -7.90 -2.76 12.46
N ASP A 67 -8.82 -2.60 11.51
CA ASP A 67 -9.76 -3.66 11.17
C ASP A 67 -9.01 -4.95 10.85
N TYR A 68 -8.04 -4.86 9.94
CA TYR A 68 -7.26 -6.03 9.54
C TYR A 68 -6.15 -6.31 10.54
N ASP A 69 -5.89 -5.33 11.41
CA ASP A 69 -4.85 -5.48 12.42
C ASP A 69 -3.47 -5.64 11.78
N VAL A 70 -3.12 -4.72 10.89
CA VAL A 70 -1.84 -4.76 10.20
C VAL A 70 -0.69 -4.51 11.17
N GLY A 71 0.43 -5.18 10.93
CA GLY A 71 1.59 -5.01 11.78
C GLY A 71 2.44 -3.82 11.40
N LEU A 72 3.15 -3.25 12.37
CA LEU A 72 4.00 -2.10 12.12
C LEU A 72 5.27 -2.51 11.38
N ASN A 73 5.56 -1.81 10.29
CA ASN A 73 6.75 -2.10 9.49
C ASN A 73 6.68 -3.50 8.89
N ASP A 74 5.47 -3.90 8.49
CA ASP A 74 5.26 -5.22 7.90
C ASP A 74 5.40 -5.17 6.39
N ILE A 75 5.75 -6.30 5.79
CA ILE A 75 5.91 -6.39 4.34
C ILE A 75 4.60 -6.77 3.65
N ILE A 76 4.27 -6.05 2.58
CA ILE A 76 3.05 -6.32 1.84
C ILE A 76 3.32 -6.44 0.34
N GLN A 77 3.13 -7.64 -0.20
CA GLN A 77 3.35 -7.88 -1.62
C GLN A 77 2.58 -6.88 -2.47
N LEU A 78 3.22 -6.41 -3.54
CA LEU A 78 2.58 -5.44 -4.43
C LEU A 78 2.57 -5.97 -5.86
N LEU A 79 1.38 -6.19 -6.40
CA LEU A 79 1.23 -6.69 -7.76
C LEU A 79 0.52 -5.66 -8.64
N VAL A 80 1.28 -5.03 -9.53
CA VAL A 80 0.72 -4.03 -10.44
C VAL A 80 0.17 -4.68 -11.70
N ARG A 81 -0.77 -4.00 -12.34
CA ARG A 81 -1.38 -4.50 -13.56
C ARG A 81 -0.65 -3.98 -14.80
N PRO A 82 -0.52 -4.84 -15.83
CA PRO A 82 0.16 -4.50 -17.07
C PRO A 82 -0.62 -3.47 -17.89
N ASP A 83 -0.25 -3.32 -19.16
CA ASP A 83 -0.91 -2.38 -20.05
C ASP A 83 -0.81 -0.95 -19.50
N SER A 84 0.39 -0.57 -19.10
CA SER A 84 0.63 0.77 -18.55
C SER A 84 1.49 1.59 -19.50
N GLY A 85 1.08 2.84 -19.73
CA GLY A 85 1.82 3.71 -20.62
C GLY A 85 1.04 4.94 -21.01
N PRO A 86 1.75 6.04 -21.29
CA PRO A 86 1.13 7.31 -21.68
C PRO A 86 0.52 7.25 -23.07
N SER A 87 0.61 6.09 -23.71
CA SER A 87 0.06 5.90 -25.05
C SER A 87 -1.46 5.96 -25.02
N SER A 88 -2.03 6.95 -25.70
CA SER A 88 -3.47 7.11 -25.75
C SER A 88 -4.16 5.77 -25.99
N GLY A 89 -5.32 5.59 -25.36
CA GLY A 89 -6.06 4.35 -25.52
C GLY A 89 -7.04 4.41 -26.67
N GLY A 1 5.24 23.92 13.41
CA GLY A 1 6.62 23.50 13.26
C GLY A 1 6.84 22.06 13.70
N SER A 2 8.10 21.70 13.92
CA SER A 2 8.43 20.34 14.34
C SER A 2 7.83 20.04 15.70
N SER A 3 6.81 19.19 15.72
CA SER A 3 6.13 18.81 16.96
C SER A 3 6.18 17.30 17.15
N GLY A 4 6.89 16.87 18.18
CA GLY A 4 6.99 15.44 18.47
C GLY A 4 5.71 14.69 18.17
N SER A 5 5.79 13.72 17.27
CA SER A 5 4.64 12.93 16.89
C SER A 5 5.05 11.53 16.45
N SER A 6 4.16 10.56 16.66
CA SER A 6 4.43 9.18 16.29
C SER A 6 3.77 8.83 14.96
N GLY A 7 4.27 7.80 14.30
CA GLY A 7 3.72 7.38 13.03
C GLY A 7 4.03 5.93 12.71
N MET A 8 3.26 5.36 11.78
CA MET A 8 3.47 3.97 11.38
C MET A 8 3.99 3.88 9.95
N TRP A 9 4.82 2.88 9.69
CA TRP A 9 5.40 2.69 8.37
C TRP A 9 5.39 1.21 7.98
N ILE A 10 5.36 0.94 6.68
CA ILE A 10 5.36 -0.43 6.19
C ILE A 10 6.26 -0.58 4.97
N GLN A 11 6.61 -1.82 4.63
CA GLN A 11 7.46 -2.09 3.49
C GLN A 11 6.65 -2.58 2.30
N VAL A 12 6.59 -1.77 1.26
CA VAL A 12 5.85 -2.12 0.05
C VAL A 12 6.75 -2.76 -0.99
N ARG A 13 6.79 -4.09 -0.99
CA ARG A 13 7.63 -4.83 -1.94
C ARG A 13 6.77 -5.47 -3.03
N THR A 14 7.27 -5.44 -4.26
CA THR A 14 6.55 -6.02 -5.40
C THR A 14 6.58 -7.54 -5.35
N ILE A 15 5.43 -8.15 -5.53
CA ILE A 15 5.33 -9.61 -5.51
C ILE A 15 6.52 -10.25 -6.20
N ASP A 16 6.92 -9.68 -7.33
CA ASP A 16 8.06 -10.20 -8.09
C ASP A 16 9.34 -10.10 -7.26
N GLY A 17 9.56 -8.93 -6.66
CA GLY A 17 10.76 -8.73 -5.86
C GLY A 17 11.84 -7.99 -6.61
N SER A 18 11.56 -6.75 -6.98
CA SER A 18 12.52 -5.94 -7.72
C SER A 18 12.67 -4.56 -7.07
N LYS A 19 11.55 -3.96 -6.70
CA LYS A 19 11.57 -2.65 -6.06
C LYS A 19 10.80 -2.68 -4.75
N THR A 20 11.32 -1.97 -3.74
CA THR A 20 10.68 -1.91 -2.43
C THR A 20 10.76 -0.50 -1.84
N CYS A 21 9.64 -0.03 -1.32
CA CYS A 21 9.59 1.30 -0.72
C CYS A 21 9.08 1.23 0.72
N THR A 22 9.19 2.36 1.42
CA THR A 22 8.74 2.43 2.82
C THR A 22 7.74 3.56 3.01
N ILE A 23 6.46 3.20 3.03
CA ILE A 23 5.40 4.19 3.22
C ILE A 23 5.31 4.62 4.69
N GLU A 24 5.29 5.93 4.91
CA GLU A 24 5.19 6.48 6.26
C GLU A 24 3.88 7.25 6.45
N ASP A 25 3.75 7.88 7.61
CA ASP A 25 2.55 8.65 7.92
C ASP A 25 1.32 7.76 7.94
N VAL A 26 1.43 6.64 8.65
CA VAL A 26 0.31 5.69 8.75
C VAL A 26 -0.25 5.67 10.17
N SER A 27 -1.56 5.46 10.28
CA SER A 27 -2.22 5.41 11.57
C SER A 27 -2.96 4.08 11.76
N ARG A 28 -3.10 3.67 13.01
CA ARG A 28 -3.78 2.41 13.33
C ARG A 28 -5.21 2.42 12.79
N LYS A 29 -5.81 3.60 12.75
CA LYS A 29 -7.18 3.75 12.26
C LYS A 29 -7.20 4.42 10.89
N ALA A 30 -6.11 4.27 10.15
CA ALA A 30 -6.00 4.86 8.82
C ALA A 30 -6.62 3.95 7.77
N THR A 31 -7.50 4.52 6.95
CA THR A 31 -8.17 3.77 5.90
C THR A 31 -7.17 3.28 4.86
N ILE A 32 -7.53 2.22 4.16
CA ILE A 32 -6.67 1.65 3.12
C ILE A 32 -6.55 2.59 1.93
N GLU A 33 -7.66 3.22 1.55
CA GLU A 33 -7.69 4.14 0.43
C GLU A 33 -6.55 5.14 0.54
N GLU A 34 -6.26 5.58 1.76
CA GLU A 34 -5.19 6.55 1.99
C GLU A 34 -3.83 5.95 1.67
N LEU A 35 -3.65 4.68 2.02
CA LEU A 35 -2.39 3.99 1.77
C LEU A 35 -2.06 4.00 0.29
N ARG A 36 -2.93 3.40 -0.53
CA ARG A 36 -2.72 3.35 -1.97
C ARG A 36 -2.18 4.68 -2.49
N GLU A 37 -2.87 5.77 -2.13
CA GLU A 37 -2.46 7.10 -2.57
C GLU A 37 -0.94 7.23 -2.57
N ARG A 38 -0.31 6.79 -1.48
CA ARG A 38 1.14 6.85 -1.36
C ARG A 38 1.82 6.04 -2.46
N VAL A 39 1.54 4.74 -2.48
CA VAL A 39 2.13 3.86 -3.48
C VAL A 39 1.85 4.35 -4.89
N TRP A 40 0.74 5.06 -5.06
CA TRP A 40 0.36 5.61 -6.36
C TRP A 40 1.23 6.80 -6.73
N ALA A 41 1.77 7.48 -5.71
CA ALA A 41 2.62 8.63 -5.93
C ALA A 41 4.08 8.22 -6.08
N LEU A 42 4.44 7.09 -5.46
CA LEU A 42 5.80 6.59 -5.52
C LEU A 42 5.98 5.65 -6.71
N PHE A 43 5.14 4.64 -6.79
CA PHE A 43 5.20 3.67 -7.89
C PHE A 43 4.46 4.18 -9.11
N ASP A 44 3.93 5.39 -9.00
CA ASP A 44 3.19 6.00 -10.11
C ASP A 44 2.21 5.02 -10.72
N VAL A 45 1.40 4.39 -9.87
CA VAL A 45 0.41 3.42 -10.33
C VAL A 45 -0.94 3.65 -9.66
N ARG A 46 -1.96 3.90 -10.46
CA ARG A 46 -3.31 4.14 -9.94
C ARG A 46 -3.58 3.24 -8.74
N PRO A 47 -4.50 3.69 -7.86
CA PRO A 47 -4.88 2.94 -6.67
C PRO A 47 -5.68 1.67 -7.00
N GLU A 48 -6.16 1.59 -8.23
CA GLU A 48 -6.92 0.43 -8.67
C GLU A 48 -6.03 -0.56 -9.41
N CYS A 49 -4.99 -0.05 -10.05
CA CYS A 49 -4.06 -0.91 -10.79
C CYS A 49 -3.17 -1.69 -9.84
N GLN A 50 -2.67 -1.02 -8.81
CA GLN A 50 -1.79 -1.67 -7.83
C GLN A 50 -2.59 -2.60 -6.93
N ARG A 51 -2.04 -3.79 -6.68
CA ARG A 51 -2.70 -4.77 -5.83
C ARG A 51 -1.86 -5.07 -4.59
N LEU A 52 -2.47 -4.94 -3.42
CA LEU A 52 -1.78 -5.19 -2.17
C LEU A 52 -2.20 -6.53 -1.57
N PHE A 53 -1.22 -7.34 -1.22
CA PHE A 53 -1.49 -8.66 -0.63
C PHE A 53 -0.73 -8.84 0.68
N TYR A 54 -1.42 -9.36 1.69
CA TYR A 54 -0.81 -9.59 2.99
C TYR A 54 -1.21 -10.96 3.55
N ARG A 55 -0.22 -11.70 4.03
CA ARG A 55 -0.46 -13.03 4.59
C ARG A 55 -1.39 -13.83 3.68
N GLY A 56 -1.16 -13.75 2.38
CA GLY A 56 -1.98 -14.48 1.43
C GLY A 56 -3.44 -14.04 1.46
N LYS A 57 -3.66 -12.77 1.79
CA LYS A 57 -5.01 -12.24 1.86
C LYS A 57 -5.11 -10.92 1.09
N GLN A 58 -5.74 -10.97 -0.08
CA GLN A 58 -5.90 -9.79 -0.91
C GLN A 58 -6.50 -8.63 -0.11
N LEU A 59 -5.63 -7.76 0.38
CA LEU A 59 -6.06 -6.61 1.16
C LEU A 59 -7.14 -5.82 0.42
N GLU A 60 -8.24 -5.55 1.11
CA GLU A 60 -9.35 -4.80 0.52
C GLU A 60 -9.25 -3.32 0.88
N ASN A 61 -10.15 -2.52 0.32
CA ASN A 61 -10.18 -1.09 0.59
C ASN A 61 -11.45 -0.69 1.32
N GLY A 62 -11.47 0.53 1.85
CA GLY A 62 -12.64 1.02 2.57
C GLY A 62 -12.50 0.86 4.07
N TYR A 63 -11.83 -0.20 4.49
CA TYR A 63 -11.62 -0.47 5.90
C TYR A 63 -10.32 0.15 6.40
N THR A 64 -10.11 0.09 7.71
CA THR A 64 -8.90 0.65 8.31
C THR A 64 -7.99 -0.45 8.84
N LEU A 65 -6.69 -0.18 8.84
CA LEU A 65 -5.71 -1.15 9.31
C LEU A 65 -6.21 -1.86 10.57
N PHE A 66 -6.76 -1.09 11.49
CA PHE A 66 -7.28 -1.65 12.74
C PHE A 66 -8.19 -2.83 12.47
N ASP A 67 -9.01 -2.72 11.43
CA ASP A 67 -9.94 -3.79 11.06
C ASP A 67 -9.18 -5.07 10.74
N TYR A 68 -8.08 -4.95 10.01
CA TYR A 68 -7.27 -6.10 9.64
C TYR A 68 -6.24 -6.41 10.71
N ASP A 69 -6.07 -5.47 11.64
CA ASP A 69 -5.11 -5.64 12.73
C ASP A 69 -3.69 -5.76 12.19
N VAL A 70 -3.35 -4.90 11.23
CA VAL A 70 -2.03 -4.91 10.63
C VAL A 70 -0.97 -4.50 11.64
N GLY A 71 0.23 -5.07 11.51
CA GLY A 71 1.31 -4.75 12.41
C GLY A 71 2.24 -3.68 11.87
N LEU A 72 3.07 -3.12 12.74
CA LEU A 72 4.00 -2.07 12.34
C LEU A 72 5.16 -2.65 11.53
N ASN A 73 5.46 -2.04 10.39
CA ASN A 73 6.54 -2.50 9.52
C ASN A 73 6.21 -3.86 8.92
N ASP A 74 4.97 -4.03 8.49
CA ASP A 74 4.53 -5.29 7.90
C ASP A 74 4.68 -5.25 6.38
N ILE A 75 5.42 -6.22 5.83
CA ILE A 75 5.64 -6.29 4.40
C ILE A 75 4.37 -6.71 3.66
N ILE A 76 4.10 -6.06 2.54
CA ILE A 76 2.92 -6.37 1.74
C ILE A 76 3.26 -6.46 0.25
N GLN A 77 3.09 -7.63 -0.32
CA GLN A 77 3.38 -7.84 -1.74
C GLN A 77 2.52 -6.93 -2.60
N LEU A 78 3.16 -6.26 -3.56
CA LEU A 78 2.46 -5.36 -4.46
C LEU A 78 2.47 -5.89 -5.89
N LEU A 79 1.30 -5.91 -6.51
CA LEU A 79 1.17 -6.40 -7.88
C LEU A 79 0.39 -5.41 -8.74
N VAL A 80 1.09 -4.73 -9.64
CA VAL A 80 0.45 -3.76 -10.53
C VAL A 80 -0.31 -4.45 -11.65
N ARG A 81 -1.31 -3.76 -12.20
CA ARG A 81 -2.11 -4.31 -13.27
C ARG A 81 -1.57 -3.90 -14.63
N PRO A 82 -1.46 -4.87 -15.56
CA PRO A 82 -0.96 -4.63 -16.91
C PRO A 82 -1.91 -3.78 -17.74
N ASP A 83 -1.37 -3.08 -18.73
CA ASP A 83 -2.17 -2.24 -19.62
C ASP A 83 -2.75 -3.06 -20.76
N SER A 84 -3.83 -3.79 -20.49
CA SER A 84 -4.48 -4.62 -21.50
C SER A 84 -5.75 -3.96 -22.00
N GLY A 85 -6.36 -4.56 -23.03
CA GLY A 85 -7.59 -4.01 -23.59
C GLY A 85 -7.35 -3.29 -24.91
N PRO A 86 -7.38 -4.04 -26.01
CA PRO A 86 -7.18 -3.49 -27.36
C PRO A 86 -8.33 -2.60 -27.80
N SER A 87 -9.32 -2.43 -26.92
CA SER A 87 -10.48 -1.60 -27.22
C SER A 87 -10.13 -0.12 -27.12
N SER A 88 -9.70 0.30 -25.94
CA SER A 88 -9.34 1.69 -25.70
C SER A 88 -7.83 1.90 -25.82
N GLY A 89 -7.44 2.82 -26.69
CA GLY A 89 -6.02 3.09 -26.89
C GLY A 89 -5.51 4.17 -25.96
N GLY A 1 10.36 12.38 19.97
CA GLY A 1 10.85 13.60 19.34
C GLY A 1 9.94 14.78 19.58
N SER A 2 8.64 14.55 19.53
CA SER A 2 7.65 15.61 19.74
C SER A 2 6.85 15.37 21.01
N SER A 3 6.36 16.45 21.61
CA SER A 3 5.57 16.35 22.84
C SER A 3 4.73 15.08 22.84
N GLY A 4 4.10 14.79 21.71
CA GLY A 4 3.27 13.60 21.60
C GLY A 4 2.87 13.29 20.18
N SER A 5 3.77 12.67 19.43
CA SER A 5 3.51 12.33 18.03
C SER A 5 3.98 10.91 17.73
N SER A 6 3.25 10.23 16.86
CA SER A 6 3.60 8.86 16.47
C SER A 6 3.18 8.57 15.03
N GLY A 7 3.92 7.70 14.37
CA GLY A 7 3.61 7.35 12.99
C GLY A 7 3.96 5.91 12.68
N MET A 8 3.19 5.31 11.77
CA MET A 8 3.42 3.93 11.37
C MET A 8 3.99 3.85 9.95
N TRP A 9 4.82 2.85 9.72
CA TRP A 9 5.44 2.67 8.41
C TRP A 9 5.42 1.20 7.99
N ILE A 10 5.44 0.97 6.69
CA ILE A 10 5.43 -0.39 6.15
C ILE A 10 6.34 -0.53 4.94
N GLN A 11 6.66 -1.76 4.59
CA GLN A 11 7.53 -2.03 3.44
C GLN A 11 6.73 -2.53 2.25
N VAL A 12 6.65 -1.70 1.22
CA VAL A 12 5.91 -2.06 0.01
C VAL A 12 6.83 -2.70 -1.03
N ARG A 13 6.82 -4.03 -1.07
CA ARG A 13 7.64 -4.77 -2.01
C ARG A 13 6.80 -5.36 -3.13
N THR A 14 7.34 -5.37 -4.34
CA THR A 14 6.64 -5.90 -5.50
C THR A 14 6.57 -7.42 -5.45
N ILE A 15 5.37 -7.96 -5.64
CA ILE A 15 5.17 -9.41 -5.62
C ILE A 15 6.33 -10.13 -6.28
N ASP A 16 6.92 -9.50 -7.29
CA ASP A 16 8.05 -10.09 -8.00
C ASP A 16 9.33 -10.01 -7.16
N GLY A 17 9.65 -8.81 -6.70
CA GLY A 17 10.85 -8.62 -5.89
C GLY A 17 11.94 -7.88 -6.63
N SER A 18 11.61 -6.68 -7.10
CA SER A 18 12.57 -5.86 -7.84
C SER A 18 12.73 -4.49 -7.18
N LYS A 19 11.62 -3.87 -6.84
CA LYS A 19 11.63 -2.56 -6.21
C LYS A 19 10.81 -2.58 -4.91
N THR A 20 11.33 -1.91 -3.89
CA THR A 20 10.65 -1.84 -2.60
C THR A 20 10.76 -0.45 -1.99
N CYS A 21 9.66 0.02 -1.38
CA CYS A 21 9.64 1.33 -0.76
C CYS A 21 9.06 1.26 0.65
N THR A 22 9.16 2.37 1.38
CA THR A 22 8.64 2.42 2.74
C THR A 22 7.68 3.59 2.91
N ILE A 23 6.40 3.28 3.08
CA ILE A 23 5.38 4.30 3.25
C ILE A 23 5.23 4.69 4.72
N GLU A 24 5.43 5.97 5.01
CA GLU A 24 5.31 6.46 6.38
C GLU A 24 4.03 7.26 6.57
N ASP A 25 3.87 7.86 7.75
CA ASP A 25 2.69 8.64 8.06
C ASP A 25 1.43 7.78 8.03
N VAL A 26 1.50 6.62 8.69
CA VAL A 26 0.37 5.70 8.75
C VAL A 26 -0.22 5.64 10.15
N SER A 27 -1.53 5.42 10.22
CA SER A 27 -2.22 5.34 11.52
C SER A 27 -2.93 4.00 11.66
N ARG A 28 -3.10 3.57 12.90
CA ARG A 28 -3.77 2.30 13.19
C ARG A 28 -5.20 2.31 12.66
N LYS A 29 -5.82 3.48 12.65
CA LYS A 29 -7.19 3.62 12.17
C LYS A 29 -7.22 4.32 10.81
N ALA A 30 -6.11 4.22 10.08
CA ALA A 30 -6.02 4.83 8.76
C ALA A 30 -6.63 3.94 7.69
N THR A 31 -7.52 4.50 6.88
CA THR A 31 -8.17 3.75 5.82
C THR A 31 -7.16 3.27 4.78
N ILE A 32 -7.51 2.22 4.06
CA ILE A 32 -6.64 1.66 3.04
C ILE A 32 -6.49 2.61 1.86
N GLU A 33 -7.58 3.29 1.52
CA GLU A 33 -7.57 4.25 0.41
C GLU A 33 -6.38 5.20 0.53
N GLU A 34 -6.14 5.68 1.75
CA GLU A 34 -5.04 6.60 2.00
C GLU A 34 -3.70 5.95 1.66
N LEU A 35 -3.57 4.67 1.99
CA LEU A 35 -2.33 3.94 1.72
C LEU A 35 -2.03 3.90 0.22
N ARG A 36 -3.02 3.50 -0.55
CA ARG A 36 -2.86 3.42 -2.00
C ARG A 36 -2.32 4.73 -2.57
N GLU A 37 -2.95 5.84 -2.19
CA GLU A 37 -2.54 7.15 -2.66
C GLU A 37 -1.02 7.29 -2.62
N ARG A 38 -0.41 6.82 -1.53
CA ARG A 38 1.03 6.90 -1.37
C ARG A 38 1.74 6.06 -2.44
N VAL A 39 1.47 4.77 -2.44
CA VAL A 39 2.08 3.86 -3.42
C VAL A 39 1.83 4.34 -4.85
N TRP A 40 0.71 5.03 -5.04
CA TRP A 40 0.35 5.54 -6.36
C TRP A 40 1.21 6.73 -6.73
N ALA A 41 1.68 7.46 -5.72
CA ALA A 41 2.52 8.63 -5.94
C ALA A 41 3.99 8.24 -6.08
N LEU A 42 4.37 7.18 -5.37
CA LEU A 42 5.75 6.70 -5.41
C LEU A 42 5.97 5.77 -6.60
N PHE A 43 5.13 4.75 -6.71
CA PHE A 43 5.23 3.79 -7.80
C PHE A 43 4.49 4.30 -9.04
N ASP A 44 4.03 5.53 -8.97
CA ASP A 44 3.30 6.13 -10.09
C ASP A 44 2.34 5.13 -10.71
N VAL A 45 1.61 4.42 -9.88
CA VAL A 45 0.65 3.42 -10.35
C VAL A 45 -0.73 3.63 -9.71
N ARG A 46 -1.74 3.79 -10.55
CA ARG A 46 -3.10 4.00 -10.07
C ARG A 46 -3.41 3.08 -8.91
N PRO A 47 -4.38 3.49 -8.06
CA PRO A 47 -4.79 2.72 -6.89
C PRO A 47 -5.53 1.45 -7.27
N GLU A 48 -5.96 1.36 -8.53
CA GLU A 48 -6.68 0.19 -9.02
C GLU A 48 -5.73 -0.78 -9.70
N CYS A 49 -4.69 -0.25 -10.32
CA CYS A 49 -3.71 -1.08 -11.01
C CYS A 49 -2.80 -1.81 -10.02
N GLN A 50 -2.39 -1.10 -8.97
CA GLN A 50 -1.53 -1.67 -7.95
C GLN A 50 -2.33 -2.48 -6.94
N ARG A 51 -2.02 -3.76 -6.84
CA ARG A 51 -2.72 -4.65 -5.92
C ARG A 51 -1.87 -4.92 -4.68
N LEU A 52 -2.52 -5.01 -3.53
CA LEU A 52 -1.82 -5.26 -2.27
C LEU A 52 -2.24 -6.61 -1.68
N PHE A 53 -1.26 -7.38 -1.24
CA PHE A 53 -1.52 -8.69 -0.66
C PHE A 53 -0.75 -8.87 0.65
N TYR A 54 -1.43 -9.36 1.67
CA TYR A 54 -0.80 -9.58 2.97
C TYR A 54 -1.20 -10.94 3.55
N ARG A 55 -0.22 -11.67 4.06
CA ARG A 55 -0.46 -12.98 4.64
C ARG A 55 -1.42 -13.79 3.76
N GLY A 56 -1.18 -13.77 2.46
CA GLY A 56 -2.03 -14.51 1.54
C GLY A 56 -3.48 -14.05 1.60
N LYS A 57 -3.69 -12.78 1.88
CA LYS A 57 -5.03 -12.22 1.98
C LYS A 57 -5.15 -10.93 1.18
N GLN A 58 -5.80 -11.01 0.02
CA GLN A 58 -5.98 -9.85 -0.84
C GLN A 58 -6.55 -8.67 -0.05
N LEU A 59 -5.66 -7.78 0.38
CA LEU A 59 -6.08 -6.61 1.14
C LEU A 59 -7.14 -5.81 0.39
N GLU A 60 -8.26 -5.55 1.05
CA GLU A 60 -9.35 -4.79 0.44
C GLU A 60 -9.26 -3.31 0.82
N ASN A 61 -10.10 -2.50 0.19
CA ASN A 61 -10.13 -1.06 0.46
C ASN A 61 -11.42 -0.67 1.17
N GLY A 62 -11.43 0.55 1.72
CA GLY A 62 -12.61 1.02 2.43
C GLY A 62 -12.48 0.87 3.94
N TYR A 63 -11.81 -0.18 4.37
CA TYR A 63 -11.61 -0.43 5.80
C TYR A 63 -10.30 0.18 6.29
N THR A 64 -10.09 0.11 7.60
CA THR A 64 -8.88 0.66 8.20
C THR A 64 -7.99 -0.45 8.73
N LEU A 65 -6.68 -0.19 8.75
CA LEU A 65 -5.71 -1.17 9.24
C LEU A 65 -6.25 -1.90 10.46
N PHE A 66 -6.76 -1.14 11.42
CA PHE A 66 -7.31 -1.72 12.65
C PHE A 66 -8.21 -2.90 12.34
N ASP A 67 -9.03 -2.76 11.30
CA ASP A 67 -9.95 -3.82 10.90
C ASP A 67 -9.18 -5.11 10.59
N TYR A 68 -8.04 -4.98 9.91
CA TYR A 68 -7.23 -6.13 9.55
C TYR A 68 -6.19 -6.41 10.64
N ASP A 69 -6.07 -5.49 11.59
CA ASP A 69 -5.12 -5.65 12.69
C ASP A 69 -3.70 -5.77 12.15
N VAL A 70 -3.36 -4.93 11.18
CA VAL A 70 -2.02 -4.95 10.58
C VAL A 70 -0.96 -4.51 11.58
N GLY A 71 0.20 -5.15 11.53
CA GLY A 71 1.28 -4.81 12.45
C GLY A 71 2.15 -3.70 11.90
N LEU A 72 3.12 -3.27 12.71
CA LEU A 72 4.02 -2.19 12.31
C LEU A 72 5.18 -2.74 11.48
N ASN A 73 5.45 -2.09 10.35
CA ASN A 73 6.52 -2.50 9.46
C ASN A 73 6.23 -3.89 8.87
N ASP A 74 4.97 -4.13 8.54
CA ASP A 74 4.56 -5.40 7.97
C ASP A 74 4.72 -5.39 6.44
N ILE A 75 5.45 -6.36 5.92
CA ILE A 75 5.67 -6.45 4.48
C ILE A 75 4.39 -6.84 3.75
N ILE A 76 4.07 -6.10 2.69
CA ILE A 76 2.87 -6.36 1.91
C ILE A 76 3.20 -6.45 0.43
N GLN A 77 2.99 -7.63 -0.15
CA GLN A 77 3.26 -7.85 -1.57
C GLN A 77 2.46 -6.88 -2.43
N LEU A 78 3.10 -6.35 -3.47
CA LEU A 78 2.44 -5.41 -4.36
C LEU A 78 2.44 -5.94 -5.80
N LEU A 79 1.26 -6.21 -6.31
CA LEU A 79 1.11 -6.72 -7.68
C LEU A 79 0.42 -5.70 -8.57
N VAL A 80 1.19 -5.08 -9.45
CA VAL A 80 0.65 -4.07 -10.36
C VAL A 80 0.12 -4.73 -11.64
N ARG A 81 -0.81 -4.05 -12.30
CA ARG A 81 -1.40 -4.56 -13.53
C ARG A 81 -0.99 -3.71 -14.73
N PRO A 82 -0.56 -4.37 -15.81
CA PRO A 82 -0.13 -3.69 -17.04
C PRO A 82 -1.30 -3.06 -17.77
N ASP A 83 -1.21 -1.75 -18.00
CA ASP A 83 -2.26 -1.01 -18.69
C ASP A 83 -1.99 -0.99 -20.19
N SER A 84 -3.02 -1.26 -20.98
CA SER A 84 -2.90 -1.27 -22.44
C SER A 84 -3.76 -0.17 -23.07
N GLY A 85 -3.24 1.05 -23.07
CA GLY A 85 -3.98 2.16 -23.64
C GLY A 85 -5.39 2.25 -23.11
N PRO A 86 -6.25 3.00 -23.81
CA PRO A 86 -7.65 3.19 -23.43
C PRO A 86 -8.47 1.91 -23.58
N SER A 87 -9.71 1.95 -23.10
CA SER A 87 -10.60 0.79 -23.18
C SER A 87 -12.06 1.23 -23.18
N SER A 88 -12.94 0.33 -23.61
CA SER A 88 -14.37 0.62 -23.66
C SER A 88 -14.85 1.22 -22.34
N GLY A 89 -16.00 1.89 -22.38
CA GLY A 89 -16.54 2.52 -21.19
C GLY A 89 -18.05 2.64 -21.24
N GLY A 1 -3.54 16.86 18.57
CA GLY A 1 -2.84 15.65 19.00
C GLY A 1 -1.80 15.94 20.06
N SER A 2 -1.78 15.13 21.11
CA SER A 2 -0.83 15.30 22.20
C SER A 2 0.57 15.57 21.66
N SER A 3 1.29 16.47 22.32
CA SER A 3 2.64 16.82 21.90
C SER A 3 3.57 15.61 21.96
N GLY A 4 4.21 15.29 20.84
CA GLY A 4 5.10 14.16 20.78
C GLY A 4 4.39 12.86 20.46
N SER A 5 4.40 12.49 19.18
CA SER A 5 3.75 11.26 18.74
C SER A 5 4.66 10.45 17.83
N SER A 6 4.21 9.25 17.48
CA SER A 6 4.99 8.37 16.61
C SER A 6 4.16 7.90 15.43
N GLY A 7 4.80 7.78 14.26
CA GLY A 7 4.11 7.34 13.07
C GLY A 7 4.43 5.91 12.71
N MET A 8 3.55 5.28 11.93
CA MET A 8 3.75 3.90 11.51
C MET A 8 4.21 3.83 10.06
N TRP A 9 5.05 2.86 9.76
CA TRP A 9 5.57 2.68 8.40
C TRP A 9 5.46 1.23 7.96
N ILE A 10 5.37 1.02 6.65
CA ILE A 10 5.26 -0.34 6.11
C ILE A 10 6.19 -0.52 4.91
N GLN A 11 6.46 -1.77 4.58
CA GLN A 11 7.35 -2.08 3.45
C GLN A 11 6.53 -2.55 2.25
N VAL A 12 6.50 -1.73 1.20
CA VAL A 12 5.77 -2.08 -0.02
C VAL A 12 6.68 -2.72 -1.05
N ARG A 13 6.78 -4.03 -1.02
CA ARG A 13 7.62 -4.76 -1.96
C ARG A 13 6.78 -5.39 -3.07
N THR A 14 7.32 -5.40 -4.29
CA THR A 14 6.63 -5.97 -5.43
C THR A 14 6.60 -7.50 -5.36
N ILE A 15 5.41 -8.07 -5.51
CA ILE A 15 5.25 -9.51 -5.47
C ILE A 15 6.45 -10.22 -6.12
N ASP A 16 7.01 -9.60 -7.14
CA ASP A 16 8.16 -10.16 -7.84
C ASP A 16 9.42 -10.01 -7.01
N GLY A 17 9.77 -8.77 -6.69
CA GLY A 17 10.96 -8.51 -5.90
C GLY A 17 11.99 -7.67 -6.65
N SER A 18 11.52 -6.58 -7.24
CA SER A 18 12.41 -5.69 -8.00
C SER A 18 12.35 -4.27 -7.45
N LYS A 19 11.14 -3.83 -7.11
CA LYS A 19 10.94 -2.49 -6.57
C LYS A 19 10.35 -2.54 -5.17
N THR A 20 10.94 -1.77 -4.25
CA THR A 20 10.45 -1.74 -2.87
C THR A 20 10.55 -0.33 -2.29
N CYS A 21 9.58 0.03 -1.46
CA CYS A 21 9.56 1.35 -0.84
C CYS A 21 8.98 1.27 0.57
N THR A 22 9.27 2.30 1.37
CA THR A 22 8.78 2.35 2.75
C THR A 22 7.84 3.52 2.95
N ILE A 23 6.54 3.24 3.00
CA ILE A 23 5.54 4.28 3.20
C ILE A 23 5.45 4.68 4.66
N GLU A 24 5.50 5.99 4.92
CA GLU A 24 5.43 6.51 6.27
C GLU A 24 4.15 7.33 6.48
N ASP A 25 3.92 7.76 7.70
CA ASP A 25 2.74 8.56 8.03
C ASP A 25 1.48 7.69 8.04
N VAL A 26 1.58 6.53 8.68
CA VAL A 26 0.45 5.61 8.76
C VAL A 26 -0.19 5.64 10.15
N SER A 27 -1.50 5.47 10.20
CA SER A 27 -2.24 5.49 11.46
C SER A 27 -2.96 4.17 11.67
N ARG A 28 -3.18 3.82 12.94
CA ARG A 28 -3.86 2.58 13.29
C ARG A 28 -5.28 2.56 12.72
N LYS A 29 -5.88 3.75 12.61
CA LYS A 29 -7.24 3.87 12.09
C LYS A 29 -7.22 4.49 10.69
N ALA A 30 -6.12 4.31 9.98
CA ALA A 30 -5.98 4.84 8.64
C ALA A 30 -6.61 3.91 7.61
N THR A 31 -7.54 4.45 6.82
CA THR A 31 -8.22 3.66 5.80
C THR A 31 -7.24 3.18 4.73
N ILE A 32 -7.61 2.12 4.03
CA ILE A 32 -6.76 1.57 2.97
C ILE A 32 -6.70 2.50 1.76
N GLU A 33 -7.81 3.17 1.49
CA GLU A 33 -7.88 4.09 0.37
C GLU A 33 -6.77 5.13 0.44
N GLU A 34 -6.45 5.57 1.65
CA GLU A 34 -5.40 6.56 1.86
C GLU A 34 -4.02 5.96 1.61
N LEU A 35 -3.89 4.67 1.89
CA LEU A 35 -2.63 3.97 1.70
C LEU A 35 -2.24 3.93 0.22
N ARG A 36 -3.17 3.46 -0.61
CA ARG A 36 -2.92 3.38 -2.04
C ARG A 36 -2.36 4.69 -2.59
N GLU A 37 -3.00 5.80 -2.22
CA GLU A 37 -2.57 7.12 -2.66
C GLU A 37 -1.05 7.24 -2.57
N ARG A 38 -0.48 6.76 -1.48
CA ARG A 38 0.95 6.82 -1.26
C ARG A 38 1.69 6.00 -2.32
N VAL A 39 1.40 4.71 -2.37
CA VAL A 39 2.03 3.81 -3.34
C VAL A 39 1.84 4.33 -4.77
N TRP A 40 0.73 5.00 -5.01
CA TRP A 40 0.43 5.54 -6.32
C TRP A 40 1.33 6.74 -6.65
N ALA A 41 1.77 7.43 -5.60
CA ALA A 41 2.64 8.59 -5.77
C ALA A 41 4.10 8.17 -5.84
N LEU A 42 4.43 7.07 -5.17
CA LEU A 42 5.80 6.57 -5.16
C LEU A 42 6.05 5.63 -6.33
N PHE A 43 5.18 4.63 -6.48
CA PHE A 43 5.31 3.67 -7.56
C PHE A 43 4.64 4.20 -8.83
N ASP A 44 4.18 5.44 -8.79
CA ASP A 44 3.51 6.06 -9.93
C ASP A 44 2.57 5.06 -10.60
N VAL A 45 1.79 4.35 -9.80
CA VAL A 45 0.84 3.37 -10.32
C VAL A 45 -0.55 3.57 -9.73
N ARG A 46 -1.53 3.79 -10.59
CA ARG A 46 -2.90 4.00 -10.15
C ARG A 46 -3.24 3.08 -8.98
N PRO A 47 -4.22 3.51 -8.16
CA PRO A 47 -4.66 2.75 -6.99
C PRO A 47 -5.39 1.47 -7.37
N GLU A 48 -5.79 1.38 -8.63
CA GLU A 48 -6.51 0.21 -9.13
C GLU A 48 -5.56 -0.75 -9.85
N CYS A 49 -4.45 -0.21 -10.34
CA CYS A 49 -3.47 -1.02 -11.05
C CYS A 49 -2.56 -1.75 -10.07
N GLN A 50 -2.21 -1.09 -8.97
CA GLN A 50 -1.35 -1.68 -7.96
C GLN A 50 -2.16 -2.50 -6.96
N ARG A 51 -1.86 -3.79 -6.87
CA ARG A 51 -2.56 -4.68 -5.96
C ARG A 51 -1.73 -4.94 -4.71
N LEU A 52 -2.40 -5.02 -3.56
CA LEU A 52 -1.73 -5.25 -2.29
C LEU A 52 -2.16 -6.58 -1.68
N PHE A 53 -1.19 -7.39 -1.28
CA PHE A 53 -1.47 -8.69 -0.68
C PHE A 53 -0.71 -8.86 0.63
N TYR A 54 -1.42 -9.32 1.66
CA TYR A 54 -0.82 -9.52 2.97
C TYR A 54 -1.21 -10.88 3.54
N ARG A 55 -0.22 -11.63 4.00
CA ARG A 55 -0.46 -12.94 4.58
C ARG A 55 -1.42 -13.76 3.71
N GLY A 56 -1.19 -13.71 2.40
CA GLY A 56 -2.04 -14.44 1.48
C GLY A 56 -3.48 -14.00 1.54
N LYS A 57 -3.69 -12.72 1.82
CA LYS A 57 -5.04 -12.16 1.91
C LYS A 57 -5.16 -10.89 1.08
N GLN A 58 -5.81 -10.99 -0.07
CA GLN A 58 -5.99 -9.85 -0.95
C GLN A 58 -6.53 -8.65 -0.18
N LEU A 59 -5.65 -7.76 0.22
CA LEU A 59 -6.03 -6.57 0.97
C LEU A 59 -7.14 -5.81 0.25
N GLU A 60 -8.24 -5.56 0.95
CA GLU A 60 -9.37 -4.85 0.38
C GLU A 60 -9.32 -3.36 0.73
N ASN A 61 -10.25 -2.59 0.19
CA ASN A 61 -10.31 -1.15 0.45
C ASN A 61 -11.59 -0.79 1.19
N GLY A 62 -11.61 0.42 1.76
CA GLY A 62 -12.77 0.88 2.50
C GLY A 62 -12.60 0.72 4.00
N TYR A 63 -11.91 -0.33 4.41
CA TYR A 63 -11.69 -0.60 5.83
C TYR A 63 -10.41 0.08 6.32
N THR A 64 -10.14 -0.03 7.61
CA THR A 64 -8.96 0.58 8.21
C THR A 64 -8.01 -0.49 8.75
N LEU A 65 -6.73 -0.16 8.78
CA LEU A 65 -5.71 -1.09 9.28
C LEU A 65 -6.18 -1.77 10.57
N PHE A 66 -6.81 -0.99 11.45
CA PHE A 66 -7.31 -1.51 12.71
C PHE A 66 -8.21 -2.73 12.48
N ASP A 67 -9.06 -2.64 11.47
CA ASP A 67 -9.97 -3.73 11.14
C ASP A 67 -9.19 -5.01 10.78
N TYR A 68 -8.10 -4.83 10.07
CA TYR A 68 -7.27 -5.97 9.66
C TYR A 68 -6.23 -6.29 10.73
N ASP A 69 -6.02 -5.35 11.64
CA ASP A 69 -5.05 -5.54 12.72
C ASP A 69 -3.63 -5.64 12.17
N VAL A 70 -3.29 -4.74 11.26
CA VAL A 70 -1.97 -4.73 10.65
C VAL A 70 -0.90 -4.34 11.67
N GLY A 71 0.28 -4.95 11.55
CA GLY A 71 1.36 -4.66 12.47
C GLY A 71 2.31 -3.61 11.93
N LEU A 72 3.21 -3.14 12.78
CA LEU A 72 4.18 -2.12 12.39
C LEU A 72 5.32 -2.74 11.59
N ASN A 73 5.61 -2.15 10.42
CA ASN A 73 6.67 -2.63 9.56
C ASN A 73 6.29 -3.98 8.94
N ASP A 74 5.04 -4.10 8.52
CA ASP A 74 4.55 -5.33 7.90
C ASP A 74 4.72 -5.27 6.39
N ILE A 75 5.41 -6.27 5.85
CA ILE A 75 5.65 -6.34 4.42
C ILE A 75 4.38 -6.75 3.67
N ILE A 76 4.07 -6.02 2.59
CA ILE A 76 2.89 -6.31 1.79
C ILE A 76 3.24 -6.40 0.31
N GLN A 77 3.10 -7.60 -0.24
CA GLN A 77 3.40 -7.83 -1.65
C GLN A 77 2.60 -6.88 -2.53
N LEU A 78 3.26 -6.31 -3.54
CA LEU A 78 2.61 -5.38 -4.46
C LEU A 78 2.62 -5.94 -5.88
N LEU A 79 1.42 -6.14 -6.43
CA LEU A 79 1.27 -6.66 -7.78
C LEU A 79 0.58 -5.65 -8.69
N VAL A 80 1.34 -5.03 -9.57
CA VAL A 80 0.79 -4.04 -10.50
C VAL A 80 0.19 -4.71 -11.72
N ARG A 81 -0.75 -4.03 -12.37
CA ARG A 81 -1.41 -4.56 -13.55
C ARG A 81 -0.87 -3.89 -14.82
N PRO A 82 -0.67 -4.69 -15.87
CA PRO A 82 -0.16 -4.21 -17.15
C PRO A 82 -1.18 -3.33 -17.89
N ASP A 83 -0.68 -2.29 -18.55
CA ASP A 83 -1.55 -1.37 -19.29
C ASP A 83 -2.17 -2.07 -20.50
N SER A 84 -3.42 -1.73 -20.78
CA SER A 84 -4.12 -2.33 -21.91
C SER A 84 -3.45 -1.96 -23.23
N GLY A 85 -2.85 -0.78 -23.27
CA GLY A 85 -2.18 -0.33 -24.48
C GLY A 85 -1.69 1.10 -24.37
N PRO A 86 -1.46 1.74 -25.53
CA PRO A 86 -0.99 3.12 -25.58
C PRO A 86 -2.04 4.12 -25.13
N SER A 87 -3.30 3.80 -25.38
CA SER A 87 -4.41 4.67 -25.00
C SER A 87 -4.10 5.39 -23.68
N SER A 88 -4.51 6.65 -23.60
CA SER A 88 -4.29 7.44 -22.41
C SER A 88 -5.41 8.45 -22.19
N GLY A 89 -6.12 8.32 -21.09
CA GLY A 89 -7.23 9.22 -20.78
C GLY A 89 -6.87 10.67 -21.07
N GLY A 1 15.55 16.78 23.24
CA GLY A 1 14.48 15.87 22.85
C GLY A 1 13.42 16.53 22.00
N SER A 2 12.47 15.73 21.51
CA SER A 2 11.40 16.25 20.67
C SER A 2 10.07 16.22 21.41
N SER A 3 9.23 17.22 21.15
CA SER A 3 7.93 17.32 21.79
C SER A 3 7.29 15.93 21.92
N GLY A 4 7.50 15.09 20.91
CA GLY A 4 6.94 13.75 20.93
C GLY A 4 5.95 13.52 19.81
N SER A 5 6.35 12.73 18.82
CA SER A 5 5.49 12.45 17.67
C SER A 5 5.24 10.94 17.55
N SER A 6 4.40 10.57 16.59
CA SER A 6 4.07 9.16 16.38
C SER A 6 3.72 8.91 14.91
N GLY A 7 4.11 7.74 14.41
CA GLY A 7 3.82 7.39 13.02
C GLY A 7 4.12 5.94 12.71
N MET A 8 3.37 5.38 11.78
CA MET A 8 3.56 3.98 11.40
C MET A 8 4.07 3.88 9.96
N TRP A 9 4.93 2.89 9.71
CA TRP A 9 5.49 2.68 8.38
C TRP A 9 5.45 1.22 7.99
N ILE A 10 5.44 0.95 6.68
CA ILE A 10 5.40 -0.42 6.18
C ILE A 10 6.32 -0.59 4.98
N GLN A 11 6.60 -1.84 4.63
CA GLN A 11 7.47 -2.14 3.50
C GLN A 11 6.65 -2.62 2.30
N VAL A 12 6.64 -1.82 1.24
CA VAL A 12 5.91 -2.17 0.03
C VAL A 12 6.82 -2.79 -1.02
N ARG A 13 6.82 -4.12 -1.09
CA ARG A 13 7.65 -4.84 -2.04
C ARG A 13 6.80 -5.43 -3.16
N THR A 14 7.34 -5.40 -4.38
CA THR A 14 6.62 -5.93 -5.53
C THR A 14 6.62 -7.46 -5.51
N ILE A 15 5.45 -8.05 -5.73
CA ILE A 15 5.31 -9.50 -5.74
C ILE A 15 6.54 -10.17 -6.35
N ASP A 16 7.03 -9.60 -7.44
CA ASP A 16 8.20 -10.13 -8.12
C ASP A 16 9.45 -9.96 -7.26
N GLY A 17 9.68 -8.74 -6.78
CA GLY A 17 10.84 -8.46 -5.96
C GLY A 17 11.92 -7.72 -6.70
N SER A 18 11.58 -6.54 -7.21
CA SER A 18 12.54 -5.72 -7.96
C SER A 18 12.82 -4.41 -7.22
N LYS A 19 11.76 -3.77 -6.72
CA LYS A 19 11.90 -2.52 -6.00
C LYS A 19 11.05 -2.53 -4.73
N THR A 20 11.63 -2.02 -3.64
CA THR A 20 10.92 -1.97 -2.36
C THR A 20 10.96 -0.57 -1.77
N CYS A 21 9.81 -0.09 -1.32
CA CYS A 21 9.71 1.24 -0.73
C CYS A 21 9.16 1.17 0.69
N THR A 22 9.15 2.30 1.38
CA THR A 22 8.64 2.36 2.74
C THR A 22 7.64 3.51 2.90
N ILE A 23 6.36 3.16 3.02
CA ILE A 23 5.31 4.16 3.17
C ILE A 23 5.20 4.61 4.63
N GLU A 24 5.36 5.91 4.85
CA GLU A 24 5.27 6.46 6.20
C GLU A 24 3.96 7.22 6.40
N ASP A 25 3.82 7.84 7.56
CA ASP A 25 2.61 8.61 7.88
C ASP A 25 1.38 7.69 7.91
N VAL A 26 1.51 6.58 8.64
CA VAL A 26 0.42 5.62 8.76
C VAL A 26 -0.16 5.61 10.18
N SER A 27 -1.45 5.34 10.28
CA SER A 27 -2.12 5.30 11.58
C SER A 27 -2.90 4.01 11.76
N ARG A 28 -3.06 3.60 13.01
CA ARG A 28 -3.78 2.36 13.31
C ARG A 28 -5.21 2.43 12.80
N LYS A 29 -5.77 3.63 12.77
CA LYS A 29 -7.14 3.83 12.30
C LYS A 29 -7.15 4.50 10.93
N ALA A 30 -6.07 4.32 10.17
CA ALA A 30 -5.97 4.91 8.84
C ALA A 30 -6.61 4.01 7.79
N THR A 31 -7.47 4.60 6.97
CA THR A 31 -8.16 3.86 5.93
C THR A 31 -7.18 3.36 4.87
N ILE A 32 -7.54 2.27 4.19
CA ILE A 32 -6.69 1.70 3.16
C ILE A 32 -6.59 2.62 1.95
N GLU A 33 -7.70 3.28 1.62
CA GLU A 33 -7.74 4.20 0.49
C GLU A 33 -6.58 5.20 0.56
N GLU A 34 -6.24 5.61 1.78
CA GLU A 34 -5.16 6.57 1.99
C GLU A 34 -3.80 5.92 1.68
N LEU A 35 -3.68 4.63 1.99
CA LEU A 35 -2.45 3.90 1.75
C LEU A 35 -2.12 3.87 0.26
N ARG A 36 -3.05 3.36 -0.54
CA ARG A 36 -2.86 3.27 -1.98
C ARG A 36 -2.31 4.58 -2.54
N GLU A 37 -2.97 5.68 -2.18
CA GLU A 37 -2.55 7.00 -2.66
C GLU A 37 -1.04 7.16 -2.56
N ARG A 38 -0.46 6.67 -1.47
CA ARG A 38 0.98 6.76 -1.26
C ARG A 38 1.73 5.96 -2.31
N VAL A 39 1.42 4.67 -2.40
CA VAL A 39 2.06 3.79 -3.36
C VAL A 39 1.81 4.25 -4.79
N TRP A 40 0.75 5.03 -4.98
CA TRP A 40 0.40 5.55 -6.29
C TRP A 40 1.27 6.75 -6.66
N ALA A 41 1.75 7.45 -5.64
CA ALA A 41 2.60 8.62 -5.85
C ALA A 41 4.06 8.22 -5.97
N LEU A 42 4.44 7.14 -5.30
CA LEU A 42 5.81 6.65 -5.33
C LEU A 42 6.04 5.75 -6.55
N PHE A 43 5.24 4.69 -6.64
CA PHE A 43 5.36 3.75 -7.75
C PHE A 43 4.63 4.27 -8.99
N ASP A 44 4.11 5.49 -8.89
CA ASP A 44 3.38 6.11 -9.99
C ASP A 44 2.43 5.11 -10.64
N VAL A 45 1.65 4.43 -9.81
CA VAL A 45 0.69 3.44 -10.31
C VAL A 45 -0.67 3.63 -9.65
N ARG A 46 -1.70 3.79 -10.48
CA ARG A 46 -3.06 3.97 -9.99
C ARG A 46 -3.36 3.01 -8.84
N PRO A 47 -4.30 3.40 -7.97
CA PRO A 47 -4.70 2.59 -6.82
C PRO A 47 -5.47 1.33 -7.23
N GLU A 48 -5.91 1.30 -8.48
CA GLU A 48 -6.66 0.16 -8.99
C GLU A 48 -5.74 -0.81 -9.72
N CYS A 49 -4.67 -0.28 -10.32
CA CYS A 49 -3.71 -1.09 -11.04
C CYS A 49 -2.81 -1.86 -10.07
N GLN A 50 -2.40 -1.20 -9.01
CA GLN A 50 -1.53 -1.81 -8.00
C GLN A 50 -2.35 -2.63 -7.01
N ARG A 51 -1.92 -3.89 -6.81
CA ARG A 51 -2.61 -4.78 -5.89
C ARG A 51 -1.76 -5.05 -4.64
N LEU A 52 -2.39 -5.00 -3.48
CA LEU A 52 -1.70 -5.23 -2.22
C LEU A 52 -2.14 -6.56 -1.59
N PHE A 53 -1.17 -7.39 -1.26
CA PHE A 53 -1.46 -8.69 -0.65
C PHE A 53 -0.67 -8.87 0.64
N TYR A 54 -1.37 -9.21 1.71
CA TYR A 54 -0.73 -9.41 3.01
C TYR A 54 -1.12 -10.77 3.61
N ARG A 55 -0.12 -11.52 4.06
CA ARG A 55 -0.35 -12.82 4.64
C ARG A 55 -1.25 -13.67 3.75
N GLY A 56 -1.07 -13.54 2.44
CA GLY A 56 -1.87 -14.30 1.49
C GLY A 56 -3.33 -13.89 1.52
N LYS A 57 -3.59 -12.63 1.85
CA LYS A 57 -4.95 -12.12 1.91
C LYS A 57 -5.08 -10.82 1.12
N GLN A 58 -5.74 -10.90 -0.03
CA GLN A 58 -5.94 -9.73 -0.88
C GLN A 58 -6.50 -8.56 -0.09
N LEU A 59 -5.62 -7.67 0.34
CA LEU A 59 -6.03 -6.50 1.11
C LEU A 59 -7.12 -5.72 0.38
N GLU A 60 -8.22 -5.46 1.08
CA GLU A 60 -9.33 -4.72 0.50
C GLU A 60 -9.26 -3.24 0.88
N ASN A 61 -10.11 -2.43 0.24
CA ASN A 61 -10.13 -1.00 0.52
C ASN A 61 -11.43 -0.61 1.24
N GLY A 62 -11.43 0.58 1.83
CA GLY A 62 -12.61 1.04 2.54
C GLY A 62 -12.48 0.89 4.05
N TYR A 63 -11.82 -0.17 4.47
CA TYR A 63 -11.62 -0.44 5.90
C TYR A 63 -10.32 0.18 6.40
N THR A 64 -10.11 0.11 7.70
CA THR A 64 -8.89 0.66 8.31
C THR A 64 -8.00 -0.44 8.86
N LEU A 65 -6.69 -0.19 8.87
CA LEU A 65 -5.73 -1.16 9.37
C LEU A 65 -6.25 -1.84 10.63
N PHE A 66 -6.88 -1.06 11.50
CA PHE A 66 -7.42 -1.58 12.75
C PHE A 66 -8.32 -2.78 12.48
N ASP A 67 -9.14 -2.68 11.44
CA ASP A 67 -10.06 -3.76 11.08
C ASP A 67 -9.29 -5.04 10.79
N TYR A 68 -8.25 -4.94 9.97
CA TYR A 68 -7.44 -6.10 9.61
C TYR A 68 -6.38 -6.37 10.67
N ASP A 69 -6.19 -5.41 11.57
CA ASP A 69 -5.21 -5.55 12.64
C ASP A 69 -3.80 -5.71 12.07
N VAL A 70 -3.41 -4.76 11.22
CA VAL A 70 -2.08 -4.79 10.61
C VAL A 70 -1.00 -4.40 11.61
N GLY A 71 0.18 -4.99 11.45
CA GLY A 71 1.28 -4.69 12.35
C GLY A 71 2.19 -3.60 11.81
N LEU A 72 3.09 -3.11 12.66
CA LEU A 72 4.03 -2.07 12.26
C LEU A 72 5.17 -2.65 11.44
N ASN A 73 5.47 -2.01 10.31
CA ASN A 73 6.55 -2.47 9.44
C ASN A 73 6.21 -3.82 8.81
N ASP A 74 4.95 -3.98 8.42
CA ASP A 74 4.50 -5.22 7.81
C ASP A 74 4.66 -5.17 6.29
N ILE A 75 5.37 -6.16 5.75
CA ILE A 75 5.60 -6.23 4.31
C ILE A 75 4.33 -6.63 3.56
N ILE A 76 3.99 -5.86 2.54
CA ILE A 76 2.80 -6.13 1.74
C ILE A 76 3.15 -6.25 0.26
N GLN A 77 2.99 -7.47 -0.28
CA GLN A 77 3.29 -7.72 -1.68
C GLN A 77 2.54 -6.75 -2.58
N LEU A 78 3.22 -6.25 -3.61
CA LEU A 78 2.60 -5.31 -4.54
C LEU A 78 2.60 -5.87 -5.96
N LEU A 79 1.41 -6.11 -6.50
CA LEU A 79 1.27 -6.65 -7.84
C LEU A 79 0.51 -5.68 -8.74
N VAL A 80 1.21 -5.09 -9.70
CA VAL A 80 0.61 -4.14 -10.62
C VAL A 80 -0.08 -4.87 -11.77
N ARG A 81 -1.06 -4.20 -12.39
CA ARG A 81 -1.79 -4.78 -13.51
C ARG A 81 -1.57 -3.97 -14.78
N PRO A 82 -1.24 -4.68 -15.87
CA PRO A 82 -1.00 -4.05 -17.17
C PRO A 82 -2.28 -3.49 -17.80
N ASP A 83 -2.44 -2.17 -17.73
CA ASP A 83 -3.61 -1.52 -18.29
C ASP A 83 -3.78 -1.86 -19.77
N SER A 84 -2.79 -1.47 -20.58
CA SER A 84 -2.84 -1.73 -22.01
C SER A 84 -1.44 -2.03 -22.55
N GLY A 85 -1.39 -2.74 -23.68
CA GLY A 85 -0.12 -3.08 -24.28
C GLY A 85 -0.06 -2.75 -25.76
N PRO A 86 0.23 -1.48 -26.08
CA PRO A 86 0.32 -1.02 -27.47
C PRO A 86 1.53 -1.60 -28.20
N SER A 87 1.29 -2.18 -29.37
CA SER A 87 2.36 -2.77 -30.17
C SER A 87 3.31 -1.69 -30.69
N SER A 88 4.42 -1.50 -29.98
CA SER A 88 5.41 -0.50 -30.37
C SER A 88 6.24 -0.99 -31.55
N GLY A 89 6.61 -0.07 -32.44
CA GLY A 89 7.40 -0.42 -33.59
C GLY A 89 6.56 -0.90 -34.75
N GLY A 1 1.51 19.40 11.99
CA GLY A 1 0.93 18.10 12.17
C GLY A 1 1.40 17.42 13.45
N SER A 2 0.54 17.39 14.45
CA SER A 2 0.87 16.77 15.73
C SER A 2 -0.02 15.56 16.00
N SER A 3 -0.23 14.75 14.97
CA SER A 3 -1.06 13.56 15.10
C SER A 3 -0.22 12.34 15.46
N GLY A 4 -0.03 12.14 16.76
CA GLY A 4 0.75 11.01 17.23
C GLY A 4 2.25 11.26 17.11
N SER A 5 2.89 11.51 18.25
CA SER A 5 4.32 11.78 18.28
C SER A 5 5.05 10.95 17.22
N SER A 6 4.71 9.67 17.15
CA SER A 6 5.33 8.76 16.18
C SER A 6 4.28 8.17 15.25
N GLY A 7 4.69 7.91 14.01
CA GLY A 7 3.77 7.34 13.04
C GLY A 7 4.11 5.91 12.69
N MET A 8 3.30 5.30 11.82
CA MET A 8 3.52 3.92 11.41
C MET A 8 4.03 3.85 9.98
N TRP A 9 4.90 2.88 9.71
CA TRP A 9 5.47 2.71 8.38
C TRP A 9 5.38 1.26 7.93
N ILE A 10 5.37 1.04 6.62
CA ILE A 10 5.29 -0.30 6.06
C ILE A 10 6.22 -0.45 4.85
N GLN A 11 6.60 -1.69 4.57
CA GLN A 11 7.48 -1.97 3.44
C GLN A 11 6.69 -2.51 2.25
N VAL A 12 6.64 -1.72 1.18
CA VAL A 12 5.92 -2.12 -0.03
C VAL A 12 6.86 -2.75 -1.05
N ARG A 13 6.87 -4.09 -1.09
CA ARG A 13 7.72 -4.81 -2.01
C ARG A 13 6.89 -5.47 -3.11
N THR A 14 7.39 -5.42 -4.35
CA THR A 14 6.69 -6.00 -5.48
C THR A 14 6.75 -7.53 -5.43
N ILE A 15 5.61 -8.16 -5.66
CA ILE A 15 5.52 -9.62 -5.65
C ILE A 15 6.81 -10.25 -6.18
N ASP A 16 7.40 -9.61 -7.19
CA ASP A 16 8.64 -10.10 -7.78
C ASP A 16 9.83 -9.86 -6.86
N GLY A 17 10.08 -8.59 -6.55
CA GLY A 17 11.17 -8.23 -5.67
C GLY A 17 12.24 -7.43 -6.38
N SER A 18 11.81 -6.45 -7.16
CA SER A 18 12.74 -5.61 -7.91
C SER A 18 12.92 -4.26 -7.22
N LYS A 19 11.82 -3.71 -6.70
CA LYS A 19 11.87 -2.43 -6.01
C LYS A 19 11.08 -2.49 -4.70
N THR A 20 11.64 -1.92 -3.65
CA THR A 20 10.99 -1.90 -2.34
C THR A 20 10.99 -0.50 -1.74
N CYS A 21 9.81 -0.03 -1.37
CA CYS A 21 9.67 1.30 -0.77
C CYS A 21 9.20 1.20 0.68
N THR A 22 9.15 2.35 1.36
CA THR A 22 8.72 2.39 2.75
C THR A 22 7.73 3.54 2.98
N ILE A 23 6.45 3.22 3.00
CA ILE A 23 5.41 4.23 3.21
C ILE A 23 5.28 4.57 4.69
N GLU A 24 5.40 5.86 5.00
CA GLU A 24 5.30 6.33 6.37
C GLU A 24 4.04 7.17 6.57
N ASP A 25 3.89 7.74 7.77
CA ASP A 25 2.73 8.57 8.09
C ASP A 25 1.46 7.75 8.07
N VAL A 26 1.48 6.60 8.73
CA VAL A 26 0.31 5.73 8.78
C VAL A 26 -0.29 5.70 10.19
N SER A 27 -1.61 5.60 10.24
CA SER A 27 -2.31 5.56 11.52
C SER A 27 -3.04 4.23 11.71
N ARG A 28 -3.15 3.79 12.97
CA ARG A 28 -3.81 2.53 13.27
C ARG A 28 -5.25 2.54 12.77
N LYS A 29 -5.83 3.73 12.68
CA LYS A 29 -7.21 3.87 12.20
C LYS A 29 -7.24 4.51 10.83
N ALA A 30 -6.15 4.38 10.08
CA ALA A 30 -6.05 4.94 8.74
C ALA A 30 -6.69 4.01 7.71
N THR A 31 -7.57 4.56 6.89
CA THR A 31 -8.25 3.78 5.86
C THR A 31 -7.26 3.28 4.81
N ILE A 32 -7.57 2.14 4.21
CA ILE A 32 -6.72 1.55 3.19
C ILE A 32 -6.60 2.46 1.97
N GLU A 33 -7.74 2.99 1.53
CA GLU A 33 -7.77 3.87 0.37
C GLU A 33 -6.64 4.91 0.45
N GLU A 34 -6.38 5.40 1.65
CA GLU A 34 -5.33 6.38 1.86
C GLU A 34 -3.96 5.80 1.55
N LEU A 35 -3.74 4.56 2.00
CA LEU A 35 -2.47 3.88 1.77
C LEU A 35 -2.13 3.85 0.29
N ARG A 36 -3.05 3.34 -0.52
CA ARG A 36 -2.85 3.24 -1.95
C ARG A 36 -2.27 4.55 -2.50
N GLU A 37 -2.96 5.65 -2.25
CA GLU A 37 -2.51 6.95 -2.73
C GLU A 37 -1.00 7.08 -2.65
N ARG A 38 -0.44 6.75 -1.49
CA ARG A 38 1.01 6.82 -1.27
C ARG A 38 1.74 6.00 -2.33
N VAL A 39 1.41 4.72 -2.40
CA VAL A 39 2.04 3.82 -3.37
C VAL A 39 1.79 4.29 -4.80
N TRP A 40 0.72 5.04 -4.98
CA TRP A 40 0.37 5.56 -6.31
C TRP A 40 1.24 6.77 -6.66
N ALA A 41 1.72 7.48 -5.65
CA ALA A 41 2.56 8.65 -5.86
C ALA A 41 4.03 8.25 -5.96
N LEU A 42 4.40 7.17 -5.27
CA LEU A 42 5.78 6.70 -5.28
C LEU A 42 6.04 5.79 -6.47
N PHE A 43 5.20 4.76 -6.61
CA PHE A 43 5.33 3.82 -7.72
C PHE A 43 4.61 4.33 -8.96
N ASP A 44 4.07 5.54 -8.87
CA ASP A 44 3.36 6.14 -9.98
C ASP A 44 2.40 5.14 -10.64
N VAL A 45 1.67 4.41 -9.80
CA VAL A 45 0.71 3.42 -10.28
C VAL A 45 -0.66 3.63 -9.67
N ARG A 46 -1.68 3.67 -10.52
CA ARG A 46 -3.05 3.87 -10.07
C ARG A 46 -3.34 3.01 -8.84
N PRO A 47 -4.34 3.43 -8.06
CA PRO A 47 -4.75 2.71 -6.84
C PRO A 47 -5.42 1.38 -7.14
N GLU A 48 -5.80 1.20 -8.40
CA GLU A 48 -6.47 -0.02 -8.83
C GLU A 48 -5.48 -0.96 -9.53
N CYS A 49 -4.51 -0.37 -10.22
CA CYS A 49 -3.50 -1.15 -10.94
C CYS A 49 -2.55 -1.84 -9.96
N GLN A 50 -2.19 -1.12 -8.90
CA GLN A 50 -1.29 -1.65 -7.89
C GLN A 50 -2.04 -2.53 -6.88
N ARG A 51 -1.85 -3.83 -6.99
CA ARG A 51 -2.51 -4.78 -6.09
C ARG A 51 -1.72 -4.95 -4.80
N LEU A 52 -2.43 -5.13 -3.70
CA LEU A 52 -1.79 -5.31 -2.39
C LEU A 52 -2.24 -6.61 -1.74
N PHE A 53 -1.29 -7.46 -1.39
CA PHE A 53 -1.59 -8.73 -0.75
C PHE A 53 -0.82 -8.88 0.55
N TYR A 54 -1.53 -9.23 1.62
CA TYR A 54 -0.92 -9.40 2.94
C TYR A 54 -1.28 -10.75 3.53
N ARG A 55 -0.26 -11.48 3.98
CA ARG A 55 -0.47 -12.80 4.58
C ARG A 55 -1.38 -13.66 3.69
N GLY A 56 -1.23 -13.50 2.38
CA GLY A 56 -2.05 -14.27 1.45
C GLY A 56 -3.50 -13.86 1.49
N LYS A 57 -3.76 -12.60 1.84
CA LYS A 57 -5.12 -12.09 1.91
C LYS A 57 -5.27 -10.80 1.11
N GLN A 58 -5.94 -10.89 -0.04
CA GLN A 58 -6.15 -9.73 -0.89
C GLN A 58 -6.68 -8.55 -0.09
N LEU A 59 -5.78 -7.66 0.32
CA LEU A 59 -6.17 -6.49 1.11
C LEU A 59 -7.28 -5.72 0.42
N GLU A 60 -8.36 -5.48 1.16
CA GLU A 60 -9.51 -4.75 0.63
C GLU A 60 -9.44 -3.27 0.97
N ASN A 61 -10.37 -2.48 0.45
CA ASN A 61 -10.41 -1.05 0.71
C ASN A 61 -11.68 -0.68 1.47
N GLY A 62 -11.69 0.54 2.00
CA GLY A 62 -12.84 1.01 2.76
C GLY A 62 -12.67 0.84 4.25
N TYR A 63 -11.93 -0.19 4.65
CA TYR A 63 -11.69 -0.45 6.07
C TYR A 63 -10.40 0.20 6.53
N THR A 64 -10.12 0.09 7.83
CA THR A 64 -8.91 0.68 8.40
C THR A 64 -7.98 -0.40 8.93
N LEU A 65 -6.68 -0.10 8.95
CA LEU A 65 -5.68 -1.04 9.43
C LEU A 65 -6.16 -1.73 10.71
N PHE A 66 -6.76 -0.96 11.60
CA PHE A 66 -7.26 -1.48 12.86
C PHE A 66 -8.18 -2.68 12.62
N ASP A 67 -9.06 -2.55 11.63
CA ASP A 67 -9.99 -3.61 11.29
C ASP A 67 -9.25 -4.90 10.91
N TYR A 68 -8.17 -4.74 10.16
CA TYR A 68 -7.37 -5.88 9.72
C TYR A 68 -6.27 -6.19 10.73
N ASP A 69 -6.05 -5.28 11.67
CA ASP A 69 -5.04 -5.45 12.69
C ASP A 69 -3.65 -5.57 12.07
N VAL A 70 -3.30 -4.60 11.23
CA VAL A 70 -2.00 -4.60 10.56
C VAL A 70 -0.89 -4.25 11.53
N GLY A 71 0.23 -4.96 11.44
CA GLY A 71 1.36 -4.72 12.32
C GLY A 71 2.29 -3.65 11.76
N LEU A 72 3.17 -3.14 12.63
CA LEU A 72 4.13 -2.11 12.22
C LEU A 72 5.27 -2.72 11.42
N ASN A 73 5.59 -2.09 10.29
CA ASN A 73 6.66 -2.57 9.42
C ASN A 73 6.29 -3.91 8.78
N ASP A 74 5.02 -4.08 8.47
CA ASP A 74 4.53 -5.31 7.87
C ASP A 74 4.72 -5.28 6.35
N ILE A 75 5.42 -6.28 5.82
CA ILE A 75 5.67 -6.37 4.39
C ILE A 75 4.41 -6.77 3.64
N ILE A 76 4.08 -6.00 2.61
CA ILE A 76 2.89 -6.29 1.80
C ILE A 76 3.24 -6.40 0.32
N GLN A 77 3.03 -7.58 -0.25
CA GLN A 77 3.33 -7.81 -1.66
C GLN A 77 2.57 -6.82 -2.55
N LEU A 78 3.24 -6.35 -3.59
CA LEU A 78 2.63 -5.40 -4.52
C LEU A 78 2.69 -5.92 -5.95
N LEU A 79 1.53 -5.96 -6.60
CA LEU A 79 1.45 -6.44 -7.98
C LEU A 79 0.81 -5.40 -8.88
N VAL A 80 1.64 -4.68 -9.63
CA VAL A 80 1.16 -3.64 -10.54
C VAL A 80 0.59 -4.25 -11.81
N ARG A 81 -0.29 -3.52 -12.48
CA ARG A 81 -0.92 -3.98 -13.71
C ARG A 81 -0.67 -3.00 -14.85
N PRO A 82 -0.39 -3.55 -16.05
CA PRO A 82 -0.13 -2.75 -17.24
C PRO A 82 -1.38 -2.03 -17.75
N ASP A 83 -1.43 -0.72 -17.51
CA ASP A 83 -2.57 0.08 -17.95
C ASP A 83 -2.18 1.55 -18.07
N SER A 84 -2.79 2.24 -19.04
CA SER A 84 -2.50 3.64 -19.27
C SER A 84 -1.00 3.91 -19.21
N GLY A 85 -0.22 3.02 -19.81
CA GLY A 85 1.23 3.18 -19.82
C GLY A 85 1.71 4.03 -20.98
N PRO A 86 3.02 4.30 -21.00
CA PRO A 86 3.64 5.12 -22.05
C PRO A 86 3.65 4.41 -23.41
N SER A 87 3.99 5.16 -24.45
CA SER A 87 4.04 4.60 -25.80
C SER A 87 5.16 3.59 -25.93
N SER A 88 4.83 2.38 -26.39
CA SER A 88 5.82 1.33 -26.56
C SER A 88 5.28 0.23 -27.47
N GLY A 89 6.08 -0.12 -28.49
CA GLY A 89 5.67 -1.15 -29.43
C GLY A 89 5.52 -2.50 -28.77
N GLY A 1 16.99 11.41 9.27
CA GLY A 1 16.73 10.06 8.79
C GLY A 1 15.53 9.42 9.49
N SER A 2 15.72 9.04 10.75
CA SER A 2 14.66 8.41 11.52
C SER A 2 14.01 9.41 12.47
N SER A 3 12.84 9.91 12.10
CA SER A 3 12.12 10.87 12.91
C SER A 3 10.61 10.67 12.78
N GLY A 4 9.99 10.15 13.83
CA GLY A 4 8.56 9.92 13.82
C GLY A 4 8.17 8.56 14.36
N SER A 5 8.64 8.27 15.57
CA SER A 5 8.34 6.99 16.21
C SER A 5 6.84 6.73 16.25
N SER A 6 6.10 7.64 16.88
CA SER A 6 4.65 7.51 16.98
C SER A 6 4.06 6.99 15.69
N GLY A 7 4.31 7.70 14.60
CA GLY A 7 3.79 7.29 13.30
C GLY A 7 4.15 5.86 12.96
N MET A 8 3.46 5.29 11.98
CA MET A 8 3.71 3.92 11.56
C MET A 8 4.19 3.86 10.11
N TRP A 9 4.98 2.84 9.79
CA TRP A 9 5.50 2.68 8.44
C TRP A 9 5.46 1.22 8.01
N ILE A 10 5.40 0.99 6.71
CA ILE A 10 5.35 -0.37 6.16
C ILE A 10 6.25 -0.50 4.94
N GLN A 11 6.57 -1.73 4.58
CA GLN A 11 7.43 -1.99 3.43
C GLN A 11 6.61 -2.53 2.25
N VAL A 12 6.52 -1.75 1.19
CA VAL A 12 5.77 -2.15 0.00
C VAL A 12 6.69 -2.76 -1.06
N ARG A 13 6.80 -4.08 -1.05
CA ARG A 13 7.64 -4.78 -2.02
C ARG A 13 6.81 -5.42 -3.11
N THR A 14 7.32 -5.39 -4.34
CA THR A 14 6.61 -5.97 -5.48
C THR A 14 6.71 -7.48 -5.47
N ILE A 15 5.56 -8.15 -5.67
CA ILE A 15 5.52 -9.61 -5.68
C ILE A 15 6.75 -10.19 -6.37
N ASP A 16 7.27 -9.47 -7.36
CA ASP A 16 8.45 -9.92 -8.08
C ASP A 16 9.69 -9.82 -7.21
N GLY A 17 9.89 -8.66 -6.59
CA GLY A 17 11.04 -8.46 -5.73
C GLY A 17 12.16 -7.70 -6.44
N SER A 18 11.79 -6.62 -7.12
CA SER A 18 12.77 -5.81 -7.85
C SER A 18 12.93 -4.44 -7.19
N LYS A 19 11.87 -3.98 -6.53
CA LYS A 19 11.90 -2.68 -5.86
C LYS A 19 11.01 -2.70 -4.62
N THR A 20 11.49 -2.08 -3.55
CA THR A 20 10.72 -2.02 -2.30
C THR A 20 10.78 -0.63 -1.69
N CYS A 21 9.62 -0.09 -1.32
CA CYS A 21 9.54 1.24 -0.73
C CYS A 21 9.05 1.15 0.71
N THR A 22 9.12 2.28 1.42
CA THR A 22 8.68 2.32 2.81
C THR A 22 7.72 3.49 3.04
N ILE A 23 6.43 3.19 3.06
CA ILE A 23 5.42 4.22 3.27
C ILE A 23 5.33 4.62 4.74
N GLU A 24 5.41 5.91 4.99
CA GLU A 24 5.35 6.43 6.37
C GLU A 24 4.06 7.23 6.58
N ASP A 25 3.93 7.79 7.78
CA ASP A 25 2.74 8.58 8.12
C ASP A 25 1.49 7.73 8.06
N VAL A 26 1.52 6.59 8.75
CA VAL A 26 0.37 5.68 8.78
C VAL A 26 -0.30 5.69 10.14
N SER A 27 -1.61 5.49 10.16
CA SER A 27 -2.37 5.48 11.40
C SER A 27 -3.07 4.14 11.60
N ARG A 28 -3.22 3.74 12.85
CA ARG A 28 -3.87 2.47 13.17
C ARG A 28 -5.30 2.44 12.63
N LYS A 29 -5.93 3.60 12.58
CA LYS A 29 -7.30 3.71 12.07
C LYS A 29 -7.32 4.34 10.69
N ALA A 30 -6.19 4.28 10.00
CA ALA A 30 -6.08 4.85 8.66
C ALA A 30 -6.72 3.93 7.62
N THR A 31 -7.58 4.50 6.78
CA THR A 31 -8.27 3.74 5.75
C THR A 31 -7.29 3.26 4.68
N ILE A 32 -7.59 2.11 4.09
CA ILE A 32 -6.73 1.54 3.05
C ILE A 32 -6.67 2.45 1.83
N GLU A 33 -7.78 3.16 1.56
CA GLU A 33 -7.84 4.07 0.42
C GLU A 33 -6.72 5.11 0.49
N GLU A 34 -6.36 5.50 1.71
CA GLU A 34 -5.30 6.49 1.90
C GLU A 34 -3.93 5.88 1.63
N LEU A 35 -3.82 4.57 1.84
CA LEU A 35 -2.55 3.87 1.62
C LEU A 35 -2.20 3.85 0.13
N ARG A 36 -3.14 3.41 -0.69
CA ARG A 36 -2.93 3.34 -2.13
C ARG A 36 -2.38 4.66 -2.66
N GLU A 37 -3.05 5.76 -2.33
CA GLU A 37 -2.62 7.08 -2.77
C GLU A 37 -1.11 7.22 -2.68
N ARG A 38 -0.53 6.70 -1.61
CA ARG A 38 0.92 6.76 -1.40
C ARG A 38 1.65 5.97 -2.48
N VAL A 39 1.37 4.67 -2.54
CA VAL A 39 2.01 3.81 -3.53
C VAL A 39 1.78 4.32 -4.94
N TRP A 40 0.78 5.18 -5.10
CA TRP A 40 0.46 5.75 -6.41
C TRP A 40 1.36 6.95 -6.72
N ALA A 41 1.91 7.55 -5.66
CA ALA A 41 2.79 8.70 -5.83
C ALA A 41 4.25 8.28 -5.85
N LEU A 42 4.54 7.11 -5.30
CA LEU A 42 5.90 6.59 -5.25
C LEU A 42 6.19 5.73 -6.48
N PHE A 43 5.38 4.70 -6.68
CA PHE A 43 5.56 3.80 -7.82
C PHE A 43 4.88 4.36 -9.07
N ASP A 44 4.12 5.44 -8.88
CA ASP A 44 3.41 6.07 -9.99
C ASP A 44 2.44 5.10 -10.64
N VAL A 45 1.73 4.34 -9.81
CA VAL A 45 0.76 3.37 -10.30
C VAL A 45 -0.62 3.63 -9.72
N ARG A 46 -1.63 3.56 -10.59
CA ARG A 46 -3.01 3.80 -10.16
C ARG A 46 -3.38 2.88 -9.00
N PRO A 47 -4.36 3.32 -8.19
CA PRO A 47 -4.84 2.56 -7.03
C PRO A 47 -5.60 1.30 -7.43
N GLU A 48 -6.10 1.29 -8.66
CA GLU A 48 -6.85 0.15 -9.17
C GLU A 48 -5.93 -0.83 -9.89
N CYS A 49 -4.75 -0.36 -10.27
CA CYS A 49 -3.78 -1.18 -10.98
C CYS A 49 -2.86 -1.90 -9.99
N GLN A 50 -2.51 -1.21 -8.91
CA GLN A 50 -1.63 -1.78 -7.89
C GLN A 50 -2.43 -2.56 -6.86
N ARG A 51 -2.06 -3.82 -6.65
CA ARG A 51 -2.75 -4.67 -5.69
C ARG A 51 -1.86 -4.95 -4.48
N LEU A 52 -2.47 -4.96 -3.30
CA LEU A 52 -1.73 -5.22 -2.06
C LEU A 52 -2.17 -6.52 -1.42
N PHE A 53 -1.22 -7.43 -1.21
CA PHE A 53 -1.52 -8.72 -0.61
C PHE A 53 -0.75 -8.90 0.70
N TYR A 54 -1.45 -9.35 1.73
CA TYR A 54 -0.83 -9.56 3.04
C TYR A 54 -1.25 -10.89 3.63
N ARG A 55 -0.27 -11.66 4.08
CA ARG A 55 -0.53 -12.98 4.67
C ARG A 55 -1.44 -13.80 3.76
N GLY A 56 -1.22 -13.69 2.45
CA GLY A 56 -2.02 -14.43 1.51
C GLY A 56 -3.47 -14.00 1.50
N LYS A 57 -3.73 -12.76 1.91
CA LYS A 57 -5.08 -12.23 1.96
C LYS A 57 -5.19 -10.93 1.16
N GLN A 58 -5.80 -11.02 -0.02
CA GLN A 58 -5.96 -9.85 -0.87
C GLN A 58 -6.54 -8.67 -0.09
N LEU A 59 -5.65 -7.78 0.35
CA LEU A 59 -6.08 -6.61 1.11
C LEU A 59 -7.19 -5.86 0.39
N GLU A 60 -8.28 -5.59 1.10
CA GLU A 60 -9.40 -4.86 0.52
C GLU A 60 -9.33 -3.38 0.85
N ASN A 61 -10.25 -2.60 0.29
CA ASN A 61 -10.29 -1.17 0.52
C ASN A 61 -11.57 -0.77 1.25
N GLY A 62 -11.58 0.43 1.82
CA GLY A 62 -12.74 0.91 2.55
C GLY A 62 -12.59 0.77 4.05
N TYR A 63 -11.83 -0.22 4.48
CA TYR A 63 -11.60 -0.47 5.90
C TYR A 63 -10.30 0.17 6.36
N THR A 64 -10.07 0.15 7.67
CA THR A 64 -8.86 0.72 8.25
C THR A 64 -7.94 -0.36 8.80
N LEU A 65 -6.64 -0.11 8.76
CA LEU A 65 -5.65 -1.06 9.25
C LEU A 65 -6.16 -1.78 10.51
N PHE A 66 -6.77 -1.00 11.41
CA PHE A 66 -7.30 -1.57 12.65
C PHE A 66 -8.18 -2.78 12.36
N ASP A 67 -9.05 -2.65 11.37
CA ASP A 67 -9.95 -3.73 11.00
C ASP A 67 -9.17 -5.02 10.69
N TYR A 68 -8.08 -4.87 9.94
CA TYR A 68 -7.24 -6.01 9.59
C TYR A 68 -6.17 -6.26 10.65
N ASP A 69 -6.03 -5.31 11.57
CA ASP A 69 -5.05 -5.43 12.64
C ASP A 69 -3.65 -5.61 12.06
N VAL A 70 -3.25 -4.72 11.17
CA VAL A 70 -1.93 -4.78 10.55
C VAL A 70 -0.83 -4.42 11.55
N GLY A 71 0.36 -4.94 11.31
CA GLY A 71 1.48 -4.67 12.19
C GLY A 71 2.43 -3.62 11.64
N LEU A 72 3.34 -3.13 12.47
CA LEU A 72 4.30 -2.13 12.05
C LEU A 72 5.44 -2.77 11.25
N ASN A 73 5.82 -2.10 10.16
CA ASN A 73 6.89 -2.61 9.30
C ASN A 73 6.51 -3.94 8.67
N ASP A 74 5.23 -4.08 8.35
CA ASP A 74 4.73 -5.31 7.73
C ASP A 74 4.91 -5.26 6.22
N ILE A 75 5.58 -6.27 5.67
CA ILE A 75 5.82 -6.35 4.23
C ILE A 75 4.55 -6.76 3.48
N ILE A 76 4.11 -5.91 2.56
CA ILE A 76 2.92 -6.18 1.78
C ILE A 76 3.25 -6.32 0.29
N GLN A 77 3.08 -7.52 -0.25
CA GLN A 77 3.36 -7.78 -1.66
C GLN A 77 2.54 -6.84 -2.56
N LEU A 78 3.21 -6.25 -3.53
CA LEU A 78 2.55 -5.33 -4.46
C LEU A 78 2.52 -5.92 -5.87
N LEU A 79 1.33 -6.00 -6.45
CA LEU A 79 1.17 -6.53 -7.80
C LEU A 79 0.50 -5.50 -8.72
N VAL A 80 1.27 -4.94 -9.64
CA VAL A 80 0.74 -3.96 -10.57
C VAL A 80 0.21 -4.62 -11.84
N ARG A 81 -0.86 -4.06 -12.38
CA ARG A 81 -1.47 -4.60 -13.59
C ARG A 81 -1.16 -3.72 -14.80
N PRO A 82 -0.67 -4.36 -15.88
CA PRO A 82 -0.31 -3.67 -17.11
C PRO A 82 -1.54 -3.14 -17.86
N ASP A 83 -1.42 -1.94 -18.42
CA ASP A 83 -2.52 -1.34 -19.17
C ASP A 83 -2.81 -2.11 -20.44
N SER A 84 -3.91 -2.86 -20.45
CA SER A 84 -4.29 -3.65 -21.61
C SER A 84 -5.19 -2.85 -22.53
N GLY A 85 -6.32 -2.39 -22.00
CA GLY A 85 -7.27 -1.63 -22.79
C GLY A 85 -6.67 -0.31 -23.26
N PRO A 86 -7.23 0.23 -24.36
CA PRO A 86 -6.77 1.51 -24.93
C PRO A 86 -7.11 2.70 -24.04
N SER A 87 -6.66 3.88 -24.45
CA SER A 87 -6.92 5.10 -23.69
C SER A 87 -8.33 5.63 -23.96
N SER A 88 -8.73 6.63 -23.19
CA SER A 88 -10.05 7.22 -23.35
C SER A 88 -9.97 8.57 -24.05
N GLY A 89 -10.93 8.84 -24.93
CA GLY A 89 -10.95 10.10 -25.65
C GLY A 89 -10.33 9.99 -27.03
N GLY A 1 10.15 15.00 15.60
CA GLY A 1 10.68 14.58 16.89
C GLY A 1 11.29 13.19 16.84
N SER A 2 12.24 12.93 17.73
CA SER A 2 12.89 11.62 17.78
C SER A 2 12.33 10.78 18.92
N SER A 3 12.04 11.43 20.04
CA SER A 3 11.50 10.74 21.21
C SER A 3 10.02 10.44 21.02
N GLY A 4 9.71 9.20 20.66
CA GLY A 4 8.32 8.81 20.45
C GLY A 4 7.73 9.42 19.19
N SER A 5 8.18 8.94 18.04
CA SER A 5 7.69 9.44 16.76
C SER A 5 6.22 9.08 16.57
N SER A 6 5.46 10.01 16.01
CA SER A 6 4.04 9.79 15.76
C SER A 6 3.78 9.45 14.31
N GLY A 7 3.75 8.15 14.01
CA GLY A 7 3.52 7.72 12.64
C GLY A 7 3.99 6.29 12.40
N MET A 8 3.22 5.53 11.64
CA MET A 8 3.57 4.15 11.33
C MET A 8 4.08 4.02 9.91
N TRP A 9 4.98 3.05 9.69
CA TRP A 9 5.55 2.83 8.37
C TRP A 9 5.48 1.35 7.99
N ILE A 10 5.42 1.08 6.69
CA ILE A 10 5.35 -0.29 6.20
C ILE A 10 6.25 -0.49 4.99
N GLN A 11 6.54 -1.74 4.67
CA GLN A 11 7.39 -2.06 3.53
C GLN A 11 6.55 -2.58 2.35
N VAL A 12 6.48 -1.78 1.29
CA VAL A 12 5.72 -2.16 0.10
C VAL A 12 6.62 -2.78 -0.95
N ARG A 13 6.70 -4.11 -0.93
CA ARG A 13 7.52 -4.83 -1.90
C ARG A 13 6.67 -5.48 -2.98
N THR A 14 7.17 -5.45 -4.21
CA THR A 14 6.44 -6.03 -5.34
C THR A 14 6.49 -7.56 -5.30
N ILE A 15 5.35 -8.19 -5.53
CA ILE A 15 5.26 -9.64 -5.53
C ILE A 15 6.46 -10.26 -6.23
N ASP A 16 7.05 -9.52 -7.15
CA ASP A 16 8.21 -10.00 -7.90
C ASP A 16 9.48 -9.86 -7.07
N GLY A 17 9.78 -8.63 -6.67
CA GLY A 17 10.98 -8.39 -5.87
C GLY A 17 11.99 -7.52 -6.60
N SER A 18 11.51 -6.44 -7.22
CA SER A 18 12.38 -5.52 -7.95
C SER A 18 12.32 -4.12 -7.35
N LYS A 19 11.12 -3.70 -6.97
CA LYS A 19 10.94 -2.37 -6.38
C LYS A 19 10.42 -2.49 -4.95
N THR A 20 11.07 -1.77 -4.03
CA THR A 20 10.68 -1.80 -2.64
C THR A 20 10.76 -0.40 -2.02
N CYS A 21 9.69 0.02 -1.37
CA CYS A 21 9.63 1.33 -0.74
C CYS A 21 9.06 1.23 0.68
N THR A 22 9.17 2.33 1.42
CA THR A 22 8.67 2.36 2.80
C THR A 22 7.72 3.54 2.99
N ILE A 23 6.42 3.25 2.97
CA ILE A 23 5.41 4.28 3.15
C ILE A 23 5.33 4.72 4.61
N GLU A 24 5.39 6.03 4.83
CA GLU A 24 5.33 6.58 6.18
C GLU A 24 4.06 7.41 6.36
N ASP A 25 3.85 7.90 7.58
CA ASP A 25 2.68 8.70 7.90
C ASP A 25 1.43 7.84 7.92
N VAL A 26 1.54 6.67 8.54
CA VAL A 26 0.40 5.75 8.64
C VAL A 26 -0.18 5.75 10.04
N SER A 27 -1.51 5.60 10.12
CA SER A 27 -2.19 5.59 11.41
C SER A 27 -2.88 4.25 11.65
N ARG A 28 -3.04 3.89 12.92
CA ARG A 28 -3.68 2.63 13.29
C ARG A 28 -5.11 2.58 12.78
N LYS A 29 -5.75 3.75 12.70
CA LYS A 29 -7.13 3.84 12.23
C LYS A 29 -7.19 4.46 10.84
N ALA A 30 -6.12 4.32 10.08
CA ALA A 30 -6.05 4.86 8.74
C ALA A 30 -6.69 3.92 7.73
N THR A 31 -7.52 4.45 6.85
CA THR A 31 -8.20 3.65 5.83
C THR A 31 -7.21 3.15 4.79
N ILE A 32 -7.59 2.07 4.10
CA ILE A 32 -6.74 1.49 3.07
C ILE A 32 -6.61 2.43 1.88
N GLU A 33 -7.69 3.14 1.57
CA GLU A 33 -7.69 4.07 0.44
C GLU A 33 -6.53 5.07 0.55
N GLU A 34 -6.26 5.52 1.78
CA GLU A 34 -5.18 6.46 2.02
C GLU A 34 -3.83 5.84 1.69
N LEU A 35 -3.70 4.55 1.97
CA LEU A 35 -2.45 3.83 1.70
C LEU A 35 -2.13 3.81 0.21
N ARG A 36 -3.06 3.28 -0.58
CA ARG A 36 -2.88 3.20 -2.03
C ARG A 36 -2.34 4.53 -2.58
N GLU A 37 -2.93 5.63 -2.14
CA GLU A 37 -2.50 6.95 -2.58
C GLU A 37 -0.99 7.10 -2.50
N ARG A 38 -0.42 6.67 -1.38
CA ARG A 38 1.02 6.74 -1.18
C ARG A 38 1.77 5.93 -2.23
N VAL A 39 1.45 4.65 -2.31
CA VAL A 39 2.10 3.76 -3.28
C VAL A 39 1.85 4.24 -4.71
N TRP A 40 0.81 5.05 -4.87
CA TRP A 40 0.47 5.59 -6.19
C TRP A 40 1.35 6.78 -6.55
N ALA A 41 1.81 7.49 -5.53
CA ALA A 41 2.67 8.66 -5.73
C ALA A 41 4.14 8.25 -5.82
N LEU A 42 4.47 7.14 -5.18
CA LEU A 42 5.85 6.65 -5.19
C LEU A 42 6.10 5.74 -6.39
N PHE A 43 5.26 4.71 -6.53
CA PHE A 43 5.39 3.77 -7.64
C PHE A 43 4.67 4.29 -8.88
N ASP A 44 4.17 5.52 -8.80
CA ASP A 44 3.46 6.14 -9.90
C ASP A 44 2.50 5.14 -10.55
N VAL A 45 1.70 4.47 -9.72
CA VAL A 45 0.74 3.49 -10.21
C VAL A 45 -0.62 3.69 -9.57
N ARG A 46 -1.64 3.89 -10.40
CA ARG A 46 -2.99 4.10 -9.91
C ARG A 46 -3.33 3.11 -8.79
N PRO A 47 -4.29 3.49 -7.93
CA PRO A 47 -4.72 2.65 -6.80
C PRO A 47 -5.48 1.40 -7.26
N GLU A 48 -5.88 1.40 -8.52
CA GLU A 48 -6.62 0.27 -9.09
C GLU A 48 -5.68 -0.68 -9.82
N CYS A 49 -4.59 -0.14 -10.35
CA CYS A 49 -3.61 -0.93 -11.08
C CYS A 49 -2.70 -1.68 -10.12
N GLN A 50 -2.34 -1.01 -9.02
CA GLN A 50 -1.46 -1.62 -8.02
C GLN A 50 -2.26 -2.42 -7.00
N ARG A 51 -1.95 -3.71 -6.89
CA ARG A 51 -2.65 -4.58 -5.95
C ARG A 51 -1.78 -4.85 -4.73
N LEU A 52 -2.43 -4.96 -3.57
CA LEU A 52 -1.73 -5.23 -2.32
C LEU A 52 -2.16 -6.57 -1.73
N PHE A 53 -1.17 -7.38 -1.35
CA PHE A 53 -1.44 -8.70 -0.77
C PHE A 53 -0.68 -8.87 0.54
N TYR A 54 -1.37 -9.38 1.55
CA TYR A 54 -0.76 -9.60 2.86
C TYR A 54 -1.14 -10.97 3.41
N ARG A 55 -0.14 -11.72 3.85
CA ARG A 55 -0.37 -13.05 4.40
C ARG A 55 -1.32 -13.86 3.52
N GLY A 56 -1.15 -13.74 2.21
CA GLY A 56 -2.00 -14.45 1.28
C GLY A 56 -3.45 -14.02 1.36
N LYS A 57 -3.67 -12.75 1.67
CA LYS A 57 -5.02 -12.21 1.80
C LYS A 57 -5.15 -10.91 1.00
N GLN A 58 -5.82 -10.97 -0.13
CA GLN A 58 -6.03 -9.80 -0.97
C GLN A 58 -6.61 -8.65 -0.16
N LEU A 59 -5.73 -7.76 0.30
CA LEU A 59 -6.15 -6.61 1.08
C LEU A 59 -7.26 -5.84 0.38
N GLU A 60 -8.36 -5.60 1.09
CA GLU A 60 -9.49 -4.88 0.53
C GLU A 60 -9.42 -3.39 0.91
N ASN A 61 -10.31 -2.60 0.30
CA ASN A 61 -10.35 -1.17 0.57
C ASN A 61 -11.63 -0.79 1.31
N GLY A 62 -11.64 0.41 1.87
CA GLY A 62 -12.81 0.88 2.61
C GLY A 62 -12.65 0.73 4.10
N TYR A 63 -11.90 -0.28 4.52
CA TYR A 63 -11.67 -0.53 5.94
C TYR A 63 -10.37 0.12 6.40
N THR A 64 -10.12 0.07 7.71
CA THR A 64 -8.92 0.65 8.28
C THR A 64 -7.98 -0.43 8.81
N LEU A 65 -6.69 -0.12 8.85
CA LEU A 65 -5.70 -1.08 9.34
C LEU A 65 -6.19 -1.80 10.58
N PHE A 66 -6.70 -1.03 11.54
CA PHE A 66 -7.22 -1.60 12.78
C PHE A 66 -8.16 -2.77 12.50
N ASP A 67 -8.96 -2.63 11.45
CA ASP A 67 -9.91 -3.67 11.07
C ASP A 67 -9.19 -4.98 10.78
N TYR A 68 -8.07 -4.89 10.07
CA TYR A 68 -7.29 -6.07 9.72
C TYR A 68 -6.25 -6.37 10.80
N ASP A 69 -6.02 -5.40 11.68
CA ASP A 69 -5.05 -5.56 12.75
C ASP A 69 -3.64 -5.68 12.20
N VAL A 70 -3.30 -4.81 11.24
CA VAL A 70 -1.98 -4.83 10.63
C VAL A 70 -0.91 -4.40 11.64
N GLY A 71 0.30 -4.93 11.46
CA GLY A 71 1.40 -4.59 12.35
C GLY A 71 2.32 -3.56 11.75
N LEU A 72 3.14 -2.94 12.60
CA LEU A 72 4.09 -1.92 12.15
C LEU A 72 5.23 -2.55 11.36
N ASN A 73 5.56 -1.95 10.22
CA ASN A 73 6.63 -2.45 9.37
C ASN A 73 6.26 -3.80 8.76
N ASP A 74 4.99 -3.94 8.39
CA ASP A 74 4.51 -5.19 7.81
C ASP A 74 4.69 -5.18 6.29
N ILE A 75 5.33 -6.22 5.76
CA ILE A 75 5.56 -6.32 4.32
C ILE A 75 4.30 -6.74 3.59
N ILE A 76 3.99 -6.03 2.50
CA ILE A 76 2.80 -6.32 1.71
C ILE A 76 3.15 -6.43 0.22
N GLN A 77 3.04 -7.64 -0.32
CA GLN A 77 3.34 -7.88 -1.73
C GLN A 77 2.53 -6.94 -2.61
N LEU A 78 3.20 -6.33 -3.59
CA LEU A 78 2.54 -5.40 -4.50
C LEU A 78 2.55 -5.96 -5.92
N LEU A 79 1.37 -6.05 -6.53
CA LEU A 79 1.24 -6.55 -7.89
C LEU A 79 0.55 -5.53 -8.79
N VAL A 80 1.32 -4.89 -9.66
CA VAL A 80 0.79 -3.89 -10.58
C VAL A 80 0.24 -4.55 -11.84
N ARG A 81 -0.73 -3.89 -12.46
CA ARG A 81 -1.34 -4.41 -13.69
C ARG A 81 -1.24 -3.39 -14.82
N PRO A 82 -0.82 -3.86 -16.00
CA PRO A 82 -0.67 -3.01 -17.19
C PRO A 82 -2.01 -2.56 -17.74
N ASP A 83 -1.96 -1.75 -18.79
CA ASP A 83 -3.18 -1.23 -19.42
C ASP A 83 -3.25 -1.67 -20.88
N SER A 84 -3.69 -2.89 -21.11
CA SER A 84 -3.82 -3.42 -22.46
C SER A 84 -4.40 -2.38 -23.41
N GLY A 85 -5.52 -1.78 -23.01
CA GLY A 85 -6.15 -0.77 -23.84
C GLY A 85 -6.34 0.54 -23.09
N PRO A 86 -6.23 1.66 -23.83
CA PRO A 86 -6.40 3.00 -23.26
C PRO A 86 -7.84 3.29 -22.86
N SER A 87 -8.71 2.29 -23.03
CA SER A 87 -10.12 2.44 -22.69
C SER A 87 -10.83 3.33 -23.70
N SER A 88 -10.49 3.15 -24.97
CA SER A 88 -11.10 3.95 -26.04
C SER A 88 -12.57 3.63 -26.19
N GLY A 89 -13.41 4.67 -26.14
CA GLY A 89 -14.84 4.47 -26.27
C GLY A 89 -15.42 3.61 -25.16
N GLY A 1 -0.80 17.83 10.78
CA GLY A 1 0.55 18.34 10.62
C GLY A 1 1.41 17.43 9.79
N SER A 2 2.67 17.82 9.60
CA SER A 2 3.61 17.03 8.82
C SER A 2 4.87 16.72 9.63
N SER A 3 5.40 17.74 10.31
CA SER A 3 6.59 17.57 11.11
C SER A 3 6.28 16.89 12.44
N GLY A 4 6.66 15.63 12.56
CA GLY A 4 6.40 14.88 13.78
C GLY A 4 7.34 13.72 13.95
N SER A 5 7.46 13.24 15.18
CA SER A 5 8.34 12.12 15.50
C SER A 5 7.53 10.87 15.87
N SER A 6 6.46 10.63 15.13
CA SER A 6 5.60 9.48 15.39
C SER A 6 4.83 9.08 14.13
N GLY A 7 4.39 7.83 14.08
CA GLY A 7 3.65 7.35 12.93
C GLY A 7 3.97 5.90 12.60
N MET A 8 3.18 5.32 11.71
CA MET A 8 3.39 3.93 11.30
C MET A 8 3.96 3.85 9.89
N TRP A 9 4.80 2.85 9.64
CA TRP A 9 5.41 2.67 8.33
C TRP A 9 5.40 1.21 7.93
N ILE A 10 5.49 0.95 6.62
CA ILE A 10 5.49 -0.41 6.11
C ILE A 10 6.38 -0.53 4.87
N GLN A 11 6.80 -1.75 4.57
CA GLN A 11 7.66 -2.00 3.42
C GLN A 11 6.84 -2.54 2.25
N VAL A 12 6.71 -1.73 1.21
CA VAL A 12 5.95 -2.12 0.02
C VAL A 12 6.87 -2.70 -1.05
N ARG A 13 6.92 -4.03 -1.12
CA ARG A 13 7.76 -4.71 -2.09
C ARG A 13 6.91 -5.34 -3.19
N THR A 14 7.39 -5.24 -4.43
CA THR A 14 6.67 -5.80 -5.57
C THR A 14 6.75 -7.33 -5.58
N ILE A 15 5.61 -7.97 -5.77
CA ILE A 15 5.55 -9.42 -5.80
C ILE A 15 6.79 -10.01 -6.47
N ASP A 16 7.21 -9.39 -7.58
CA ASP A 16 8.39 -9.85 -8.31
C ASP A 16 9.65 -9.71 -7.46
N GLY A 17 9.87 -8.51 -6.94
CA GLY A 17 11.03 -8.26 -6.12
C GLY A 17 12.07 -7.39 -6.82
N SER A 18 11.61 -6.27 -7.37
CA SER A 18 12.51 -5.36 -8.09
C SER A 18 12.45 -3.97 -7.48
N LYS A 19 11.24 -3.51 -7.16
CA LYS A 19 11.05 -2.20 -6.57
C LYS A 19 10.49 -2.31 -5.15
N THR A 20 11.09 -1.55 -4.23
CA THR A 20 10.65 -1.56 -2.84
C THR A 20 10.72 -0.17 -2.23
N CYS A 21 9.66 0.21 -1.51
CA CYS A 21 9.59 1.52 -0.88
C CYS A 21 9.05 1.40 0.54
N THR A 22 9.21 2.47 1.32
CA THR A 22 8.74 2.49 2.70
C THR A 22 7.74 3.62 2.92
N ILE A 23 6.46 3.28 2.97
CA ILE A 23 5.41 4.26 3.19
C ILE A 23 5.34 4.69 4.65
N GLU A 24 5.36 6.00 4.88
CA GLU A 24 5.31 6.54 6.23
C GLU A 24 4.04 7.36 6.43
N ASP A 25 3.86 7.89 7.64
CA ASP A 25 2.69 8.70 7.96
C ASP A 25 1.43 7.84 7.97
N VAL A 26 1.53 6.67 8.58
CA VAL A 26 0.39 5.75 8.67
C VAL A 26 -0.20 5.73 10.08
N SER A 27 -1.49 5.48 10.17
CA SER A 27 -2.17 5.43 11.46
C SER A 27 -2.88 4.10 11.65
N ARG A 28 -3.08 3.72 12.92
CA ARG A 28 -3.74 2.46 13.24
C ARG A 28 -5.19 2.47 12.75
N LYS A 29 -5.78 3.65 12.68
CA LYS A 29 -7.16 3.79 12.23
C LYS A 29 -7.21 4.45 10.86
N ALA A 30 -6.14 4.30 10.09
CA ALA A 30 -6.07 4.88 8.75
C ALA A 30 -6.70 3.96 7.72
N THR A 31 -7.52 4.53 6.84
CA THR A 31 -8.20 3.76 5.81
C THR A 31 -7.20 3.26 4.76
N ILE A 32 -7.55 2.15 4.10
CA ILE A 32 -6.69 1.58 3.08
C ILE A 32 -6.55 2.52 1.89
N GLU A 33 -7.64 3.21 1.56
CA GLU A 33 -7.64 4.15 0.43
C GLU A 33 -6.50 5.16 0.57
N GLU A 34 -6.24 5.59 1.80
CA GLU A 34 -5.18 6.55 2.07
C GLU A 34 -3.82 5.95 1.76
N LEU A 35 -3.68 4.65 2.00
CA LEU A 35 -2.42 3.96 1.76
C LEU A 35 -2.08 3.95 0.27
N ARG A 36 -2.99 3.41 -0.53
CA ARG A 36 -2.79 3.36 -1.98
C ARG A 36 -2.30 4.69 -2.52
N GLU A 37 -2.90 5.77 -2.06
CA GLU A 37 -2.52 7.11 -2.50
C GLU A 37 -1.01 7.27 -2.47
N ARG A 38 -0.39 6.84 -1.38
CA ARG A 38 1.07 6.94 -1.24
C ARG A 38 1.78 6.11 -2.29
N VAL A 39 1.49 4.82 -2.32
CA VAL A 39 2.10 3.92 -3.29
C VAL A 39 1.87 4.40 -4.72
N TRP A 40 0.75 5.08 -4.94
CA TRP A 40 0.41 5.60 -6.25
C TRP A 40 1.31 6.78 -6.62
N ALA A 41 1.80 7.47 -5.61
CA ALA A 41 2.68 8.63 -5.83
C ALA A 41 4.14 8.20 -5.91
N LEU A 42 4.45 7.06 -5.29
CA LEU A 42 5.82 6.55 -5.29
C LEU A 42 6.03 5.59 -6.45
N PHE A 43 5.16 4.60 -6.56
CA PHE A 43 5.25 3.61 -7.64
C PHE A 43 4.56 4.11 -8.90
N ASP A 44 4.02 5.32 -8.83
CA ASP A 44 3.32 5.92 -9.96
C ASP A 44 2.35 4.94 -10.59
N VAL A 45 1.52 4.31 -9.76
CA VAL A 45 0.54 3.34 -10.23
C VAL A 45 -0.82 3.58 -9.57
N ARG A 46 -1.83 3.83 -10.40
CA ARG A 46 -3.18 4.06 -9.90
C ARG A 46 -3.51 3.12 -8.75
N PRO A 47 -4.43 3.55 -7.87
CA PRO A 47 -4.85 2.76 -6.71
C PRO A 47 -5.66 1.52 -7.10
N GLU A 48 -6.15 1.52 -8.34
CA GLU A 48 -6.93 0.40 -8.84
C GLU A 48 -6.04 -0.61 -9.58
N CYS A 49 -4.89 -0.13 -10.04
CA CYS A 49 -3.95 -0.98 -10.76
C CYS A 49 -3.06 -1.77 -9.79
N GLN A 50 -2.61 -1.09 -8.75
CA GLN A 50 -1.75 -1.72 -7.75
C GLN A 50 -2.55 -2.65 -6.86
N ARG A 51 -2.01 -3.84 -6.62
CA ARG A 51 -2.68 -4.83 -5.78
C ARG A 51 -1.85 -5.15 -4.54
N LEU A 52 -2.48 -5.07 -3.38
CA LEU A 52 -1.80 -5.34 -2.12
C LEU A 52 -2.25 -6.67 -1.53
N PHE A 53 -1.29 -7.49 -1.12
CA PHE A 53 -1.58 -8.79 -0.53
C PHE A 53 -0.84 -8.97 0.78
N TYR A 54 -1.54 -9.52 1.78
CA TYR A 54 -0.95 -9.74 3.09
C TYR A 54 -1.44 -11.07 3.68
N ARG A 55 -0.50 -11.86 4.19
CA ARG A 55 -0.82 -13.16 4.78
C ARG A 55 -1.72 -13.95 3.85
N GLY A 56 -1.47 -13.87 2.55
CA GLY A 56 -2.27 -14.60 1.58
C GLY A 56 -3.71 -14.13 1.56
N LYS A 57 -3.94 -12.88 1.93
CA LYS A 57 -5.28 -12.31 1.95
C LYS A 57 -5.33 -11.01 1.17
N GLN A 58 -5.92 -11.07 -0.03
CA GLN A 58 -6.04 -9.88 -0.88
C GLN A 58 -6.60 -8.71 -0.10
N LEU A 59 -5.71 -7.85 0.40
CA LEU A 59 -6.12 -6.68 1.16
C LEU A 59 -7.23 -5.91 0.44
N GLU A 60 -8.28 -5.59 1.16
CA GLU A 60 -9.41 -4.86 0.60
C GLU A 60 -9.29 -3.37 0.88
N ASN A 61 -10.29 -2.61 0.46
CA ASN A 61 -10.30 -1.16 0.66
C ASN A 61 -11.55 -0.73 1.41
N GLY A 62 -11.55 0.53 1.87
CA GLY A 62 -12.69 1.04 2.59
C GLY A 62 -12.55 0.88 4.10
N TYR A 63 -11.86 -0.18 4.52
CA TYR A 63 -11.65 -0.45 5.92
C TYR A 63 -10.35 0.18 6.41
N THR A 64 -10.15 0.16 7.73
CA THR A 64 -8.94 0.72 8.32
C THR A 64 -8.03 -0.38 8.87
N LEU A 65 -6.72 -0.16 8.77
CA LEU A 65 -5.75 -1.13 9.26
C LEU A 65 -6.27 -1.85 10.50
N PHE A 66 -6.86 -1.09 11.42
CA PHE A 66 -7.40 -1.65 12.65
C PHE A 66 -8.29 -2.85 12.35
N ASP A 67 -9.20 -2.69 11.40
CA ASP A 67 -10.11 -3.76 11.02
C ASP A 67 -9.34 -5.04 10.70
N TYR A 68 -8.27 -4.89 9.92
CA TYR A 68 -7.46 -6.04 9.53
C TYR A 68 -6.42 -6.35 10.60
N ASP A 69 -6.20 -5.40 11.50
CA ASP A 69 -5.23 -5.57 12.58
C ASP A 69 -3.82 -5.77 12.02
N VAL A 70 -3.41 -4.85 11.16
CA VAL A 70 -2.08 -4.92 10.55
C VAL A 70 -0.99 -4.55 11.56
N GLY A 71 0.19 -5.10 11.35
CA GLY A 71 1.30 -4.83 12.26
C GLY A 71 2.18 -3.70 11.76
N LEU A 72 3.09 -3.23 12.61
CA LEU A 72 4.00 -2.15 12.24
C LEU A 72 5.17 -2.68 11.42
N ASN A 73 5.46 -1.99 10.33
CA ASN A 73 6.57 -2.39 9.46
C ASN A 73 6.31 -3.77 8.85
N ASP A 74 5.07 -4.01 8.44
CA ASP A 74 4.69 -5.28 7.86
C ASP A 74 4.84 -5.25 6.34
N ILE A 75 5.53 -6.23 5.79
CA ILE A 75 5.74 -6.31 4.35
C ILE A 75 4.48 -6.77 3.63
N ILE A 76 4.15 -6.09 2.53
CA ILE A 76 2.97 -6.44 1.75
C ILE A 76 3.29 -6.51 0.27
N GLN A 77 3.15 -7.70 -0.31
CA GLN A 77 3.43 -7.90 -1.73
C GLN A 77 2.57 -6.98 -2.59
N LEU A 78 3.20 -6.32 -3.55
CA LEU A 78 2.50 -5.41 -4.45
C LEU A 78 2.51 -5.94 -5.88
N LEU A 79 1.32 -6.08 -6.45
CA LEU A 79 1.18 -6.58 -7.82
C LEU A 79 0.41 -5.58 -8.69
N VAL A 80 1.13 -4.87 -9.56
CA VAL A 80 0.51 -3.89 -10.44
C VAL A 80 -0.28 -4.59 -11.56
N ARG A 81 -1.26 -3.88 -12.10
CA ARG A 81 -2.09 -4.42 -13.18
C ARG A 81 -1.66 -3.86 -14.53
N PRO A 82 -1.55 -4.75 -15.53
CA PRO A 82 -1.15 -4.35 -16.89
C PRO A 82 -2.23 -3.55 -17.60
N ASP A 83 -2.10 -2.22 -17.53
CA ASP A 83 -3.06 -1.34 -18.18
C ASP A 83 -2.82 -1.27 -19.68
N SER A 84 -3.90 -1.36 -20.45
CA SER A 84 -3.80 -1.32 -21.91
C SER A 84 -5.04 -0.69 -22.51
N GLY A 85 -4.86 0.43 -23.21
CA GLY A 85 -5.97 1.13 -23.83
C GLY A 85 -6.77 0.22 -24.76
N PRO A 86 -8.09 0.39 -24.76
CA PRO A 86 -9.00 -0.39 -25.61
C PRO A 86 -8.84 -0.06 -27.08
N SER A 87 -8.66 -1.08 -27.90
CA SER A 87 -8.51 -0.90 -29.35
C SER A 87 -9.80 -0.36 -29.96
N SER A 88 -9.70 0.81 -30.59
CA SER A 88 -10.86 1.44 -31.22
C SER A 88 -10.62 1.64 -32.71
N GLY A 89 -9.43 2.13 -33.05
CA GLY A 89 -9.09 2.36 -34.44
C GLY A 89 -9.10 1.09 -35.26
#